data_8GTR
#
_entry.id   8GTR
#
_cell.length_a   1.00
_cell.length_b   1.00
_cell.length_c   1.00
_cell.angle_alpha   90.00
_cell.angle_beta   90.00
_cell.angle_gamma   90.00
#
_symmetry.space_group_name_H-M   'P 1'
#
loop_
_entity.id
_entity.type
_entity.pdbx_description
1 polymer Pannexin-3
2 non-polymer 2-acetamido-2-deoxy-beta-D-glucopyranose
3 non-polymer PHOSPHATIDYLETHANOLAMINE
#
_entity_poly.entity_id   1
_entity_poly.type   'polypeptide(L)'
_entity_poly.pdbx_seq_one_letter_code
;MSLAHTAAEYMLSDALLPDRRGPRLKGLRLELPLDRIVKFVAVGSPLLLMSLAFAQEFSSGSPISCFSPSNFSIRQAAYV
DSSCWDSLLHHKQDGPGQDKMKSLWPHKALPYSLLALALLMYLPVLLWQYAAVPALSSDLLFIISELDKSYNRSIRLVQH
MLKIRQKSSDPYVFWNELEKARKERYFEFPLLERYLACKQRSHSLVATYLLRNSLLLIFTSATYLYLGHFHLDVFFQEEF
SCSIKTGLLSDETHVPNLITCRLTSLSIFQIVSLSSVAIYTILVPVIIYNLTRLCRWDKRLLSVYEMLPAFDLLSRKMLG
CPINDLNVILLFLRANISELISFSWLSVLCVLKDTTTQKHNIDTVVDFMTLLAGLEPSKPKHLTNSACDEHP
;
_entity_poly.pdbx_strand_id   A,B,C,D,E,F,G
#
loop_
_chem_comp.id
_chem_comp.type
_chem_comp.name
_chem_comp.formula
NAG D-saccharide, beta linking 2-acetamido-2-deoxy-beta-D-glucopyranose 'C8 H15 N O6'
PTY non-polymer PHOSPHATIDYLETHANOLAMINE 'C40 H80 N O8 P'
#
# COMPACT_ATOMS: atom_id res chain seq x y z
N ARG A 24 11.21 -8.32 -28.46
CA ARG A 24 11.46 -7.37 -29.54
C ARG A 24 10.16 -6.91 -30.19
N LEU A 25 9.28 -7.86 -30.48
CA LEU A 25 7.99 -7.53 -31.09
C LEU A 25 7.12 -6.73 -30.13
N LYS A 26 7.13 -7.09 -28.85
CA LYS A 26 6.30 -6.40 -27.86
C LYS A 26 6.88 -5.05 -27.43
N GLY A 27 8.10 -4.72 -27.84
CA GLY A 27 8.71 -3.47 -27.45
C GLY A 27 8.53 -2.36 -28.45
N LEU A 28 7.54 -2.50 -29.34
CA LEU A 28 7.30 -1.51 -30.36
C LEU A 28 6.85 -0.19 -29.73
N ARG A 29 7.36 0.91 -30.27
CA ARG A 29 7.02 2.26 -29.82
C ARG A 29 6.12 2.92 -30.85
N LEU A 30 5.01 3.51 -30.39
CA LEU A 30 4.03 4.12 -31.26
C LEU A 30 4.22 5.62 -31.41
N GLU A 31 5.29 6.18 -30.85
CA GLU A 31 5.55 7.61 -30.98
C GLU A 31 7.02 7.87 -30.75
N LEU A 32 7.51 8.97 -31.32
CA LEU A 32 8.88 9.38 -31.11
C LEU A 32 9.09 9.79 -29.66
N PRO A 33 10.30 9.58 -29.11
CA PRO A 33 10.55 9.99 -27.72
C PRO A 33 10.34 11.49 -27.49
N LEU A 34 10.69 12.32 -28.47
CA LEU A 34 10.47 13.76 -28.31
C LEU A 34 9.00 14.09 -28.22
N ASP A 35 8.18 13.50 -29.09
CA ASP A 35 6.74 13.73 -29.03
C ASP A 35 6.16 13.21 -27.72
N ARG A 36 6.63 12.04 -27.26
CA ARG A 36 6.13 11.50 -26.00
C ARG A 36 6.48 12.41 -24.83
N ILE A 37 7.71 12.92 -24.78
CA ILE A 37 8.09 13.78 -23.66
C ILE A 37 7.36 15.11 -23.74
N VAL A 38 7.11 15.60 -24.95
CA VAL A 38 6.34 16.84 -25.09
C VAL A 38 4.93 16.67 -24.57
N LYS A 39 4.28 15.55 -24.93
CA LYS A 39 2.94 15.27 -24.41
C LYS A 39 2.96 15.11 -22.89
N PHE A 40 3.99 14.42 -22.37
CA PHE A 40 4.08 14.21 -20.94
C PHE A 40 4.22 15.54 -20.21
N VAL A 41 5.05 16.44 -20.71
CA VAL A 41 5.21 17.76 -20.09
C VAL A 41 3.91 18.55 -20.17
N ALA A 42 3.29 18.58 -21.36
CA ALA A 42 2.07 19.36 -21.54
C ALA A 42 0.91 18.84 -20.72
N VAL A 43 0.94 17.56 -20.33
CA VAL A 43 -0.11 17.03 -19.45
C VAL A 43 0.25 17.23 -18.00
N GLY A 44 1.52 17.01 -17.62
CA GLY A 44 1.89 17.06 -16.22
C GLY A 44 1.97 18.46 -15.65
N SER A 45 2.36 19.44 -16.46
CA SER A 45 2.47 20.81 -15.94
C SER A 45 1.15 21.35 -15.42
N PRO A 46 0.03 21.27 -16.14
CA PRO A 46 -1.24 21.70 -15.54
C PRO A 46 -1.62 20.93 -14.29
N LEU A 47 -1.31 19.63 -14.25
CA LEU A 47 -1.63 18.85 -13.04
C LEU A 47 -0.72 19.24 -11.89
N LEU A 48 0.54 19.56 -12.17
CA LEU A 48 1.43 20.07 -11.12
C LEU A 48 0.92 21.38 -10.57
N LEU A 49 0.46 22.28 -11.45
CA LEU A 49 -0.10 23.54 -10.97
C LEU A 49 -1.39 23.31 -10.19
N MET A 50 -2.18 22.31 -10.60
CA MET A 50 -3.38 21.96 -9.84
C MET A 50 -3.04 21.51 -8.43
N SER A 51 -2.02 20.65 -8.31
CA SER A 51 -1.59 20.20 -7.00
C SER A 51 -1.09 21.38 -6.16
N LEU A 52 -0.32 22.27 -6.76
CA LEU A 52 0.16 23.45 -6.04
C LEU A 52 -0.99 24.32 -5.56
N ALA A 53 -1.99 24.52 -6.42
CA ALA A 53 -3.13 25.36 -6.06
C ALA A 53 -3.94 24.75 -4.93
N PHE A 54 -4.31 23.48 -5.07
CA PHE A 54 -5.09 22.83 -4.02
C PHE A 54 -4.29 22.57 -2.75
N ALA A 55 -2.96 22.68 -2.82
CA ALA A 55 -2.15 22.54 -1.61
C ALA A 55 -1.94 23.87 -0.89
N GLN A 56 -1.73 24.96 -1.63
CA GLN A 56 -1.47 26.26 -1.03
C GLN A 56 -2.72 27.12 -0.92
N GLU A 57 -3.89 26.61 -1.31
CA GLU A 57 -5.14 27.36 -1.20
C GLU A 57 -5.93 27.01 0.05
N PHE A 58 -6.14 25.73 0.31
CA PHE A 58 -6.96 25.27 1.43
C PHE A 58 -6.15 24.79 2.62
N SER A 59 -4.83 24.99 2.61
CA SER A 59 -4.01 24.77 3.79
C SER A 59 -3.83 26.04 4.61
N SER A 60 -4.39 27.16 4.18
CA SER A 60 -4.35 28.41 4.92
C SER A 60 -5.73 29.05 5.02
N GLY A 61 -6.78 28.27 4.87
CA GLY A 61 -8.14 28.78 4.91
C GLY A 61 -8.67 29.06 3.51
N SER A 62 -9.16 30.28 3.29
CA SER A 62 -9.64 30.72 2.00
C SER A 62 -8.74 31.81 1.44
N PRO A 63 -8.60 31.90 0.11
CA PRO A 63 -7.71 32.89 -0.50
C PRO A 63 -8.25 34.32 -0.49
N ILE A 64 -8.72 34.75 0.68
CA ILE A 64 -9.25 36.10 0.85
C ILE A 64 -9.30 36.40 2.35
N SER A 65 -8.93 37.62 2.70
CA SER A 65 -9.04 38.11 4.07
C SER A 65 -9.68 39.48 4.03
N CYS A 66 -10.77 39.65 4.78
CA CYS A 66 -11.58 40.86 4.73
C CYS A 66 -11.44 41.64 6.03
N PHE A 67 -11.15 42.93 5.90
CA PHE A 67 -10.94 43.81 7.07
C PHE A 67 -12.29 44.28 7.59
N SER A 68 -12.99 43.36 8.25
CA SER A 68 -14.24 43.70 8.89
C SER A 68 -14.00 44.64 10.06
N PRO A 69 -14.94 45.53 10.35
CA PRO A 69 -14.75 46.50 11.44
C PRO A 69 -14.64 45.80 12.79
N SER A 70 -14.24 46.59 13.80
CA SER A 70 -13.99 46.02 15.12
C SER A 70 -15.27 45.60 15.82
N ASN A 71 -16.38 46.30 15.56
CA ASN A 71 -17.63 45.99 16.25
C ASN A 71 -18.24 44.67 15.81
N PHE A 72 -17.81 44.11 14.69
CA PHE A 72 -18.32 42.81 14.25
C PHE A 72 -17.81 41.70 15.15
N SER A 73 -18.68 40.73 15.43
CA SER A 73 -18.25 39.52 16.12
C SER A 73 -17.49 38.63 15.15
N ILE A 74 -16.98 37.51 15.66
CA ILE A 74 -16.21 36.60 14.81
C ILE A 74 -17.10 35.96 13.76
N ARG A 75 -18.32 35.58 14.14
CA ARG A 75 -19.24 34.95 13.18
C ARG A 75 -19.62 35.92 12.07
N GLN A 76 -19.91 37.18 12.41
CA GLN A 76 -20.25 38.15 11.38
C GLN A 76 -19.06 38.43 10.46
N ALA A 77 -17.85 38.46 11.02
CA ALA A 77 -16.66 38.63 10.19
C ALA A 77 -16.49 37.46 9.23
N ALA A 78 -16.73 36.23 9.71
CA ALA A 78 -16.65 35.07 8.84
C ALA A 78 -17.72 35.13 7.74
N TYR A 79 -18.91 35.60 8.08
CA TYR A 79 -19.96 35.74 7.08
C TYR A 79 -19.57 36.76 6.02
N VAL A 80 -19.01 37.90 6.43
CA VAL A 80 -18.55 38.89 5.47
C VAL A 80 -17.47 38.31 4.58
N ASP A 81 -16.52 37.57 5.18
CA ASP A 81 -15.47 36.92 4.41
C ASP A 81 -16.05 36.00 3.34
N SER A 82 -16.96 35.11 3.75
CA SER A 82 -17.53 34.16 2.79
C SER A 82 -18.33 34.86 1.72
N SER A 83 -19.11 35.88 2.09
CA SER A 83 -19.93 36.58 1.11
C SER A 83 -19.06 37.30 0.09
N CYS A 84 -18.00 37.97 0.54
CA CYS A 84 -17.14 38.65 -0.41
C CYS A 84 -16.35 37.67 -1.27
N TRP A 85 -15.99 36.51 -0.71
CA TRP A 85 -15.32 35.50 -1.51
C TRP A 85 -16.24 34.96 -2.60
N ASP A 86 -17.51 34.74 -2.27
CA ASP A 86 -18.44 34.23 -3.26
C ASP A 86 -18.76 35.27 -4.33
N SER A 87 -19.02 36.51 -3.91
CA SER A 87 -19.40 37.55 -4.87
C SER A 87 -18.24 37.90 -5.79
N LEU A 88 -17.06 38.18 -5.21
CA LEU A 88 -15.88 38.57 -5.98
C LEU A 88 -16.16 39.74 -6.90
N LEU A 89 -16.89 40.73 -6.39
CA LEU A 89 -17.27 41.91 -7.15
C LEU A 89 -16.44 43.10 -6.69
N HIS A 90 -16.30 44.08 -7.59
CA HIS A 90 -15.60 45.33 -7.31
C HIS A 90 -16.56 46.48 -7.50
N HIS A 91 -16.57 47.41 -6.54
CA HIS A 91 -17.51 48.52 -6.56
C HIS A 91 -16.79 49.85 -6.71
N LYS A 92 -15.84 49.91 -7.64
CA LYS A 92 -15.07 51.13 -7.85
C LYS A 92 -15.98 52.30 -8.17
N GLN A 93 -15.74 53.43 -7.51
CA GLN A 93 -16.54 54.63 -7.72
C GLN A 93 -15.73 55.88 -7.41
N ASP A 99 -22.25 53.23 -11.79
CA ASP A 99 -21.37 52.55 -10.83
C ASP A 99 -20.64 51.39 -11.49
N LYS A 100 -19.32 51.42 -11.46
CA LYS A 100 -18.53 50.34 -12.03
C LYS A 100 -18.78 49.04 -11.27
N MET A 101 -18.82 47.93 -12.01
CA MET A 101 -19.08 46.62 -11.44
C MET A 101 -18.14 45.58 -12.00
N LYS A 102 -16.85 45.92 -12.08
CA LYS A 102 -15.86 44.97 -12.59
C LYS A 102 -15.80 43.75 -11.68
N SER A 103 -15.64 42.57 -12.29
CA SER A 103 -15.59 41.31 -11.58
C SER A 103 -14.17 40.77 -11.56
N LEU A 104 -13.90 39.90 -10.59
CA LEU A 104 -12.61 39.23 -10.42
C LEU A 104 -12.82 37.72 -10.39
N TRP A 105 -13.58 37.22 -11.35
CA TRP A 105 -13.89 35.79 -11.39
C TRP A 105 -12.67 34.86 -11.50
N PRO A 106 -11.65 35.14 -12.32
CA PRO A 106 -10.64 34.10 -12.58
C PRO A 106 -9.96 33.57 -11.33
N HIS A 107 -9.77 34.41 -10.30
CA HIS A 107 -9.08 33.95 -9.11
C HIS A 107 -9.81 32.78 -8.45
N LYS A 108 -11.12 32.69 -8.64
CA LYS A 108 -11.87 31.55 -8.12
C LYS A 108 -12.00 30.42 -9.13
N ALA A 109 -11.84 30.71 -10.41
CA ALA A 109 -11.92 29.71 -11.46
C ALA A 109 -10.56 29.28 -11.98
N LEU A 110 -9.48 29.74 -11.33
CA LEU A 110 -8.14 29.41 -11.82
C LEU A 110 -7.87 27.91 -11.85
N PRO A 111 -8.14 27.13 -10.79
CA PRO A 111 -7.90 25.68 -10.90
C PRO A 111 -8.79 25.01 -11.94
N TYR A 112 -10.12 25.15 -11.78
CA TYR A 112 -11.05 24.40 -12.62
C TYR A 112 -10.81 24.67 -14.10
N SER A 113 -10.63 25.94 -14.46
CA SER A 113 -10.36 26.28 -15.85
C SER A 113 -9.14 25.52 -16.35
N LEU A 114 -8.04 25.57 -15.60
CA LEU A 114 -6.84 24.85 -16.01
C LEU A 114 -7.11 23.36 -16.16
N LEU A 115 -8.03 22.82 -15.36
CA LEU A 115 -8.38 21.41 -15.50
C LEU A 115 -8.88 21.11 -16.90
N ALA A 116 -9.75 21.96 -17.42
CA ALA A 116 -10.20 21.81 -18.80
C ALA A 116 -9.00 21.77 -19.74
N LEU A 117 -8.04 22.69 -19.53
CA LEU A 117 -6.83 22.68 -20.34
C LEU A 117 -6.15 21.33 -20.29
N ALA A 118 -6.05 20.74 -19.09
CA ALA A 118 -5.46 19.42 -18.97
C ALA A 118 -6.19 18.41 -19.84
N LEU A 119 -7.53 18.41 -19.75
CA LEU A 119 -8.31 17.52 -20.61
C LEU A 119 -8.04 17.81 -22.07
N LEU A 120 -7.91 19.10 -22.41
CA LEU A 120 -7.58 19.46 -23.79
C LEU A 120 -6.24 18.85 -24.20
N MET A 121 -5.25 18.90 -23.31
CA MET A 121 -3.95 18.31 -23.62
C MET A 121 -4.06 16.80 -23.80
N TYR A 122 -5.09 16.18 -23.27
CA TYR A 122 -5.31 14.75 -23.42
C TYR A 122 -6.29 14.43 -24.54
N LEU A 123 -6.79 15.43 -25.26
CA LEU A 123 -7.76 15.17 -26.31
C LEU A 123 -7.10 14.63 -27.59
N PRO A 124 -6.11 15.30 -28.18
CA PRO A 124 -5.53 14.77 -29.42
C PRO A 124 -4.87 13.42 -29.25
N VAL A 125 -4.22 13.17 -28.11
CA VAL A 125 -3.49 11.92 -27.92
C VAL A 125 -4.44 10.74 -28.01
N LEU A 126 -5.59 10.83 -27.34
CA LEU A 126 -6.61 9.80 -27.47
C LEU A 126 -7.01 9.63 -28.93
N LEU A 127 -7.16 10.73 -29.65
CA LEU A 127 -7.39 10.65 -31.09
C LEU A 127 -6.29 9.84 -31.76
N TRP A 128 -5.03 10.16 -31.44
CA TRP A 128 -3.92 9.39 -32.00
C TRP A 128 -4.00 7.93 -31.58
N GLN A 129 -4.56 7.65 -30.40
CA GLN A 129 -4.69 6.27 -29.96
C GLN A 129 -5.87 5.56 -30.59
N TYR A 130 -6.80 6.30 -31.18
CA TYR A 130 -8.02 5.70 -31.75
C TYR A 130 -8.17 5.98 -33.24
N ALA A 131 -7.13 6.49 -33.91
CA ALA A 131 -7.20 6.76 -35.34
C ALA A 131 -6.00 6.26 -36.13
N ALA A 132 -4.87 5.98 -35.50
CA ALA A 132 -3.70 5.51 -36.25
C ALA A 132 -2.95 4.36 -35.61
N VAL A 133 -3.20 4.04 -34.34
CA VAL A 133 -2.42 2.98 -33.68
C VAL A 133 -2.61 1.61 -34.33
N PRO A 134 -3.84 1.14 -34.60
CA PRO A 134 -3.95 -0.22 -35.16
C PRO A 134 -3.34 -0.38 -36.54
N ALA A 135 -3.64 0.54 -37.46
CA ALA A 135 -3.10 0.43 -38.82
C ALA A 135 -1.58 0.54 -38.80
N LEU A 136 -1.05 1.49 -38.04
CA LEU A 136 0.40 1.65 -37.96
C LEU A 136 1.06 0.41 -37.35
N SER A 137 0.46 -0.16 -36.30
CA SER A 137 1.03 -1.35 -35.68
C SER A 137 1.03 -2.53 -36.66
N SER A 138 -0.08 -2.74 -37.37
CA SER A 138 -0.14 -3.83 -38.33
C SER A 138 0.88 -3.65 -39.44
N ASP A 139 0.98 -2.42 -39.98
CA ASP A 139 1.94 -2.17 -41.04
C ASP A 139 3.37 -2.35 -40.55
N LEU A 140 3.67 -1.89 -39.33
CA LEU A 140 5.01 -2.05 -38.79
C LEU A 140 5.36 -3.52 -38.59
N LEU A 141 4.41 -4.32 -38.08
CA LEU A 141 4.67 -5.75 -37.89
C LEU A 141 4.90 -6.44 -39.24
N PHE A 142 4.07 -6.13 -40.23
CA PHE A 142 4.26 -6.73 -41.54
C PHE A 142 5.60 -6.32 -42.15
N ILE A 143 5.97 -5.05 -42.01
CA ILE A 143 7.21 -4.55 -42.58
C ILE A 143 8.41 -5.20 -41.88
N ILE A 144 8.34 -5.35 -40.56
CA ILE A 144 9.47 -5.96 -39.85
C ILE A 144 9.60 -7.44 -40.21
N SER A 145 8.47 -8.13 -40.39
CA SER A 145 8.54 -9.52 -40.83
C SER A 145 9.16 -9.63 -42.22
N GLU A 146 8.75 -8.75 -43.14
CA GLU A 146 9.32 -8.79 -44.48
C GLU A 146 10.80 -8.41 -44.47
N LEU A 147 11.19 -7.49 -43.60
CA LEU A 147 12.61 -7.14 -43.48
C LEU A 147 13.43 -8.31 -42.97
N ASP A 148 12.91 -9.04 -41.97
CA ASP A 148 13.61 -10.23 -41.50
C ASP A 148 13.72 -11.28 -42.60
N LYS A 149 12.63 -11.49 -43.36
CA LYS A 149 12.67 -12.46 -44.45
C LYS A 149 13.68 -12.05 -45.52
N SER A 150 13.71 -10.76 -45.86
CA SER A 150 14.66 -10.28 -46.87
C SER A 150 16.10 -10.41 -46.38
N TYR A 151 16.35 -10.14 -45.09
CA TYR A 151 17.68 -10.31 -44.55
C TYR A 151 18.12 -11.77 -44.61
N ASN A 152 17.22 -12.70 -44.25
CA ASN A 152 17.55 -14.11 -44.34
C ASN A 152 17.81 -14.54 -45.79
N ARG A 153 16.99 -14.04 -46.73
CA ARG A 153 17.19 -14.36 -48.12
C ARG A 153 18.53 -13.85 -48.63
N SER A 154 18.90 -12.62 -48.25
CA SER A 154 20.19 -12.08 -48.64
C SER A 154 21.34 -12.89 -48.05
N ILE A 155 21.19 -13.32 -46.79
CA ILE A 155 22.23 -14.14 -46.16
C ILE A 155 22.40 -15.45 -46.91
N ARG A 156 21.28 -16.07 -47.31
CA ARG A 156 21.37 -17.30 -48.09
C ARG A 156 21.98 -17.06 -49.47
N LEU A 157 21.65 -15.93 -50.10
CA LEU A 157 22.07 -15.68 -51.48
C LEU A 157 23.53 -15.30 -51.58
N VAL A 158 24.07 -14.58 -50.59
CA VAL A 158 25.47 -14.15 -50.69
C VAL A 158 26.40 -15.35 -50.66
N GLN A 159 26.06 -16.39 -49.92
CA GLN A 159 26.88 -17.60 -49.85
C GLN A 159 26.89 -18.33 -51.19
N TYR A 186 13.89 -13.41 -57.58
CA TYR A 186 14.68 -13.76 -56.40
C TYR A 186 15.22 -12.51 -55.72
N PHE A 187 15.77 -11.59 -56.51
CA PHE A 187 16.33 -10.37 -55.95
C PHE A 187 15.24 -9.39 -55.54
N GLU A 188 14.21 -9.24 -56.37
CA GLU A 188 13.17 -8.26 -56.13
C GLU A 188 12.00 -8.89 -55.38
N PHE A 189 11.29 -8.05 -54.63
CA PHE A 189 10.10 -8.48 -53.90
C PHE A 189 8.87 -7.81 -54.48
N PRO A 190 7.96 -8.55 -55.11
CA PRO A 190 6.77 -7.91 -55.67
C PRO A 190 5.76 -7.48 -54.62
N LEU A 191 5.62 -8.24 -53.53
CA LEU A 191 4.68 -7.87 -52.49
C LEU A 191 5.06 -6.54 -51.85
N LEU A 192 6.34 -6.40 -51.47
CA LEU A 192 6.80 -5.15 -50.87
C LEU A 192 6.69 -3.99 -51.84
N GLU A 193 7.01 -4.23 -53.12
CA GLU A 193 6.91 -3.17 -54.11
C GLU A 193 5.47 -2.69 -54.27
N ARG A 194 4.53 -3.62 -54.35
CA ARG A 194 3.13 -3.26 -54.47
C ARG A 194 2.63 -2.54 -53.22
N TYR A 195 3.03 -3.01 -52.04
CA TYR A 195 2.60 -2.35 -50.81
C TYR A 195 3.14 -0.93 -50.71
N LEU A 196 4.41 -0.74 -51.09
CA LEU A 196 4.98 0.61 -51.06
C LEU A 196 4.32 1.51 -52.10
N ALA A 197 4.00 0.96 -53.28
CA ALA A 197 3.29 1.76 -54.27
C ALA A 197 1.92 2.18 -53.78
N CYS A 198 1.20 1.27 -53.10
CA CYS A 198 -0.09 1.62 -52.52
C CYS A 198 0.05 2.66 -51.42
N LYS A 199 1.06 2.51 -50.56
CA LYS A 199 1.23 3.43 -49.44
C LYS A 199 1.66 4.81 -49.92
N GLN A 200 2.36 4.90 -51.05
CA GLN A 200 2.74 6.20 -51.59
C GLN A 200 1.53 7.00 -52.07
N ARG A 201 0.37 6.36 -52.19
CA ARG A 201 -0.84 7.05 -52.63
C ARG A 201 -1.80 7.37 -51.50
N SER A 202 -1.80 6.59 -50.42
CA SER A 202 -2.69 6.85 -49.30
C SER A 202 -2.21 8.06 -48.49
N HIS A 203 -3.16 8.70 -47.81
CA HIS A 203 -2.88 9.88 -47.02
C HIS A 203 -3.61 9.82 -45.68
N SER A 204 -3.54 8.67 -45.01
CA SER A 204 -4.26 8.51 -43.76
C SER A 204 -3.40 8.87 -42.55
N LEU A 205 -2.27 8.18 -42.38
CA LEU A 205 -1.42 8.41 -41.22
C LEU A 205 -0.86 9.83 -41.21
N VAL A 206 -0.48 10.33 -42.39
CA VAL A 206 -0.02 11.71 -42.46
C VAL A 206 -1.13 12.68 -42.05
N ALA A 207 -2.36 12.40 -42.46
CA ALA A 207 -3.49 13.24 -42.05
C ALA A 207 -3.67 13.23 -40.55
N THR A 208 -3.61 12.04 -39.93
CA THR A 208 -3.76 11.95 -38.48
C THR A 208 -2.65 12.69 -37.76
N TYR A 209 -1.41 12.54 -38.22
CA TYR A 209 -0.29 13.22 -37.59
C TYR A 209 -0.43 14.73 -37.68
N LEU A 210 -0.70 15.24 -38.87
CA LEU A 210 -0.85 16.68 -39.04
C LEU A 210 -2.03 17.21 -38.24
N LEU A 211 -3.14 16.46 -38.20
CA LEU A 211 -4.30 16.90 -37.43
C LEU A 211 -4.00 16.95 -35.94
N ARG A 212 -3.28 15.95 -35.42
CA ARG A 212 -2.92 15.97 -34.00
C ARG A 212 -2.03 17.16 -33.67
N ASN A 213 -1.01 17.39 -34.50
CA ASN A 213 -0.12 18.52 -34.22
C ASN A 213 -0.86 19.84 -34.34
N SER A 214 -1.73 19.98 -35.34
CA SER A 214 -2.51 21.21 -35.50
C SER A 214 -3.45 21.42 -34.32
N LEU A 215 -4.07 20.36 -33.82
CA LEU A 215 -4.94 20.48 -32.66
C LEU A 215 -4.17 20.94 -31.44
N LEU A 216 -2.97 20.37 -31.22
CA LEU A 216 -2.17 20.79 -30.08
C LEU A 216 -1.76 22.25 -30.22
N LEU A 217 -1.35 22.66 -31.42
CA LEU A 217 -0.97 24.06 -31.63
C LEU A 217 -2.15 24.99 -31.42
N ILE A 218 -3.34 24.60 -31.89
CA ILE A 218 -4.53 25.42 -31.72
C ILE A 218 -4.88 25.56 -30.25
N PHE A 219 -4.77 24.46 -29.49
CA PHE A 219 -5.03 24.54 -28.06
C PHE A 219 -4.04 25.45 -27.35
N THR A 220 -2.76 25.38 -27.74
CA THR A 220 -1.77 26.28 -27.15
C THR A 220 -2.08 27.74 -27.48
N SER A 221 -2.48 28.01 -28.72
CA SER A 221 -2.86 29.36 -29.10
C SER A 221 -4.08 29.84 -28.33
N ALA A 222 -5.04 28.95 -28.10
CA ALA A 222 -6.22 29.30 -27.31
C ALA A 222 -5.83 29.64 -25.87
N THR A 223 -4.89 28.86 -25.29
CA THR A 223 -4.40 29.17 -23.96
C THR A 223 -3.70 30.53 -23.94
N TYR A 224 -2.93 30.82 -24.98
CA TYR A 224 -2.29 32.12 -25.09
C TYR A 224 -3.32 33.24 -25.11
N LEU A 225 -4.38 33.07 -25.90
CA LEU A 225 -5.43 34.09 -25.98
C LEU A 225 -6.13 34.26 -24.64
N TYR A 226 -6.41 33.14 -23.96
CA TYR A 226 -7.07 33.20 -22.66
C TYR A 226 -6.22 33.97 -21.66
N LEU A 227 -4.93 33.65 -21.56
CA LEU A 227 -4.06 34.33 -20.62
C LEU A 227 -3.90 35.80 -20.98
N GLY A 228 -3.75 36.12 -22.27
CA GLY A 228 -3.59 37.50 -22.67
C GLY A 228 -4.85 38.32 -22.74
N HIS A 229 -6.02 37.70 -22.52
CA HIS A 229 -7.26 38.45 -22.52
C HIS A 229 -7.95 38.50 -21.16
N PHE A 230 -7.63 37.58 -20.24
CA PHE A 230 -8.32 37.54 -18.97
C PHE A 230 -7.43 37.79 -17.77
N HIS A 231 -6.12 37.57 -17.87
CA HIS A 231 -5.25 37.59 -16.72
C HIS A 231 -4.28 38.78 -16.71
N LEU A 232 -4.54 39.83 -17.48
CA LEU A 232 -3.75 41.04 -17.36
C LEU A 232 -4.54 42.24 -16.87
N ASP A 233 -5.87 42.20 -16.95
CA ASP A 233 -6.68 43.25 -16.32
C ASP A 233 -6.85 43.01 -14.83
N VAL A 234 -6.42 41.85 -14.33
CA VAL A 234 -6.51 41.51 -12.92
C VAL A 234 -5.13 41.34 -12.30
N PHE A 235 -4.07 41.38 -13.11
CA PHE A 235 -2.74 40.95 -12.67
C PHE A 235 -2.14 41.89 -11.63
N PHE A 236 -2.75 43.06 -11.41
CA PHE A 236 -2.30 44.01 -10.40
C PHE A 236 -3.45 44.46 -9.51
N GLN A 237 -4.24 43.49 -9.03
CA GLN A 237 -5.33 43.77 -8.09
C GLN A 237 -4.93 43.20 -6.73
N GLU A 238 -4.43 44.08 -5.85
CA GLU A 238 -4.08 43.66 -4.50
C GLU A 238 -5.31 43.64 -3.60
N GLU A 239 -6.04 44.74 -3.53
CA GLU A 239 -7.19 44.88 -2.66
C GLU A 239 -8.37 45.44 -3.44
N PHE A 240 -9.58 45.05 -3.04
CA PHE A 240 -10.79 45.48 -3.72
C PHE A 240 -11.90 45.67 -2.71
N SER A 241 -12.79 46.61 -3.00
CA SER A 241 -13.96 46.82 -2.18
C SER A 241 -15.01 45.74 -2.46
N CYS A 242 -15.90 45.55 -1.49
CA CYS A 242 -16.95 44.54 -1.59
C CYS A 242 -18.11 44.98 -0.71
N SER A 243 -19.31 44.91 -1.25
CA SER A 243 -20.51 45.38 -0.57
C SER A 243 -21.48 44.21 -0.41
N ILE A 244 -21.99 44.04 0.80
CA ILE A 244 -22.97 43.01 1.11
C ILE A 244 -24.32 43.68 1.36
N LYS A 245 -24.47 44.92 0.90
CA LYS A 245 -25.70 45.69 1.08
C LYS A 245 -26.66 45.53 -0.10
N THR A 246 -26.66 44.35 -0.68
CA THR A 246 -27.51 44.00 -1.82
C THR A 246 -28.42 42.86 -1.40
N GLY A 247 -29.71 43.08 -1.47
CA GLY A 247 -30.70 42.05 -1.14
C GLY A 247 -31.39 42.36 0.17
N LEU A 248 -31.50 41.33 1.03
CA LEU A 248 -32.28 41.47 2.26
C LEU A 248 -31.61 42.41 3.25
N LEU A 249 -30.29 42.44 3.29
CA LEU A 249 -29.56 43.30 4.21
C LEU A 249 -29.51 44.76 3.74
N SER A 250 -30.33 45.14 2.76
CA SER A 250 -30.27 46.49 2.22
C SER A 250 -30.63 47.53 3.27
N ASP A 251 -31.64 47.24 4.09
CA ASP A 251 -32.11 48.18 5.10
C ASP A 251 -31.36 48.07 6.43
N GLU A 252 -30.42 47.12 6.55
CA GLU A 252 -29.66 46.98 7.77
C GLU A 252 -28.68 48.14 7.93
N THR A 253 -28.53 48.62 9.16
CA THR A 253 -27.61 49.70 9.48
C THR A 253 -26.45 49.25 10.37
N HIS A 254 -26.32 47.95 10.60
CA HIS A 254 -25.26 47.41 11.44
C HIS A 254 -23.97 47.13 10.68
N VAL A 255 -23.99 47.21 9.35
CA VAL A 255 -22.81 46.91 8.54
C VAL A 255 -22.45 48.10 7.68
N PRO A 256 -21.18 48.30 7.35
CA PRO A 256 -20.82 49.41 6.48
C PRO A 256 -21.23 49.15 5.04
N ASN A 257 -21.21 50.22 4.25
CA ASN A 257 -21.59 50.10 2.84
C ASN A 257 -20.50 49.43 2.02
N LEU A 258 -19.23 49.71 2.30
CA LEU A 258 -18.11 49.15 1.56
C LEU A 258 -17.10 48.56 2.52
N ILE A 259 -16.70 47.32 2.27
CA ILE A 259 -15.70 46.62 3.07
C ILE A 259 -14.54 46.23 2.17
N THR A 260 -13.33 46.63 2.55
CA THR A 260 -12.16 46.31 1.76
C THR A 260 -11.67 44.91 2.06
N CYS A 261 -11.17 44.22 1.04
CA CYS A 261 -10.62 42.88 1.20
C CYS A 261 -9.43 42.71 0.28
N ARG A 262 -8.36 42.11 0.79
CA ARG A 262 -7.17 41.84 0.02
C ARG A 262 -7.03 40.35 -0.24
N LEU A 263 -6.71 40.00 -1.47
CA LEU A 263 -6.62 38.61 -1.88
C LEU A 263 -5.28 38.02 -1.47
N THR A 264 -5.31 36.88 -0.78
CA THR A 264 -4.09 36.26 -0.29
C THR A 264 -3.31 35.59 -1.40
N SER A 265 -3.99 34.92 -2.31
CA SER A 265 -3.35 34.08 -3.31
C SER A 265 -2.95 34.85 -4.58
N LEU A 266 -2.76 36.16 -4.50
CA LEU A 266 -2.40 36.93 -5.68
C LEU A 266 -1.05 36.49 -6.23
N SER A 267 -0.05 36.36 -5.35
CA SER A 267 1.28 35.98 -5.79
C SER A 267 1.28 34.57 -6.39
N ILE A 268 0.53 33.66 -5.77
CA ILE A 268 0.45 32.29 -6.27
C ILE A 268 -0.15 32.28 -7.67
N PHE A 269 -1.22 33.05 -7.86
CA PHE A 269 -1.86 33.13 -9.17
C PHE A 269 -0.90 33.72 -10.21
N GLN A 270 -0.15 34.75 -9.83
CA GLN A 270 0.82 35.35 -10.75
C GLN A 270 1.88 34.33 -11.16
N ILE A 271 2.40 33.60 -10.17
CA ILE A 271 3.43 32.60 -10.46
C ILE A 271 2.88 31.50 -11.36
N VAL A 272 1.64 31.07 -11.11
CA VAL A 272 1.04 30.03 -11.93
C VAL A 272 0.89 30.50 -13.37
N SER A 273 0.40 31.72 -13.56
CA SER A 273 0.23 32.25 -14.92
C SER A 273 1.56 32.35 -15.65
N LEU A 274 2.58 32.87 -14.96
CA LEU A 274 3.90 33.02 -15.58
C LEU A 274 4.50 31.66 -15.92
N SER A 275 4.36 30.69 -15.03
CA SER A 275 4.87 29.35 -15.30
C SER A 275 4.17 28.74 -16.51
N SER A 276 2.85 28.90 -16.60
CA SER A 276 2.12 28.36 -17.73
C SER A 276 2.59 28.95 -19.04
N VAL A 277 2.69 30.29 -19.09
CA VAL A 277 3.07 30.93 -20.35
C VAL A 277 4.49 30.56 -20.73
N ALA A 278 5.40 30.53 -19.76
CA ALA A 278 6.79 30.18 -20.05
C ALA A 278 6.90 28.73 -20.55
N ILE A 279 6.19 27.81 -19.89
CA ILE A 279 6.26 26.40 -20.27
C ILE A 279 5.75 26.20 -21.69
N TYR A 280 4.63 26.83 -22.03
CA TYR A 280 4.09 26.65 -23.37
C TYR A 280 4.92 27.37 -24.43
N THR A 281 5.56 28.49 -24.07
CA THR A 281 6.51 29.12 -24.99
C THR A 281 7.70 28.20 -25.27
N ILE A 282 8.20 27.52 -24.23
CA ILE A 282 9.29 26.56 -24.43
C ILE A 282 8.82 25.37 -25.26
N LEU A 283 7.57 24.95 -25.08
CA LEU A 283 7.07 23.76 -25.75
C LEU A 283 6.73 23.97 -27.22
N VAL A 284 6.26 25.16 -27.62
CA VAL A 284 5.78 25.34 -29.00
C VAL A 284 6.85 25.12 -30.06
N PRO A 285 8.10 25.58 -29.92
CA PRO A 285 9.05 25.36 -31.03
C PRO A 285 9.35 23.89 -31.28
N VAL A 286 9.31 23.06 -30.24
CA VAL A 286 9.54 21.63 -30.44
C VAL A 286 8.39 21.02 -31.26
N ILE A 287 7.16 21.49 -31.01
CA ILE A 287 6.04 21.05 -31.82
C ILE A 287 6.22 21.51 -33.26
N ILE A 288 6.71 22.73 -33.47
CA ILE A 288 6.98 23.21 -34.82
C ILE A 288 8.00 22.33 -35.52
N TYR A 289 9.07 21.95 -34.79
CA TYR A 289 10.10 21.10 -35.36
C TYR A 289 9.56 19.71 -35.70
N ASN A 290 8.73 19.15 -34.81
CA ASN A 290 8.12 17.86 -35.09
C ASN A 290 7.18 17.93 -36.29
N LEU A 291 6.52 19.06 -36.50
CA LEU A 291 5.67 19.23 -37.69
C LEU A 291 6.50 19.35 -38.95
N THR A 292 7.58 20.13 -38.92
CA THR A 292 8.41 20.32 -40.11
C THR A 292 9.32 19.14 -40.42
N ARG A 293 9.48 18.21 -39.47
CA ARG A 293 10.26 17.01 -39.75
C ARG A 293 9.64 16.23 -40.91
N LEU A 294 8.31 16.20 -40.98
CA LEU A 294 7.65 15.50 -42.08
C LEU A 294 7.85 16.20 -43.41
N CYS A 295 8.11 17.52 -43.39
CA CYS A 295 8.25 18.28 -44.62
C CYS A 295 9.53 17.96 -45.38
N ARG A 296 10.51 17.32 -44.74
CA ARG A 296 11.78 17.00 -45.38
C ARG A 296 11.92 15.48 -45.44
N TRP A 297 12.28 14.97 -46.62
CA TRP A 297 12.40 13.53 -46.80
C TRP A 297 13.60 12.99 -46.02
N ASP A 298 13.52 11.70 -45.69
CA ASP A 298 14.57 11.05 -44.91
C ASP A 298 15.78 10.70 -45.78
N LYS A 299 16.39 11.76 -46.32
CA LYS A 299 17.56 11.57 -47.18
C LYS A 299 18.80 11.18 -46.37
N ARG A 300 18.83 11.53 -45.08
CA ARG A 300 20.01 11.27 -44.26
C ARG A 300 20.38 9.79 -44.20
N LEU A 301 19.43 8.90 -44.47
CA LEU A 301 19.66 7.47 -44.44
C LEU A 301 19.56 6.83 -45.83
N LEU A 302 19.58 7.63 -46.90
CA LEU A 302 19.39 7.05 -48.22
C LEU A 302 20.50 6.06 -48.56
N SER A 303 21.75 6.42 -48.26
CA SER A 303 22.86 5.49 -48.48
C SER A 303 22.69 4.24 -47.65
N VAL A 304 22.01 4.33 -46.51
CA VAL A 304 21.69 3.14 -45.72
C VAL A 304 20.86 2.18 -46.55
N TYR A 305 19.85 2.69 -47.26
CA TYR A 305 19.06 1.83 -48.13
C TYR A 305 19.90 1.22 -49.25
N GLU A 306 21.10 1.76 -49.49
CA GLU A 306 21.99 1.21 -50.49
C GLU A 306 22.65 -0.10 -50.04
N MET A 307 22.50 -0.49 -48.76
CA MET A 307 23.12 -1.74 -48.33
C MET A 307 22.57 -2.94 -49.09
N LEU A 308 21.33 -2.85 -49.56
CA LEU A 308 20.73 -3.86 -50.42
C LEU A 308 20.17 -3.18 -51.65
N PRO A 309 20.56 -3.59 -52.86
CA PRO A 309 19.98 -2.96 -54.06
C PRO A 309 18.47 -3.10 -54.15
N ALA A 310 17.90 -4.16 -53.56
CA ALA A 310 16.44 -4.25 -53.50
C ALA A 310 15.85 -3.12 -52.66
N PHE A 311 16.49 -2.80 -51.53
CA PHE A 311 16.04 -1.67 -50.72
C PHE A 311 16.20 -0.36 -51.49
N ASP A 312 17.26 -0.25 -52.30
CA ASP A 312 17.42 0.93 -53.14
C ASP A 312 16.29 1.03 -54.16
N LEU A 313 15.92 -0.08 -54.78
CA LEU A 313 14.82 -0.06 -55.75
C LEU A 313 13.51 0.30 -55.08
N LEU A 314 13.30 -0.20 -53.86
CA LEU A 314 12.15 0.25 -53.07
C LEU A 314 12.23 1.75 -52.82
N SER A 315 13.44 2.26 -52.59
CA SER A 315 13.71 3.67 -52.41
C SER A 315 14.00 4.40 -53.72
N ARG A 316 13.74 3.77 -54.86
CA ARG A 316 13.82 4.49 -56.12
C ARG A 316 12.73 5.54 -56.18
N LYS A 317 13.07 6.71 -56.74
CA LYS A 317 12.12 7.81 -56.95
C LYS A 317 11.51 8.28 -55.62
N MET A 318 12.33 8.36 -54.58
CA MET A 318 11.85 8.87 -53.30
C MET A 318 11.47 10.34 -53.39
N LEU A 319 12.01 11.05 -54.38
CA LEU A 319 11.71 12.46 -54.53
C LEU A 319 10.24 12.65 -54.84
N GLY A 320 9.65 13.70 -54.25
CA GLY A 320 8.25 13.99 -54.46
C GLY A 320 7.72 14.84 -53.33
N CYS A 321 6.40 15.02 -53.34
CA CYS A 321 5.76 15.79 -52.28
C CYS A 321 5.79 14.99 -50.99
N PRO A 322 6.27 15.56 -49.88
CA PRO A 322 6.55 14.78 -48.67
C PRO A 322 5.33 14.44 -47.83
N ILE A 323 4.10 14.62 -48.33
CA ILE A 323 2.90 14.27 -47.56
C ILE A 323 2.47 12.89 -48.00
N ASN A 324 2.93 11.87 -47.27
CA ASN A 324 2.54 10.49 -47.54
C ASN A 324 2.84 9.64 -46.32
N ASP A 325 2.23 8.45 -46.29
CA ASP A 325 2.48 7.50 -45.21
C ASP A 325 3.94 7.07 -45.17
N LEU A 326 4.64 7.14 -46.31
CA LEU A 326 6.00 6.64 -46.39
C LEU A 326 6.92 7.38 -45.42
N ASN A 327 6.74 8.70 -45.28
CA ASN A 327 7.59 9.45 -44.36
C ASN A 327 7.41 8.98 -42.92
N VAL A 328 6.16 8.78 -42.50
CA VAL A 328 5.90 8.32 -41.14
C VAL A 328 6.47 6.92 -40.94
N ILE A 329 6.32 6.05 -41.93
CA ILE A 329 6.87 4.70 -41.83
C ILE A 329 8.38 4.74 -41.71
N LEU A 330 9.03 5.60 -42.51
CA LEU A 330 10.48 5.73 -42.43
C LEU A 330 10.92 6.23 -41.07
N LEU A 331 10.21 7.23 -40.52
CA LEU A 331 10.56 7.73 -39.20
C LEU A 331 10.40 6.65 -38.14
N PHE A 332 9.33 5.86 -38.21
CA PHE A 332 9.13 4.82 -37.19
C PHE A 332 10.15 3.70 -37.33
N LEU A 333 10.49 3.30 -38.55
CA LEU A 333 11.52 2.27 -38.69
C LEU A 333 12.89 2.80 -38.28
N ARG A 334 13.16 4.09 -38.49
CA ARG A 334 14.37 4.69 -37.95
C ARG A 334 14.37 4.63 -36.43
N ALA A 335 13.22 4.89 -35.81
CA ALA A 335 13.08 4.71 -34.37
C ALA A 335 13.15 3.25 -33.96
N ASN A 336 13.06 2.32 -34.91
CA ASN A 336 13.12 0.89 -34.61
C ASN A 336 14.31 0.23 -35.30
N ILE A 337 15.50 0.84 -35.19
CA ILE A 337 16.70 0.32 -35.83
C ILE A 337 17.49 -0.52 -34.83
N SER A 338 16.84 -0.98 -33.78
CA SER A 338 17.46 -1.83 -32.77
C SER A 338 16.54 -3.00 -32.44
N GLU A 339 16.06 -3.70 -33.47
CA GLU A 339 15.00 -4.68 -33.28
C GLU A 339 15.40 -5.82 -32.34
N LEU A 340 16.31 -6.72 -32.73
CA LEU A 340 16.97 -7.57 -31.76
C LEU A 340 18.49 -7.47 -31.85
N ILE A 341 19.10 -7.95 -32.94
CA ILE A 341 20.53 -7.79 -33.17
C ILE A 341 20.77 -7.40 -34.62
N SER A 342 19.80 -7.71 -35.49
CA SER A 342 20.02 -7.60 -36.92
C SER A 342 20.12 -6.15 -37.36
N PHE A 343 19.19 -5.32 -36.91
CA PHE A 343 19.26 -3.89 -37.23
C PHE A 343 20.49 -3.25 -36.60
N SER A 344 20.97 -3.78 -35.48
CA SER A 344 22.23 -3.32 -34.93
C SER A 344 23.38 -3.61 -35.89
N TRP A 345 23.39 -4.82 -36.48
CA TRP A 345 24.39 -5.14 -37.49
C TRP A 345 24.27 -4.24 -38.71
N LEU A 346 23.04 -3.92 -39.10
CA LEU A 346 22.84 -2.99 -40.21
C LEU A 346 23.42 -1.62 -39.88
N SER A 347 23.20 -1.14 -38.65
CA SER A 347 23.76 0.13 -38.22
C SER A 347 25.28 0.09 -38.25
N VAL A 348 25.87 -1.02 -37.77
CA VAL A 348 27.33 -1.14 -37.76
C VAL A 348 27.87 -1.09 -39.19
N LEU A 349 27.24 -1.84 -40.10
CA LEU A 349 27.75 -1.90 -41.47
C LEU A 349 27.58 -0.57 -42.19
N CYS A 350 26.47 0.13 -41.95
CA CYS A 350 26.30 1.43 -42.60
C CYS A 350 27.23 2.48 -42.01
N VAL A 351 27.55 2.37 -40.71
CA VAL A 351 28.51 3.28 -40.10
C VAL A 351 29.90 3.05 -40.68
N LEU A 352 30.32 1.78 -40.79
CA LEU A 352 31.65 1.50 -41.31
C LEU A 352 31.74 1.72 -42.82
N LYS A 353 30.61 1.71 -43.52
CA LYS A 353 30.64 1.95 -44.97
C LYS A 353 31.10 3.36 -45.27
N ASP A 354 30.65 4.33 -44.48
CA ASP A 354 31.02 5.73 -44.68
C ASP A 354 32.52 5.94 -44.52
N VAL A 366 34.30 -3.89 -53.65
CA VAL A 366 34.36 -4.89 -52.59
C VAL A 366 34.33 -4.20 -51.23
N ASP A 367 33.21 -4.34 -50.53
CA ASP A 367 33.01 -3.75 -49.21
C ASP A 367 32.92 -4.86 -48.17
N PHE A 368 33.79 -4.80 -47.17
CA PHE A 368 33.84 -5.80 -46.09
C PHE A 368 33.93 -7.21 -46.69
N MET A 369 34.86 -7.34 -47.65
CA MET A 369 35.14 -8.58 -48.39
C MET A 369 33.85 -9.32 -48.76
N THR A 370 32.94 -8.58 -49.40
CA THR A 370 31.64 -9.09 -49.83
C THR A 370 30.82 -9.63 -48.65
N LEU A 371 30.75 -8.83 -47.59
CA LEU A 371 29.99 -9.15 -46.39
C LEU A 371 30.45 -10.47 -45.78
N LEU A 372 31.74 -10.52 -45.45
CA LEU A 372 32.39 -11.69 -44.85
C LEU A 372 32.07 -12.99 -45.59
N ALA A 373 31.75 -12.88 -46.88
CA ALA A 373 31.37 -14.03 -47.70
C ALA A 373 30.24 -14.83 -47.08
N ARG B 24 23.73 -10.99 -17.87
CA ARG B 24 24.94 -10.23 -18.15
C ARG B 24 24.68 -9.13 -19.17
N LEU B 25 23.99 -9.48 -20.25
CA LEU B 25 23.67 -8.50 -21.28
C LEU B 25 22.72 -7.43 -20.76
N LYS B 26 21.74 -7.83 -19.95
CA LYS B 26 20.76 -6.88 -19.41
C LYS B 26 21.30 -6.06 -18.26
N GLY B 27 22.49 -6.36 -17.75
CA GLY B 27 23.05 -5.63 -16.63
C GLY B 27 23.99 -4.51 -17.04
N LEU B 28 23.89 -4.09 -18.30
CA LEU B 28 24.76 -3.03 -18.80
C LEU B 28 24.49 -1.71 -18.08
N ARG B 29 25.57 -0.99 -17.76
CA ARG B 29 25.49 0.30 -17.10
C ARG B 29 25.82 1.39 -18.10
N LEU B 30 24.99 2.43 -18.14
CA LEU B 30 25.14 3.52 -19.10
C LEU B 30 25.88 4.72 -18.52
N GLU B 31 26.38 4.62 -17.30
CA GLU B 31 27.13 5.71 -16.69
C GLU B 31 28.02 5.17 -15.60
N LEU B 32 29.09 5.91 -15.32
CA LEU B 32 29.99 5.54 -14.24
C LEU B 32 29.28 5.68 -12.89
N PRO B 33 29.63 4.86 -11.91
CA PRO B 33 29.00 4.99 -10.58
C PRO B 33 29.21 6.36 -9.94
N LEU B 34 30.39 6.97 -10.15
CA LEU B 34 30.63 8.30 -9.60
C LEU B 34 29.70 9.33 -10.22
N ASP B 35 29.55 9.30 -11.55
CA ASP B 35 28.65 10.23 -12.22
C ASP B 35 27.21 9.99 -11.78
N ARG B 36 26.81 8.72 -11.64
CA ARG B 36 25.46 8.43 -11.20
C ARG B 36 25.19 8.95 -9.80
N ILE B 37 26.14 8.75 -8.87
CA ILE B 37 25.92 9.23 -7.50
C ILE B 37 25.96 10.75 -7.45
N VAL B 38 26.77 11.38 -8.30
CA VAL B 38 26.79 12.84 -8.35
C VAL B 38 25.44 13.38 -8.82
N LYS B 39 24.89 12.78 -9.88
CA LYS B 39 23.57 13.19 -10.35
C LYS B 39 22.51 12.94 -9.28
N PHE B 40 22.59 11.79 -8.60
CA PHE B 40 21.61 11.47 -7.57
C PHE B 40 21.65 12.48 -6.44
N VAL B 41 22.85 12.88 -6.00
CA VAL B 41 22.97 13.88 -4.95
C VAL B 41 22.44 15.23 -5.43
N ALA B 42 22.85 15.64 -6.63
CA ALA B 42 22.44 16.95 -7.15
C ALA B 42 20.95 17.04 -7.39
N VAL B 43 20.27 15.91 -7.58
CA VAL B 43 18.83 15.93 -7.73
C VAL B 43 18.13 15.82 -6.37
N GLY B 44 18.64 14.96 -5.48
CA GLY B 44 17.95 14.72 -4.22
C GLY B 44 18.09 15.84 -3.21
N SER B 45 19.23 16.54 -3.21
CA SER B 45 19.41 17.62 -2.24
C SER B 45 18.37 18.72 -2.38
N PRO B 46 18.10 19.28 -3.57
CA PRO B 46 17.01 20.25 -3.68
C PRO B 46 15.66 19.70 -3.26
N LEU B 47 15.38 18.43 -3.57
CA LEU B 47 14.10 17.84 -3.16
C LEU B 47 14.04 17.65 -1.65
N LEU B 48 15.18 17.29 -1.04
CA LEU B 48 15.22 17.21 0.42
C LEU B 48 14.95 18.56 1.05
N LEU B 49 15.55 19.62 0.51
CA LEU B 49 15.29 20.96 1.02
C LEU B 49 13.84 21.36 0.80
N MET B 50 13.26 20.93 -0.33
CA MET B 50 11.84 21.20 -0.58
C MET B 50 10.97 20.55 0.47
N SER B 51 11.26 19.28 0.79
CA SER B 51 10.50 18.59 1.82
C SER B 51 10.65 19.29 3.16
N LEU B 52 11.87 19.71 3.50
CA LEU B 52 12.10 20.42 4.76
C LEU B 52 11.31 21.72 4.81
N ALA B 53 11.31 22.46 3.69
CA ALA B 53 10.61 23.74 3.65
C ALA B 53 9.11 23.55 3.79
N PHE B 54 8.52 22.66 2.99
CA PHE B 54 7.08 22.44 3.07
C PHE B 54 6.67 21.71 4.35
N ALA B 55 7.62 21.15 5.09
CA ALA B 55 7.28 20.53 6.37
C ALA B 55 7.38 21.52 7.53
N GLN B 56 8.39 22.39 7.53
CA GLN B 56 8.60 23.34 8.61
C GLN B 56 7.99 24.71 8.33
N GLU B 57 7.32 24.89 7.20
CA GLU B 57 6.68 26.16 6.88
C GLU B 57 5.20 26.18 7.23
N PHE B 58 4.45 25.17 6.79
CA PHE B 58 3.00 25.13 6.98
C PHE B 58 2.57 24.23 8.12
N SER B 59 3.51 23.73 8.93
CA SER B 59 3.17 23.04 10.16
C SER B 59 3.15 23.98 11.36
N SER B 60 3.47 25.26 11.16
CA SER B 60 3.42 26.27 12.22
C SER B 60 2.66 27.50 11.77
N GLY B 61 1.81 27.38 10.76
CA GLY B 61 1.06 28.52 10.24
C GLY B 61 1.76 29.11 9.02
N SER B 62 2.00 30.42 9.07
CA SER B 62 2.70 31.13 8.02
C SER B 62 4.04 31.64 8.53
N PRO B 63 5.07 31.74 7.66
CA PRO B 63 6.40 32.17 8.11
C PRO B 63 6.51 33.67 8.36
N ILE B 64 5.56 34.20 9.13
CA ILE B 64 5.55 35.62 9.47
C ILE B 64 4.62 35.81 10.66
N SER B 65 5.04 36.65 11.60
CA SER B 65 4.21 37.03 12.74
C SER B 65 4.27 38.53 12.89
N CYS B 66 3.12 39.19 12.89
CA CYS B 66 3.02 40.64 12.87
C CYS B 66 2.51 41.15 14.21
N PHE B 67 3.22 42.12 14.79
CA PHE B 67 2.87 42.68 16.08
C PHE B 67 1.78 43.75 15.91
N SER B 68 0.57 43.27 15.64
CA SER B 68 -0.57 44.16 15.54
C SER B 68 -0.88 44.77 16.91
N PRO B 69 -1.39 46.00 16.94
CA PRO B 69 -1.67 46.64 18.22
C PRO B 69 -2.76 45.91 19.00
N SER B 70 -2.91 46.32 20.27
CA SER B 70 -3.83 45.62 21.16
C SER B 70 -5.28 45.87 20.80
N ASN B 71 -5.60 47.05 20.26
CA ASN B 71 -6.99 47.37 19.95
C ASN B 71 -7.53 46.59 18.77
N PHE B 72 -6.68 45.95 17.98
CA PHE B 72 -7.15 45.14 16.86
C PHE B 72 -7.81 43.86 17.37
N SER B 73 -8.89 43.46 16.72
CA SER B 73 -9.50 42.16 16.99
C SER B 73 -8.64 41.07 16.36
N ILE B 74 -9.03 39.81 16.58
CA ILE B 74 -8.26 38.70 16.04
C ILE B 74 -8.35 38.66 14.52
N ARG B 75 -9.54 38.95 13.97
CA ARG B 75 -9.70 38.94 12.52
C ARG B 75 -8.87 40.03 11.86
N GLN B 76 -8.87 41.23 12.43
CA GLN B 76 -8.06 42.32 11.87
C GLN B 76 -6.57 42.00 11.97
N ALA B 77 -6.15 41.37 13.07
CA ALA B 77 -4.75 40.96 13.19
C ALA B 77 -4.39 39.94 12.12
N ALA B 78 -5.28 38.98 11.87
CA ALA B 78 -5.02 38.00 10.81
C ALA B 78 -4.97 38.67 9.45
N TYR B 79 -5.82 39.66 9.21
CA TYR B 79 -5.78 40.38 7.94
C TYR B 79 -4.46 41.12 7.77
N VAL B 80 -3.99 41.78 8.84
CA VAL B 80 -2.70 42.46 8.77
C VAL B 80 -1.59 41.47 8.49
N ASP B 81 -1.63 40.31 9.17
CA ASP B 81 -0.64 39.27 8.94
C ASP B 81 -0.61 38.84 7.48
N SER B 82 -1.78 38.52 6.92
CA SER B 82 -1.84 38.06 5.54
C SER B 82 -1.39 39.14 4.56
N SER B 83 -1.81 40.38 4.80
CA SER B 83 -1.45 41.47 3.90
C SER B 83 0.07 41.71 3.91
N CYS B 84 0.67 41.72 5.09
CA CYS B 84 2.12 41.92 5.15
C CYS B 84 2.87 40.73 4.58
N TRP B 85 2.34 39.52 4.74
CA TRP B 85 2.98 38.36 4.12
C TRP B 85 2.94 38.44 2.61
N ASP B 86 1.81 38.88 2.05
CA ASP B 86 1.69 38.98 0.60
C ASP B 86 2.56 40.10 0.06
N SER B 87 2.52 41.27 0.70
CA SER B 87 3.27 42.43 0.19
C SER B 87 4.78 42.20 0.30
N LEU B 88 5.25 41.79 1.48
CA LEU B 88 6.68 41.57 1.73
C LEU B 88 7.51 42.78 1.35
N LEU B 89 7.02 43.96 1.70
CA LEU B 89 7.69 45.21 1.40
C LEU B 89 8.32 45.80 2.65
N HIS B 90 9.35 46.62 2.44
CA HIS B 90 10.05 47.31 3.52
C HIS B 90 9.94 48.80 3.30
N HIS B 91 9.60 49.53 4.36
CA HIS B 91 9.37 50.96 4.26
C HIS B 91 10.40 51.75 5.07
N LYS B 92 11.67 51.38 4.93
CA LYS B 92 12.73 52.04 5.68
C LYS B 92 12.74 53.54 5.39
N GLN B 93 12.84 54.33 6.45
CA GLN B 93 12.86 55.79 6.31
C GLN B 93 13.61 56.43 7.48
N ASP B 99 11.40 57.77 -0.39
CA ASP B 99 11.10 56.67 0.53
C ASP B 99 11.62 55.35 -0.01
N LYS B 100 12.48 54.69 0.77
CA LYS B 100 13.02 53.40 0.37
C LYS B 100 11.90 52.37 0.28
N MET B 101 12.00 51.49 -0.71
CA MET B 101 10.99 50.46 -0.94
C MET B 101 11.65 49.12 -1.23
N LYS B 102 12.66 48.76 -0.44
CA LYS B 102 13.32 47.48 -0.63
C LYS B 102 12.34 46.33 -0.40
N SER B 103 12.46 45.29 -1.23
CA SER B 103 11.59 44.13 -1.15
C SER B 103 12.32 42.95 -0.56
N LEU B 104 11.54 42.00 -0.04
CA LEU B 104 12.03 40.76 0.55
C LEU B 104 11.37 39.57 -0.12
N TRP B 105 11.36 39.58 -1.46
CA TRP B 105 10.70 38.51 -2.21
C TRP B 105 11.25 37.12 -1.98
N PRO B 106 12.58 36.88 -1.90
CA PRO B 106 13.06 35.48 -1.93
C PRO B 106 12.47 34.61 -0.84
N HIS B 107 12.20 35.16 0.34
CA HIS B 107 11.68 34.34 1.43
C HIS B 107 10.36 33.67 1.06
N LYS B 108 9.59 34.27 0.15
CA LYS B 108 8.37 33.64 -0.33
C LYS B 108 8.58 32.80 -1.58
N ALA B 109 9.66 33.06 -2.32
CA ALA B 109 9.97 32.31 -3.53
C ALA B 109 11.07 31.28 -3.31
N LEU B 110 11.50 31.08 -2.06
CA LEU B 110 12.59 30.14 -1.79
C LEU B 110 12.28 28.72 -2.25
N PRO B 111 11.12 28.12 -1.94
CA PRO B 111 10.86 26.77 -2.44
C PRO B 111 10.76 26.71 -3.95
N TYR B 112 9.83 27.50 -4.52
CA TYR B 112 9.53 27.38 -5.95
C TYR B 112 10.77 27.60 -6.80
N SER B 113 11.56 28.63 -6.47
CA SER B 113 12.81 28.86 -7.20
C SER B 113 13.68 27.62 -7.19
N LEU B 114 13.91 27.05 -6.01
CA LEU B 114 14.73 25.85 -5.92
C LEU B 114 14.16 24.72 -6.76
N LEU B 115 12.82 24.67 -6.90
CA LEU B 115 12.21 23.64 -7.73
C LEU B 115 12.73 23.73 -9.16
N ALA B 116 12.81 24.95 -9.71
CA ALA B 116 13.39 25.13 -11.02
C ALA B 116 14.80 24.54 -11.05
N LEU B 117 15.59 24.83 -10.02
CA LEU B 117 16.93 24.26 -9.93
C LEU B 117 16.88 22.75 -10.04
N ALA B 118 15.95 22.12 -9.33
CA ALA B 118 15.79 20.67 -9.42
C ALA B 118 15.57 20.25 -10.87
N LEU B 119 14.62 20.92 -11.55
CA LEU B 119 14.39 20.61 -12.96
C LEU B 119 15.66 20.83 -13.76
N LEU B 120 16.42 21.88 -13.45
CA LEU B 120 17.68 22.11 -14.14
C LEU B 120 18.63 20.93 -13.93
N MET B 121 18.70 20.41 -12.70
CA MET B 121 19.55 19.27 -12.44
C MET B 121 19.10 18.03 -13.20
N TYR B 122 17.85 18.00 -13.64
CA TYR B 122 17.33 16.89 -14.43
C TYR B 122 17.32 17.19 -15.91
N LEU B 123 17.83 18.35 -16.33
CA LEU B 123 17.82 18.69 -17.75
C LEU B 123 18.93 17.96 -18.53
N PRO B 124 20.21 18.08 -18.14
CA PRO B 124 21.25 17.41 -18.94
C PRO B 124 21.10 15.90 -18.98
N VAL B 125 20.67 15.29 -17.87
CA VAL B 125 20.60 13.83 -17.80
C VAL B 125 19.63 13.30 -18.86
N LEU B 126 18.46 13.93 -18.97
CA LEU B 126 17.53 13.57 -20.04
C LEU B 126 18.19 13.73 -21.40
N LEU B 127 18.96 14.80 -21.59
CA LEU B 127 19.75 14.94 -22.80
C LEU B 127 20.65 13.72 -23.00
N TRP B 128 21.38 13.34 -21.94
CA TRP B 128 22.21 12.14 -22.03
C TRP B 128 21.39 10.91 -22.33
N GLN B 129 20.14 10.88 -21.88
CA GLN B 129 19.28 9.73 -22.16
C GLN B 129 18.69 9.77 -23.56
N TYR B 130 18.73 10.92 -24.24
CA TYR B 130 18.13 11.06 -25.56
C TYR B 130 19.12 11.48 -26.63
N ALA B 131 20.43 11.42 -26.34
CA ALA B 131 21.44 11.79 -27.32
C ALA B 131 22.59 10.80 -27.44
N ALA B 132 22.82 9.93 -26.45
CA ALA B 132 23.92 8.99 -26.53
C ALA B 132 23.58 7.58 -26.08
N VAL B 133 22.46 7.34 -25.41
CA VAL B 133 22.16 5.99 -24.91
C VAL B 133 22.01 4.97 -26.02
N PRO B 134 21.24 5.20 -27.09
CA PRO B 134 21.07 4.13 -28.10
C PRO B 134 22.36 3.77 -28.82
N ALA B 135 23.09 4.77 -29.32
CA ALA B 135 24.33 4.49 -30.04
C ALA B 135 25.35 3.80 -29.15
N LEU B 136 25.51 4.31 -27.92
CA LEU B 136 26.45 3.68 -26.99
C LEU B 136 26.05 2.25 -26.66
N SER B 137 24.76 2.01 -26.45
CA SER B 137 24.31 0.65 -26.14
C SER B 137 24.57 -0.29 -27.30
N SER B 138 24.25 0.14 -28.53
CA SER B 138 24.49 -0.70 -29.69
C SER B 138 25.98 -1.00 -29.87
N ASP B 139 26.82 0.03 -29.72
CA ASP B 139 28.25 -0.16 -29.87
C ASP B 139 28.80 -1.08 -28.80
N LEU B 140 28.32 -0.92 -27.55
CA LEU B 140 28.78 -1.78 -26.47
C LEU B 140 28.37 -3.24 -26.69
N LEU B 141 27.14 -3.47 -27.16
CA LEU B 141 26.70 -4.83 -27.43
C LEU B 141 27.52 -5.46 -28.56
N PHE B 142 27.76 -4.71 -29.63
CA PHE B 142 28.57 -5.23 -30.73
C PHE B 142 29.99 -5.52 -30.26
N ILE B 143 30.57 -4.63 -29.47
CA ILE B 143 31.94 -4.81 -28.99
C ILE B 143 32.03 -6.02 -28.07
N ILE B 144 31.04 -6.20 -27.19
CA ILE B 144 31.10 -7.34 -26.27
C ILE B 144 30.92 -8.65 -27.05
N SER B 145 30.07 -8.65 -28.07
CA SER B 145 29.93 -9.86 -28.90
C SER B 145 31.25 -10.18 -29.61
N GLU B 146 31.89 -9.16 -30.18
CA GLU B 146 33.17 -9.39 -30.86
C GLU B 146 34.26 -9.82 -29.89
N LEU B 147 34.23 -9.29 -28.66
CA LEU B 147 35.20 -9.71 -27.65
C LEU B 147 34.99 -11.17 -27.28
N ASP B 148 33.74 -11.60 -27.12
CA ASP B 148 33.47 -13.00 -26.84
C ASP B 148 33.93 -13.90 -27.99
N LYS B 149 33.66 -13.47 -29.23
CA LYS B 149 34.10 -14.25 -30.39
C LYS B 149 35.62 -14.35 -30.46
N SER B 150 36.31 -13.24 -30.19
CA SER B 150 37.77 -13.25 -30.21
C SER B 150 38.34 -14.12 -29.10
N TYR B 151 37.72 -14.09 -27.92
CA TYR B 151 38.18 -14.96 -26.84
C TYR B 151 38.00 -16.43 -27.21
N ASN B 152 36.86 -16.78 -27.80
CA ASN B 152 36.65 -18.17 -28.24
C ASN B 152 37.66 -18.57 -29.32
N ARG B 153 37.92 -17.66 -30.26
CA ARG B 153 38.89 -17.96 -31.31
C ARG B 153 40.28 -18.16 -30.74
N SER B 154 40.69 -17.32 -29.77
CA SER B 154 41.98 -17.50 -29.14
C SER B 154 42.06 -18.81 -28.37
N ILE B 155 40.97 -19.18 -27.69
CA ILE B 155 40.93 -20.45 -26.97
C ILE B 155 41.11 -21.62 -27.94
N ARG B 156 40.45 -21.55 -29.09
CA ARG B 156 40.61 -22.61 -30.09
C ARG B 156 42.03 -22.61 -30.67
N LEU B 157 42.62 -21.44 -30.89
CA LEU B 157 43.90 -21.35 -31.56
C LEU B 157 45.07 -21.76 -30.67
N VAL B 158 44.99 -21.49 -29.36
CA VAL B 158 46.12 -21.83 -28.49
C VAL B 158 46.30 -23.33 -28.42
N GLN B 159 45.23 -24.10 -28.46
CA GLN B 159 45.31 -25.55 -28.43
C GLN B 159 45.97 -26.10 -29.69
N TYR B 186 43.45 -14.84 -39.72
CA TYR B 186 43.05 -15.61 -38.55
C TYR B 186 43.36 -14.85 -37.25
N PHE B 187 44.57 -14.30 -37.18
CA PHE B 187 44.99 -13.57 -35.98
C PHE B 187 44.32 -12.21 -35.91
N GLU B 188 44.26 -11.49 -37.03
CA GLU B 188 43.74 -10.14 -37.06
C GLU B 188 42.25 -10.13 -37.41
N PHE B 189 41.56 -9.10 -36.93
CA PHE B 189 40.14 -8.91 -37.21
C PHE B 189 39.96 -7.66 -38.07
N PRO B 190 39.54 -7.80 -39.33
CA PRO B 190 39.37 -6.60 -40.15
C PRO B 190 38.14 -5.79 -39.77
N LEU B 191 37.05 -6.44 -39.36
CA LEU B 191 35.85 -5.71 -38.96
C LEU B 191 36.12 -4.81 -37.76
N LEU B 192 36.75 -5.35 -36.72
CA LEU B 192 37.06 -4.56 -35.55
C LEU B 192 38.05 -3.45 -35.87
N GLU B 193 39.04 -3.74 -36.71
CA GLU B 193 40.01 -2.72 -37.09
C GLU B 193 39.33 -1.56 -37.82
N ARG B 194 38.45 -1.88 -38.77
CA ARG B 194 37.74 -0.83 -39.49
C ARG B 194 36.82 -0.04 -38.58
N TYR B 195 36.12 -0.73 -37.67
CA TYR B 195 35.22 -0.03 -36.76
C TYR B 195 35.99 0.90 -35.82
N LEU B 196 37.14 0.45 -35.32
CA LEU B 196 37.96 1.31 -34.46
C LEU B 196 38.53 2.48 -35.24
N ALA B 197 38.93 2.26 -36.49
CA ALA B 197 39.41 3.37 -37.32
C ALA B 197 38.32 4.40 -37.55
N CYS B 198 37.09 3.94 -37.80
CA CYS B 198 35.98 4.86 -37.98
C CYS B 198 35.67 5.61 -36.68
N LYS B 199 35.70 4.91 -35.54
CA LYS B 199 35.37 5.54 -34.27
C LYS B 199 36.43 6.55 -33.84
N GLN B 200 37.68 6.34 -34.25
CA GLN B 200 38.74 7.29 -33.93
C GLN B 200 38.55 8.61 -34.65
N ARG B 201 37.65 8.68 -35.63
CA ARG B 201 37.38 9.90 -36.37
C ARG B 201 36.11 10.61 -35.94
N SER B 202 35.11 9.86 -35.45
CA SER B 202 33.86 10.46 -35.02
C SER B 202 34.03 11.20 -33.70
N HIS B 203 33.17 12.19 -33.48
CA HIS B 203 33.22 13.01 -32.27
C HIS B 203 31.82 13.25 -31.72
N SER B 204 31.02 12.19 -31.64
CA SER B 204 29.64 12.33 -31.19
C SER B 204 29.51 12.12 -29.69
N LEU B 205 29.91 10.94 -29.20
CA LEU B 205 29.75 10.63 -27.78
C LEU B 205 30.59 11.56 -26.92
N VAL B 206 31.80 11.88 -27.36
CA VAL B 206 32.64 12.83 -26.63
C VAL B 206 31.95 14.19 -26.57
N ALA B 207 31.32 14.61 -27.66
CA ALA B 207 30.60 15.88 -27.66
C ALA B 207 29.45 15.87 -26.67
N THR B 208 28.68 14.78 -26.64
CA THR B 208 27.57 14.69 -25.71
C THR B 208 28.05 14.71 -24.26
N TYR B 209 29.14 13.97 -23.97
CA TYR B 209 29.67 13.94 -22.61
C TYR B 209 30.15 15.31 -22.17
N LEU B 210 30.95 15.97 -23.01
CA LEU B 210 31.45 17.29 -22.64
C LEU B 210 30.32 18.30 -22.51
N LEU B 211 29.31 18.21 -23.39
CA LEU B 211 28.19 19.13 -23.31
C LEU B 211 27.40 18.93 -22.02
N ARG B 212 27.17 17.67 -21.63
CA ARG B 212 26.44 17.40 -20.39
C ARG B 212 27.21 17.95 -19.19
N ASN B 213 28.52 17.68 -19.13
CA ASN B 213 29.30 18.18 -18.00
C ASN B 213 29.35 19.70 -17.98
N SER B 214 29.49 20.32 -19.15
CA SER B 214 29.50 21.78 -19.22
C SER B 214 28.17 22.37 -18.80
N LEU B 215 27.06 21.74 -19.19
CA LEU B 215 25.75 22.22 -18.78
C LEU B 215 25.59 22.13 -17.26
N LEU B 216 26.02 21.01 -16.66
CA LEU B 216 25.92 20.90 -15.21
C LEU B 216 26.78 21.95 -14.51
N LEU B 217 28.00 22.18 -15.01
CA LEU B 217 28.87 23.19 -14.42
C LEU B 217 28.26 24.58 -14.57
N ILE B 218 27.67 24.87 -15.72
CA ILE B 218 27.06 26.18 -15.94
C ILE B 218 25.88 26.38 -15.00
N PHE B 219 25.07 25.33 -14.81
CA PHE B 219 23.95 25.43 -13.87
C PHE B 219 24.44 25.67 -12.45
N THR B 220 25.51 24.98 -12.05
CA THR B 220 26.07 25.21 -10.71
C THR B 220 26.57 26.63 -10.56
N SER B 221 27.24 27.15 -11.60
CA SER B 221 27.72 28.53 -11.56
C SER B 221 26.55 29.52 -11.47
N ALA B 222 25.47 29.23 -12.20
CA ALA B 222 24.29 30.09 -12.13
C ALA B 222 23.68 30.07 -10.73
N THR B 223 23.64 28.89 -10.10
CA THR B 223 23.16 28.83 -8.71
C THR B 223 24.06 29.63 -7.79
N TYR B 224 25.38 29.55 -8.00
CA TYR B 224 26.32 30.35 -7.22
C TYR B 224 26.02 31.84 -7.37
N LEU B 225 25.81 32.29 -8.62
CA LEU B 225 25.53 33.69 -8.85
C LEU B 225 24.22 34.10 -8.20
N TYR B 226 23.19 33.25 -8.29
CA TYR B 226 21.90 33.55 -7.68
C TYR B 226 22.04 33.73 -6.18
N LEU B 227 22.71 32.77 -5.52
CA LEU B 227 22.88 32.86 -4.07
C LEU B 227 23.73 34.06 -3.67
N GLY B 228 24.79 34.34 -4.42
CA GLY B 228 25.64 35.46 -4.09
C GLY B 228 25.14 36.82 -4.52
N HIS B 229 24.03 36.87 -5.25
CA HIS B 229 23.45 38.15 -5.65
C HIS B 229 22.11 38.45 -5.02
N PHE B 230 21.38 37.44 -4.54
CA PHE B 230 20.05 37.68 -3.99
C PHE B 230 19.91 37.35 -2.52
N HIS B 231 20.77 36.51 -1.96
CA HIS B 231 20.56 35.99 -0.61
C HIS B 231 21.58 36.52 0.40
N LEU B 232 22.29 37.61 0.09
CA LEU B 232 23.15 38.23 1.10
C LEU B 232 22.70 39.64 1.49
N ASP B 233 21.86 40.29 0.67
CA ASP B 233 21.27 41.55 1.08
C ASP B 233 20.07 41.34 2.00
N VAL B 234 19.62 40.10 2.14
CA VAL B 234 18.49 39.76 3.00
C VAL B 234 18.93 38.87 4.16
N PHE B 235 20.18 38.40 4.17
CA PHE B 235 20.61 37.34 5.06
C PHE B 235 20.61 37.77 6.53
N PHE B 236 20.46 39.06 6.81
CA PHE B 236 20.40 39.58 8.17
C PHE B 236 19.19 40.50 8.35
N GLN B 237 18.02 40.04 7.90
CA GLN B 237 16.76 40.77 8.08
C GLN B 237 15.91 40.00 9.08
N GLU B 238 15.95 40.44 10.34
CA GLU B 238 15.12 39.81 11.37
C GLU B 238 13.70 40.36 11.34
N GLU B 239 13.55 41.68 11.41
CA GLU B 239 12.25 42.32 11.45
C GLU B 239 12.20 43.46 10.44
N PHE B 240 11.00 43.71 9.92
CA PHE B 240 10.83 44.74 8.91
C PHE B 240 9.47 45.41 9.10
N SER B 241 9.41 46.69 8.75
CA SER B 241 8.15 47.41 8.78
C SER B 241 7.29 47.03 7.58
N CYS B 242 5.99 47.28 7.72
CA CYS B 242 5.03 46.95 6.67
C CYS B 242 3.83 47.86 6.84
N SER B 243 3.38 48.45 5.74
CA SER B 243 2.29 49.41 5.76
C SER B 243 1.16 48.90 4.89
N ILE B 244 -0.05 48.94 5.43
CA ILE B 244 -1.25 48.54 4.70
C ILE B 244 -2.08 49.78 4.40
N LYS B 245 -1.44 50.95 4.46
CA LYS B 245 -2.12 52.23 4.20
C LYS B 245 -1.99 52.66 2.74
N THR B 246 -2.00 51.68 1.85
CA THR B 246 -1.91 51.88 0.41
C THR B 246 -3.17 51.35 -0.24
N GLY B 247 -3.90 52.21 -0.93
CA GLY B 247 -5.10 51.81 -1.63
C GLY B 247 -6.36 52.33 -0.94
N LEU B 248 -7.35 51.46 -0.77
CA LEU B 248 -8.64 51.89 -0.25
C LEU B 248 -8.56 52.29 1.22
N LEU B 249 -7.70 51.65 1.99
CA LEU B 249 -7.56 51.95 3.41
C LEU B 249 -6.73 53.21 3.67
N SER B 250 -6.46 54.01 2.63
CA SER B 250 -5.60 55.17 2.80
C SER B 250 -6.20 56.19 3.77
N ASP B 251 -7.51 56.40 3.70
CA ASP B 251 -8.18 57.38 4.54
C ASP B 251 -8.63 56.80 5.89
N GLU B 252 -8.41 55.52 6.13
CA GLU B 252 -8.78 54.92 7.40
C GLU B 252 -7.86 55.41 8.51
N THR B 253 -8.44 55.65 9.69
CA THR B 253 -7.68 56.09 10.86
C THR B 253 -7.68 55.07 11.98
N HIS B 254 -8.19 53.86 11.71
CA HIS B 254 -8.25 52.81 12.71
C HIS B 254 -6.98 51.96 12.76
N VAL B 255 -6.07 52.12 11.81
CA VAL B 255 -4.86 51.31 11.76
C VAL B 255 -3.63 52.21 11.79
N PRO B 256 -2.51 51.75 12.33
CA PRO B 256 -1.30 52.57 12.33
C PRO B 256 -0.68 52.65 10.94
N ASN B 257 0.22 53.62 10.78
CA ASN B 257 0.88 53.80 9.49
C ASN B 257 1.93 52.72 9.24
N LEU B 258 2.65 52.29 10.26
CA LEU B 258 3.70 51.29 10.12
C LEU B 258 3.51 50.20 11.16
N ILE B 259 3.53 48.95 10.72
CA ILE B 259 3.40 47.79 11.60
C ILE B 259 4.64 46.93 11.43
N THR B 260 5.30 46.62 12.54
CA THR B 260 6.51 45.81 12.49
C THR B 260 6.14 44.33 12.43
N CYS B 261 6.92 43.55 11.69
CA CYS B 261 6.72 42.11 11.59
C CYS B 261 8.07 41.42 11.52
N ARG B 262 8.22 40.33 12.26
CA ARG B 262 9.43 39.53 12.25
C ARG B 262 9.19 38.21 11.56
N LEU B 263 10.12 37.81 10.70
CA LEU B 263 9.98 36.60 9.91
C LEU B 263 10.38 35.39 10.74
N THR B 264 9.50 34.39 10.77
CA THR B 264 9.77 33.20 11.59
C THR B 264 10.81 32.29 10.94
N SER B 265 10.74 32.12 9.62
CA SER B 265 11.56 31.14 8.92
C SER B 265 12.93 31.68 8.52
N LEU B 266 13.44 32.71 9.19
CA LEU B 266 14.74 33.26 8.83
C LEU B 266 15.85 32.23 9.00
N SER B 267 15.86 31.56 10.15
CA SER B 267 16.90 30.56 10.42
C SER B 267 16.83 29.40 9.44
N ILE B 268 15.61 28.96 9.13
CA ILE B 268 15.44 27.86 8.18
C ILE B 268 15.98 28.24 6.81
N PHE B 269 15.68 29.47 6.37
CA PHE B 269 16.18 29.96 5.09
C PHE B 269 17.70 30.04 5.09
N GLN B 270 18.28 30.52 6.19
CA GLN B 270 19.74 30.59 6.29
C GLN B 270 20.37 29.21 6.18
N ILE B 271 19.79 28.24 6.91
CA ILE B 271 20.32 26.88 6.89
C ILE B 271 20.20 26.29 5.49
N VAL B 272 19.07 26.52 4.82
CA VAL B 272 18.88 26.00 3.48
C VAL B 272 19.91 26.57 2.52
N SER B 273 20.14 27.88 2.58
CA SER B 273 21.12 28.49 1.69
C SER B 273 22.52 27.96 1.95
N LEU B 274 22.90 27.84 3.22
CA LEU B 274 24.23 27.33 3.56
C LEU B 274 24.40 25.89 3.10
N SER B 275 23.36 25.07 3.31
CA SER B 275 23.44 23.68 2.88
C SER B 275 23.59 23.59 1.36
N SER B 276 22.84 24.40 0.62
CA SER B 276 22.94 24.39 -0.83
C SER B 276 24.35 24.74 -1.29
N VAL B 277 24.90 25.85 -0.76
CA VAL B 277 26.21 26.28 -1.23
C VAL B 277 27.28 25.26 -0.85
N ALA B 278 27.20 24.70 0.36
CA ALA B 278 28.18 23.71 0.78
C ALA B 278 28.10 22.45 -0.09
N ILE B 279 26.88 21.98 -0.36
CA ILE B 279 26.71 20.76 -1.14
C ILE B 279 27.27 20.94 -2.54
N TYR B 280 26.97 22.09 -3.17
CA TYR B 280 27.47 22.28 -4.52
C TYR B 280 28.97 22.55 -4.56
N THR B 281 29.53 23.16 -3.51
CA THR B 281 30.99 23.27 -3.40
C THR B 281 31.64 21.89 -3.31
N ILE B 282 31.03 20.98 -2.53
CA ILE B 282 31.57 19.63 -2.45
C ILE B 282 31.42 18.90 -3.78
N LEU B 283 30.33 19.17 -4.51
CA LEU B 283 30.05 18.44 -5.74
C LEU B 283 30.90 18.89 -6.93
N VAL B 284 31.25 20.18 -7.03
CA VAL B 284 31.93 20.67 -8.23
C VAL B 284 33.27 19.99 -8.50
N PRO B 285 34.16 19.75 -7.51
CA PRO B 285 35.45 19.15 -7.88
C PRO B 285 35.32 17.76 -8.47
N VAL B 286 34.32 16.99 -8.06
CA VAL B 286 34.11 15.66 -8.63
C VAL B 286 33.71 15.77 -10.10
N ILE B 287 32.90 16.79 -10.42
CA ILE B 287 32.57 17.05 -11.82
C ILE B 287 33.81 17.43 -12.60
N ILE B 288 34.69 18.25 -11.99
CA ILE B 288 35.94 18.61 -12.66
C ILE B 288 36.78 17.37 -12.94
N TYR B 289 36.86 16.47 -11.96
CA TYR B 289 37.63 15.24 -12.13
C TYR B 289 37.03 14.36 -13.22
N ASN B 290 35.71 14.24 -13.25
CA ASN B 290 35.06 13.45 -14.30
C ASN B 290 35.27 14.07 -15.67
N LEU B 291 35.37 15.39 -15.75
CA LEU B 291 35.67 16.04 -17.03
C LEU B 291 37.11 15.81 -17.46
N THR B 292 38.06 15.92 -16.52
CA THR B 292 39.47 15.76 -16.86
C THR B 292 39.87 14.30 -17.04
N ARG B 293 39.03 13.35 -16.61
CA ARG B 293 39.32 11.94 -16.85
C ARG B 293 39.43 11.66 -18.35
N LEU B 294 38.60 12.31 -19.16
CA LEU B 294 38.66 12.13 -20.61
C LEU B 294 39.95 12.71 -21.19
N CYS B 295 40.54 13.70 -20.52
CA CYS B 295 41.73 14.37 -21.05
C CYS B 295 42.97 13.50 -21.02
N ARG B 296 42.96 12.40 -20.26
CA ARG B 296 44.11 11.51 -20.14
C ARG B 296 43.74 10.15 -20.70
N TRP B 297 44.60 9.61 -21.55
CA TRP B 297 44.30 8.33 -22.19
C TRP B 297 44.38 7.20 -21.15
N ASP B 298 43.68 6.10 -21.45
CA ASP B 298 43.60 4.96 -20.54
C ASP B 298 44.87 4.11 -20.64
N LYS B 299 46.00 4.73 -20.30
CA LYS B 299 47.28 4.03 -20.35
C LYS B 299 47.41 3.01 -19.21
N ARG B 300 46.67 3.21 -18.12
CA ARG B 300 46.81 2.33 -16.95
C ARG B 300 46.50 0.88 -17.28
N LEU B 301 45.75 0.61 -18.36
CA LEU B 301 45.41 -0.74 -18.75
C LEU B 301 46.06 -1.15 -20.08
N LEU B 302 47.07 -0.40 -20.55
CA LEU B 302 47.66 -0.71 -21.85
C LEU B 302 48.27 -2.10 -21.86
N SER B 303 49.00 -2.46 -20.80
CA SER B 303 49.56 -3.80 -20.71
C SER B 303 48.47 -4.85 -20.66
N VAL B 304 47.28 -4.48 -20.18
CA VAL B 304 46.14 -5.40 -20.24
C VAL B 304 45.83 -5.75 -21.69
N TYR B 305 45.82 -4.75 -22.57
CA TYR B 305 45.61 -5.03 -23.99
C TYR B 305 46.71 -5.90 -24.57
N GLU B 306 47.84 -6.03 -23.88
CA GLU B 306 48.91 -6.90 -24.32
C GLU B 306 48.59 -8.38 -24.14
N MET B 307 47.50 -8.73 -23.44
CA MET B 307 47.18 -10.15 -23.24
C MET B 307 46.94 -10.84 -24.58
N LEU B 308 46.47 -10.10 -25.59
CA LEU B 308 46.31 -10.61 -26.94
C LEU B 308 47.01 -9.66 -27.89
N PRO B 309 47.95 -10.12 -28.73
CA PRO B 309 48.59 -9.21 -29.69
C PRO B 309 47.61 -8.56 -30.65
N ALA B 310 46.48 -9.21 -30.95
CA ALA B 310 45.46 -8.55 -31.74
C ALA B 310 44.88 -7.34 -31.02
N PHE B 311 44.66 -7.46 -29.71
CA PHE B 311 44.20 -6.31 -28.93
C PHE B 311 45.26 -5.22 -28.89
N ASP B 312 46.53 -5.62 -28.86
CA ASP B 312 47.61 -4.63 -28.93
C ASP B 312 47.60 -3.89 -30.26
N LEU B 313 47.40 -4.63 -31.37
CA LEU B 313 47.34 -3.99 -32.68
C LEU B 313 46.14 -3.05 -32.77
N LEU B 314 45.01 -3.45 -32.20
CA LEU B 314 43.88 -2.53 -32.07
C LEU B 314 44.29 -1.30 -31.26
N SER B 315 45.09 -1.50 -30.23
CA SER B 315 45.62 -0.43 -29.39
C SER B 315 46.94 0.12 -29.91
N ARG B 316 47.32 -0.21 -31.14
CA ARG B 316 48.47 0.46 -31.73
C ARG B 316 48.16 1.93 -31.98
N LYS B 317 49.16 2.78 -31.76
CA LYS B 317 49.05 4.23 -32.00
C LYS B 317 47.91 4.85 -31.19
N MET B 318 47.77 4.44 -29.93
CA MET B 318 46.75 5.03 -29.06
C MET B 318 47.07 6.50 -28.77
N LEU B 319 48.34 6.88 -28.92
CA LEU B 319 48.71 8.27 -28.65
C LEU B 319 48.03 9.21 -29.63
N GLY B 320 47.60 10.35 -29.12
CA GLY B 320 46.92 11.34 -29.94
C GLY B 320 46.10 12.27 -29.08
N CYS B 321 45.31 13.09 -29.75
CA CYS B 321 44.43 14.01 -29.04
C CYS B 321 43.30 13.22 -28.38
N PRO B 322 43.07 13.40 -27.07
CA PRO B 322 42.16 12.51 -26.35
C PRO B 322 40.68 12.78 -26.53
N ILE B 323 40.28 13.59 -27.51
CA ILE B 323 38.86 13.87 -27.74
C ILE B 323 38.40 12.92 -28.86
N ASN B 324 37.87 11.76 -28.46
CA ASN B 324 37.33 10.79 -29.40
C ASN B 324 36.40 9.84 -28.66
N ASP B 325 35.59 9.12 -29.45
CA ASP B 325 34.70 8.12 -28.88
C ASP B 325 35.48 7.00 -28.21
N LEU B 326 36.73 6.78 -28.63
CA LEU B 326 37.51 5.65 -28.12
C LEU B 326 37.71 5.76 -26.61
N ASN B 327 37.93 6.96 -26.09
CA ASN B 327 38.13 7.12 -24.65
C ASN B 327 36.88 6.71 -23.88
N VAL B 328 35.71 7.15 -24.34
CA VAL B 328 34.46 6.80 -23.67
C VAL B 328 34.23 5.30 -23.75
N ILE B 329 34.50 4.70 -24.91
CA ILE B 329 34.34 3.25 -25.05
C ILE B 329 35.26 2.51 -24.10
N LEU B 330 36.51 2.96 -23.98
CA LEU B 330 37.46 2.33 -23.08
C LEU B 330 36.99 2.46 -21.63
N LEU B 331 36.49 3.63 -21.24
CA LEU B 331 36.00 3.79 -19.89
C LEU B 331 34.81 2.87 -19.61
N PHE B 332 33.89 2.75 -20.56
CA PHE B 332 32.73 1.90 -20.34
C PHE B 332 33.10 0.43 -20.30
N LEU B 333 34.02 -0.01 -21.16
CA LEU B 333 34.45 -1.41 -21.09
C LEU B 333 35.23 -1.69 -19.81
N ARG B 334 35.99 -0.70 -19.33
CA ARG B 334 36.61 -0.84 -18.02
C ARG B 334 35.57 -0.99 -16.93
N ALA B 335 34.49 -0.22 -17.02
CA ALA B 335 33.36 -0.40 -16.10
C ALA B 335 32.63 -1.71 -16.34
N ASN B 336 32.90 -2.40 -17.44
CA ASN B 336 32.26 -3.68 -17.73
C ASN B 336 33.28 -4.81 -17.83
N ILE B 337 34.19 -4.89 -16.85
CA ILE B 337 35.23 -5.91 -16.86
C ILE B 337 34.80 -7.10 -16.01
N SER B 338 33.49 -7.23 -15.78
CA SER B 338 32.93 -8.35 -15.03
C SER B 338 31.71 -8.90 -15.74
N GLU B 339 31.86 -9.19 -17.04
CA GLU B 339 30.70 -9.50 -17.87
C GLU B 339 29.94 -10.74 -17.40
N LEU B 340 30.49 -11.95 -17.53
CA LEU B 340 29.98 -13.09 -16.78
C LEU B 340 31.07 -13.77 -15.96
N ILE B 341 32.05 -14.41 -16.60
CA ILE B 341 33.19 -14.99 -15.92
C ILE B 341 34.47 -14.69 -16.70
N SER B 342 34.31 -14.40 -17.99
CA SER B 342 35.47 -14.33 -18.89
C SER B 342 36.32 -13.11 -18.60
N PHE B 343 35.68 -11.95 -18.45
CA PHE B 343 36.42 -10.74 -18.09
C PHE B 343 37.03 -10.85 -16.71
N SER B 344 36.40 -11.63 -15.82
CA SER B 344 37.01 -11.92 -14.53
C SER B 344 38.32 -12.70 -14.71
N TRP B 345 38.31 -13.69 -15.60
CA TRP B 345 39.54 -14.43 -15.91
C TRP B 345 40.59 -13.51 -16.52
N LEU B 346 40.16 -12.58 -17.38
CA LEU B 346 41.08 -11.60 -17.94
C LEU B 346 41.71 -10.74 -16.84
N SER B 347 40.89 -10.30 -15.87
CA SER B 347 41.41 -9.53 -14.76
C SER B 347 42.41 -10.34 -13.94
N VAL B 348 42.09 -11.62 -13.68
CA VAL B 348 43.00 -12.47 -12.93
C VAL B 348 44.34 -12.62 -13.65
N LEU B 349 44.29 -12.87 -14.96
CA LEU B 349 45.52 -13.10 -15.70
C LEU B 349 46.35 -11.82 -15.80
N CYS B 350 45.71 -10.67 -15.98
CA CYS B 350 46.46 -9.43 -16.05
C CYS B 350 47.03 -9.04 -14.68
N VAL B 351 46.33 -9.39 -13.60
CA VAL B 351 46.86 -9.12 -12.26
C VAL B 351 48.07 -10.00 -12.00
N LEU B 352 47.98 -11.30 -12.34
CA LEU B 352 49.12 -12.18 -12.09
C LEU B 352 50.27 -11.94 -13.06
N LYS B 353 50.01 -11.33 -14.22
CA LYS B 353 51.08 -11.04 -15.17
C LYS B 353 52.06 -10.04 -14.59
N ASP B 354 51.57 -9.04 -13.87
CA ASP B 354 52.42 -8.01 -13.28
C ASP B 354 53.36 -8.61 -12.24
N VAL B 366 57.37 -17.36 -21.76
CA VAL B 366 56.35 -18.30 -21.34
C VAL B 366 55.64 -17.79 -20.09
N ASP B 367 54.39 -17.38 -20.26
CA ASP B 367 53.57 -16.86 -19.17
C ASP B 367 52.43 -17.84 -18.89
N PHE B 368 52.35 -18.31 -17.65
CA PHE B 368 51.32 -19.25 -17.21
C PHE B 368 51.30 -20.47 -18.14
N MET B 369 52.51 -20.98 -18.39
CA MET B 369 52.78 -22.14 -19.26
C MET B 369 51.93 -22.09 -20.53
N THR B 370 52.02 -20.95 -21.22
CA THR B 370 51.29 -20.69 -22.46
C THR B 370 49.78 -20.83 -22.26
N LEU B 371 49.28 -20.16 -21.21
CA LEU B 371 47.86 -20.13 -20.88
C LEU B 371 47.30 -21.54 -20.69
N LEU B 372 47.91 -22.27 -19.75
CA LEU B 372 47.52 -23.64 -19.39
C LEU B 372 47.38 -24.54 -20.62
N ALA B 373 48.08 -24.20 -21.70
CA ALA B 373 48.00 -24.93 -22.96
C ALA B 373 46.57 -25.08 -23.45
N ARG C 24 23.89 -20.36 -4.11
CA ARG C 24 25.14 -20.32 -3.35
C ARG C 24 26.02 -19.18 -3.81
N LEU C 25 26.18 -19.06 -5.14
CA LEU C 25 27.01 -17.98 -5.69
C LEU C 25 26.39 -16.62 -5.42
N LYS C 26 25.06 -16.50 -5.52
CA LYS C 26 24.38 -15.23 -5.31
C LYS C 26 24.24 -14.86 -3.84
N GLY C 27 24.57 -15.77 -2.92
CA GLY C 27 24.42 -15.50 -1.51
C GLY C 27 25.69 -15.00 -0.86
N LEU C 28 26.62 -14.50 -1.67
CA LEU C 28 27.89 -14.00 -1.14
C LEU C 28 27.67 -12.78 -0.25
N ARG C 29 28.40 -12.73 0.86
CA ARG C 29 28.34 -11.63 1.81
C ARG C 29 29.61 -10.80 1.68
N LEU C 30 29.44 -9.48 1.59
CA LEU C 30 30.55 -8.56 1.38
C LEU C 30 31.05 -7.94 2.68
N GLU C 31 30.52 -8.36 3.83
CA GLU C 31 30.97 -7.84 5.11
C GLU C 31 30.63 -8.83 6.21
N LEU C 32 31.39 -8.77 7.29
CA LEU C 32 31.13 -9.61 8.44
C LEU C 32 29.80 -9.21 9.09
N PRO C 33 29.09 -10.17 9.70
CA PRO C 33 27.83 -9.82 10.36
C PRO C 33 28.00 -8.80 11.48
N LEU C 34 29.11 -8.85 12.22
CA LEU C 34 29.35 -7.88 13.27
C LEU C 34 29.50 -6.47 12.70
N ASP C 35 30.30 -6.34 11.62
CA ASP C 35 30.47 -5.04 10.99
C ASP C 35 29.15 -4.53 10.43
N ARG C 36 28.37 -5.42 9.81
CA ARG C 36 27.08 -5.02 9.26
C ARG C 36 26.13 -4.52 10.35
N ILE C 37 26.07 -5.24 11.48
CA ILE C 37 25.15 -4.82 12.54
C ILE C 37 25.65 -3.53 13.19
N VAL C 38 26.97 -3.34 13.27
CA VAL C 38 27.51 -2.10 13.81
C VAL C 38 27.13 -0.93 12.92
N LYS C 39 27.29 -1.09 11.60
CA LYS C 39 26.88 -0.03 10.68
C LYS C 39 25.38 0.23 10.77
N PHE C 40 24.59 -0.84 10.86
CA PHE C 40 23.14 -0.69 10.96
C PHE C 40 22.74 0.09 12.20
N VAL C 41 23.37 -0.21 13.34
CA VAL C 41 23.08 0.52 14.57
C VAL C 41 23.51 1.97 14.44
N ALA C 42 24.73 2.20 13.95
CA ALA C 42 25.25 3.56 13.85
C ALA C 42 24.47 4.42 12.88
N VAL C 43 23.78 3.81 11.92
CA VAL C 43 22.93 4.58 11.01
C VAL C 43 21.52 4.74 11.57
N GLY C 44 20.96 3.69 12.19
CA GLY C 44 19.58 3.76 12.63
C GLY C 44 19.37 4.58 13.88
N SER C 45 20.35 4.60 14.79
CA SER C 45 20.18 5.37 16.02
C SER C 45 19.97 6.85 15.76
N PRO C 46 20.78 7.54 14.95
CA PRO C 46 20.46 8.95 14.64
C PRO C 46 19.11 9.13 13.98
N LEU C 47 18.71 8.20 13.11
CA LEU C 47 17.41 8.33 12.47
C LEU C 47 16.28 8.09 13.47
N LEU C 48 16.48 7.17 14.42
CA LEU C 48 15.50 6.97 15.47
C LEU C 48 15.35 8.24 16.32
N LEU C 49 16.47 8.87 16.66
CA LEU C 49 16.40 10.12 17.41
C LEU C 49 15.74 11.23 16.59
N MET C 50 15.98 11.23 15.28
CA MET C 50 15.31 12.18 14.40
C MET C 50 13.81 12.00 14.43
N SER C 51 13.35 10.76 14.34
CA SER C 51 11.93 10.48 14.40
C SER C 51 11.36 10.92 15.75
N LEU C 52 12.07 10.62 16.84
CA LEU C 52 11.60 11.04 18.15
C LEU C 52 11.50 12.56 18.26
N ALA C 53 12.49 13.27 17.72
CA ALA C 53 12.50 14.73 17.80
C ALA C 53 11.35 15.33 16.99
N PHE C 54 11.22 14.91 15.73
CA PHE C 54 10.14 15.44 14.90
C PHE C 54 8.77 14.96 15.33
N ALA C 55 8.69 13.93 16.18
CA ALA C 55 7.40 13.49 16.70
C ALA C 55 7.01 14.22 17.98
N GLN C 56 7.97 14.45 18.88
CA GLN C 56 7.69 15.09 20.16
C GLN C 56 7.96 16.59 20.15
N GLU C 57 8.33 17.16 19.02
CA GLU C 57 8.57 18.60 18.92
C GLU C 57 7.37 19.35 18.35
N PHE C 58 6.83 18.89 17.22
CA PHE C 58 5.75 19.58 16.53
C PHE C 58 4.38 18.96 16.78
N SER C 59 4.29 18.00 17.70
CA SER C 59 3.00 17.50 18.15
C SER C 59 2.49 18.23 19.39
N SER C 60 3.26 19.18 19.92
CA SER C 60 2.85 20.00 21.05
C SER C 60 3.08 21.49 20.78
N GLY C 61 3.16 21.88 19.52
CA GLY C 61 3.42 23.26 19.16
C GLY C 61 4.89 23.50 18.88
N SER C 62 5.47 24.50 19.56
CA SER C 62 6.88 24.81 19.45
C SER C 62 7.58 24.54 20.77
N PRO C 63 8.87 24.15 20.75
CA PRO C 63 9.59 23.81 21.98
C PRO C 63 9.99 25.02 22.81
N ILE C 64 9.03 25.92 23.04
CA ILE C 64 9.27 27.12 23.84
C ILE C 64 7.92 27.68 24.27
N SER C 65 7.83 28.13 25.52
CA SER C 65 6.66 28.80 26.03
C SER C 65 7.11 30.05 26.78
N CYS C 66 6.57 31.19 26.38
CA CYS C 66 7.01 32.49 26.88
C CYS C 66 5.94 33.10 27.77
N PHE C 67 6.35 33.55 28.96
CA PHE C 67 5.43 34.12 29.94
C PHE C 67 5.21 35.60 29.61
N SER C 68 4.44 35.82 28.56
CA SER C 68 4.05 37.17 28.20
C SER C 68 3.13 37.77 29.26
N PRO C 69 3.19 39.08 29.47
CA PRO C 69 2.36 39.70 30.51
C PRO C 69 0.88 39.56 30.20
N SER C 70 0.05 39.91 31.19
CA SER C 70 -1.38 39.72 31.07
C SER C 70 -2.01 40.71 30.08
N ASN C 71 -1.46 41.91 29.96
CA ASN C 71 -2.04 42.92 29.09
C ASN C 71 -1.87 42.59 27.61
N PHE C 72 -0.99 41.66 27.26
CA PHE C 72 -0.83 41.29 25.86
C PHE C 72 -2.03 40.49 25.38
N SER C 73 -2.43 40.74 24.14
CA SER C 73 -3.45 39.92 23.50
C SER C 73 -2.83 38.58 23.09
N ILE C 74 -3.67 37.69 22.55
CA ILE C 74 -3.17 36.38 22.15
C ILE C 74 -2.21 36.50 20.98
N ARG C 75 -2.51 37.38 20.01
CA ARG C 75 -1.64 37.54 18.86
C ARG C 75 -0.29 38.11 19.25
N GLN C 76 -0.27 39.10 20.15
CA GLN C 76 1.01 39.64 20.61
C GLN C 76 1.80 38.62 21.38
N ALA C 77 1.12 37.79 22.19
CA ALA C 77 1.82 36.72 22.89
C ALA C 77 2.43 35.72 21.91
N ALA C 78 1.69 35.37 20.86
CA ALA C 78 2.24 34.47 19.85
C ALA C 78 3.44 35.10 19.13
N TYR C 79 3.37 36.41 18.87
CA TYR C 79 4.50 37.08 18.24
C TYR C 79 5.73 37.06 19.14
N VAL C 80 5.54 37.30 20.44
CA VAL C 80 6.66 37.25 21.37
C VAL C 80 7.24 35.83 21.41
N ASP C 81 6.36 34.82 21.43
CA ASP C 81 6.81 33.44 21.42
C ASP C 81 7.68 33.15 20.20
N SER C 82 7.18 33.51 19.01
CA SER C 82 7.92 33.23 17.78
C SER C 82 9.24 34.00 17.74
N SER C 83 9.22 35.27 18.16
CA SER C 83 10.44 36.07 18.12
C SER C 83 11.50 35.51 19.06
N CYS C 84 11.11 35.12 20.27
CA CYS C 84 12.07 34.55 21.20
C CYS C 84 12.55 33.19 20.74
N TRP C 85 11.69 32.40 20.09
CA TRP C 85 12.13 31.12 19.55
C TRP C 85 13.16 31.31 18.44
N ASP C 86 12.94 32.30 17.57
CA ASP C 86 13.88 32.55 16.48
C ASP C 86 15.20 33.10 17.01
N SER C 87 15.14 34.08 17.91
CA SER C 87 16.36 34.72 18.41
C SER C 87 17.19 33.75 19.23
N LEU C 88 16.56 33.09 20.21
CA LEU C 88 17.25 32.14 21.09
C LEU C 88 18.47 32.79 21.75
N LEU C 89 18.31 34.03 22.19
CA LEU C 89 19.38 34.78 22.82
C LEU C 89 19.14 34.88 24.32
N HIS C 90 20.23 35.07 25.07
CA HIS C 90 20.19 35.23 26.52
C HIS C 90 20.77 36.59 26.87
N HIS C 91 20.08 37.31 27.75
CA HIS C 91 20.49 38.67 28.09
C HIS C 91 20.88 38.77 29.56
N LYS C 92 21.67 37.81 30.03
CA LYS C 92 22.09 37.79 31.43
C LYS C 92 22.80 39.09 31.80
N GLN C 93 22.42 39.66 32.94
CA GLN C 93 23.01 40.90 33.42
C GLN C 93 22.93 40.99 34.94
N ASP C 99 27.26 43.77 28.44
CA ASP C 99 26.07 42.93 28.53
C ASP C 99 26.32 41.56 27.91
N LYS C 100 26.14 40.51 28.72
CA LYS C 100 26.33 39.15 28.22
C LYS C 100 25.30 38.84 27.14
N MET C 101 25.74 38.11 26.12
CA MET C 101 24.89 37.75 24.99
C MET C 101 25.07 36.29 24.62
N LYS C 102 25.07 35.41 25.63
CA LYS C 102 25.19 33.98 25.37
C LYS C 102 24.02 33.49 24.53
N SER C 103 24.30 32.59 23.60
CA SER C 103 23.28 32.04 22.71
C SER C 103 22.96 30.60 23.10
N LEU C 104 21.79 30.16 22.68
CA LEU C 104 21.29 28.80 22.90
C LEU C 104 20.91 28.16 21.58
N TRP C 105 21.80 28.26 20.60
CA TRP C 105 21.52 27.74 19.27
C TRP C 105 21.25 26.24 19.20
N PRO C 106 21.98 25.35 19.91
CA PRO C 106 21.85 23.92 19.62
C PRO C 106 20.44 23.38 19.76
N HIS C 107 19.64 23.92 20.68
CA HIS C 107 18.28 23.42 20.87
C HIS C 107 17.45 23.53 19.60
N LYS C 108 17.77 24.51 18.74
CA LYS C 108 17.07 24.62 17.47
C LYS C 108 17.78 23.88 16.34
N ALA C 109 19.07 23.59 16.49
CA ALA C 109 19.84 22.87 15.50
C ALA C 109 20.06 21.41 15.87
N LEU C 110 19.43 20.93 16.95
CA LEU C 110 19.65 19.56 17.39
C LEU C 110 19.28 18.54 16.33
N PRO C 111 18.09 18.58 15.69
CA PRO C 111 17.80 17.59 14.64
C PRO C 111 18.75 17.69 13.46
N TYR C 112 18.79 18.87 12.82
CA TYR C 112 19.52 19.01 11.56
C TYR C 112 20.99 18.62 11.72
N SER C 113 21.63 19.08 12.80
CA SER C 113 23.01 18.70 13.04
C SER C 113 23.16 17.18 13.06
N LEU C 114 22.31 16.50 13.83
CA LEU C 114 22.38 15.05 13.89
C LEU C 114 22.19 14.43 12.51
N LEU C 115 21.40 15.07 11.66
CA LEU C 115 21.21 14.56 10.30
C LEU C 115 22.54 14.47 9.58
N ALA C 116 23.38 15.51 9.70
CA ALA C 116 24.72 15.45 9.13
C ALA C 116 25.45 14.22 9.66
N LEU C 117 25.37 14.01 10.97
CA LEU C 117 26.00 12.83 11.57
C LEU C 117 25.53 11.56 10.87
N ALA C 118 24.22 11.45 10.63
CA ALA C 118 23.69 10.29 9.92
C ALA C 118 24.38 10.15 8.56
N LEU C 119 24.45 11.24 7.80
CA LEU C 119 25.15 11.19 6.52
C LEU C 119 26.60 10.77 6.71
N LEU C 120 27.23 11.28 7.77
CA LEU C 120 28.60 10.87 8.06
C LEU C 120 28.68 9.36 8.29
N MET C 121 27.73 8.81 9.03
CA MET C 121 27.72 7.36 9.26
C MET C 121 27.53 6.59 7.96
N TYR C 122 26.98 7.23 6.93
CA TYR C 122 26.80 6.59 5.64
C TYR C 122 27.91 6.94 4.64
N LEU C 123 28.91 7.71 5.08
CA LEU C 123 29.98 8.10 4.16
C LEU C 123 30.99 6.97 3.93
N PRO C 124 31.60 6.39 4.98
CA PRO C 124 32.60 5.33 4.71
C PRO C 124 32.01 4.11 4.02
N VAL C 125 30.78 3.73 4.35
CA VAL C 125 30.19 2.52 3.79
C VAL C 125 30.10 2.63 2.28
N LEU C 126 29.62 3.77 1.78
CA LEU C 126 29.61 4.00 0.34
C LEU C 126 31.02 3.88 -0.23
N LEU C 127 32.01 4.43 0.48
CA LEU C 127 33.40 4.22 0.09
C LEU C 127 33.70 2.73 -0.02
N TRP C 128 33.34 1.97 1.00
CA TRP C 128 33.54 0.52 0.95
C TRP C 128 32.79 -0.10 -0.22
N GLN C 129 31.65 0.48 -0.60
CA GLN C 129 30.90 -0.05 -1.73
C GLN C 129 31.47 0.38 -3.07
N TYR C 130 32.34 1.38 -3.09
CA TYR C 130 32.88 1.90 -4.34
C TYR C 130 34.40 1.82 -4.42
N ALA C 131 35.04 1.09 -3.50
CA ALA C 131 36.48 0.94 -3.51
C ALA C 131 36.98 -0.47 -3.34
N ALA C 132 36.17 -1.40 -2.82
CA ALA C 132 36.63 -2.76 -2.62
C ALA C 132 35.63 -3.84 -3.04
N VAL C 133 34.36 -3.51 -3.27
CA VAL C 133 33.37 -4.54 -3.58
C VAL C 133 33.68 -5.28 -4.88
N PRO C 134 33.98 -4.62 -6.00
CA PRO C 134 34.18 -5.38 -7.25
C PRO C 134 35.40 -6.30 -7.20
N ALA C 135 36.55 -5.79 -6.78
CA ALA C 135 37.75 -6.62 -6.72
C ALA C 135 37.59 -7.77 -5.75
N LEU C 136 37.03 -7.51 -4.57
CA LEU C 136 36.81 -8.57 -3.61
C LEU C 136 35.84 -9.63 -4.14
N SER C 137 34.77 -9.19 -4.80
CA SER C 137 33.81 -10.14 -5.35
C SER C 137 34.44 -11.01 -6.44
N SER C 138 35.21 -10.40 -7.33
CA SER C 138 35.86 -11.17 -8.39
C SER C 138 36.86 -12.17 -7.80
N ASP C 139 37.66 -11.72 -6.83
CA ASP C 139 38.63 -12.61 -6.22
C ASP C 139 37.95 -13.75 -5.47
N LEU C 140 36.85 -13.44 -4.76
CA LEU C 140 36.13 -14.49 -4.04
C LEU C 140 35.52 -15.51 -5.00
N LEU C 141 34.95 -15.05 -6.12
CA LEU C 141 34.39 -15.98 -7.09
C LEU C 141 35.47 -16.86 -7.70
N PHE C 142 36.61 -16.27 -8.07
CA PHE C 142 37.70 -17.06 -8.62
C PHE C 142 38.22 -18.07 -7.60
N ILE C 143 38.37 -17.65 -6.34
CA ILE C 143 38.87 -18.53 -5.30
C ILE C 143 37.90 -19.67 -5.05
N ILE C 144 36.60 -19.38 -5.02
CA ILE C 144 35.63 -20.45 -4.76
C ILE C 144 35.60 -21.43 -5.93
N SER C 145 35.74 -20.94 -7.16
CA SER C 145 35.79 -21.85 -8.30
C SER C 145 37.03 -22.74 -8.23
N GLU C 146 38.19 -22.16 -7.88
CA GLU C 146 39.40 -22.96 -7.76
C GLU C 146 39.30 -23.96 -6.61
N LEU C 147 38.64 -23.57 -5.51
CA LEU C 147 38.45 -24.48 -4.40
C LEU C 147 37.57 -25.66 -4.80
N ASP C 148 36.50 -25.39 -5.56
CA ASP C 148 35.65 -26.49 -6.04
C ASP C 148 36.43 -27.41 -6.97
N LYS C 149 37.24 -26.83 -7.87
CA LYS C 149 38.04 -27.63 -8.78
C LYS C 149 39.05 -28.49 -8.02
N SER C 150 39.70 -27.92 -7.01
CA SER C 150 40.67 -28.66 -6.21
C SER C 150 39.99 -29.78 -5.41
N TYR C 151 38.80 -29.51 -4.88
CA TYR C 151 38.07 -30.56 -4.17
C TYR C 151 37.71 -31.71 -5.11
N ASN C 152 37.25 -31.39 -6.32
CA ASN C 152 36.94 -32.44 -7.28
C ASN C 152 38.19 -33.22 -7.67
N ARG C 153 39.31 -32.53 -7.87
CA ARG C 153 40.55 -33.20 -8.21
C ARG C 153 41.01 -34.13 -7.09
N SER C 154 40.89 -33.67 -5.84
CA SER C 154 41.26 -34.53 -4.71
C SER C 154 40.34 -35.74 -4.62
N ILE C 155 39.05 -35.55 -4.87
CA ILE C 155 38.11 -36.67 -4.85
C ILE C 155 38.49 -37.69 -5.92
N ARG C 156 38.85 -37.22 -7.11
CA ARG C 156 39.29 -38.14 -8.15
C ARG C 156 40.59 -38.84 -7.79
N LEU C 157 41.52 -38.12 -7.17
CA LEU C 157 42.85 -38.66 -6.92
C LEU C 157 42.88 -39.66 -5.77
N VAL C 158 42.03 -39.47 -4.74
CA VAL C 158 42.06 -40.38 -3.61
C VAL C 158 41.62 -41.79 -4.03
N GLN C 159 40.69 -41.89 -4.97
CA GLN C 159 40.23 -43.18 -5.46
C GLN C 159 41.34 -43.91 -6.23
N TYR C 186 50.28 -32.31 -10.63
CA TYR C 186 48.97 -32.84 -10.29
C TYR C 186 48.56 -32.44 -8.88
N PHE C 187 49.48 -32.59 -7.93
CA PHE C 187 49.18 -32.25 -6.55
C PHE C 187 49.15 -30.74 -6.33
N GLU C 188 50.12 -30.02 -6.92
CA GLU C 188 50.26 -28.60 -6.70
C GLU C 188 49.53 -27.81 -7.78
N PHE C 189 49.09 -26.61 -7.42
CA PHE C 189 48.42 -25.70 -8.34
C PHE C 189 49.30 -24.49 -8.59
N PRO C 190 49.83 -24.30 -9.80
CA PRO C 190 50.68 -23.13 -10.04
C PRO C 190 49.90 -21.84 -10.14
N LEU C 191 48.68 -21.87 -10.69
CA LEU C 191 47.88 -20.65 -10.79
C LEU C 191 47.55 -20.09 -9.41
N LEU C 192 47.08 -20.95 -8.50
CA LEU C 192 46.74 -20.50 -7.16
C LEU C 192 47.99 -20.03 -6.41
N GLU C 193 49.11 -20.74 -6.59
CA GLU C 193 50.35 -20.32 -5.93
C GLU C 193 50.78 -18.94 -6.40
N ARG C 194 50.74 -18.71 -7.71
CA ARG C 194 51.13 -17.40 -8.23
C ARG C 194 50.17 -16.31 -7.76
N TYR C 195 48.86 -16.60 -7.76
CA TYR C 195 47.89 -15.60 -7.31
C TYR C 195 48.08 -15.26 -5.84
N LEU C 196 48.34 -16.26 -5.01
CA LEU C 196 48.58 -15.99 -3.59
C LEU C 196 49.88 -15.23 -3.39
N ALA C 197 50.92 -15.55 -4.18
CA ALA C 197 52.16 -14.79 -4.07
C ALA C 197 51.96 -13.33 -4.46
N CYS C 198 51.17 -13.08 -5.51
CA CYS C 198 50.86 -11.71 -5.89
C CYS C 198 50.04 -10.99 -4.83
N LYS C 199 49.05 -11.69 -4.25
CA LYS C 199 48.19 -11.06 -3.25
C LYS C 199 48.94 -10.77 -1.96
N GLN C 200 49.97 -11.56 -1.65
CA GLN C 200 50.76 -11.31 -0.45
C GLN C 200 51.56 -10.02 -0.57
N ARG C 201 51.67 -9.45 -1.76
CA ARG C 201 52.41 -8.20 -1.98
C ARG C 201 51.51 -6.99 -2.11
N SER C 202 50.28 -7.14 -2.59
CA SER C 202 49.38 -6.01 -2.75
C SER C 202 48.84 -5.57 -1.39
N HIS C 203 48.47 -4.29 -1.33
CA HIS C 203 47.96 -3.69 -0.10
C HIS C 203 46.75 -2.80 -0.39
N SER C 204 45.82 -3.31 -1.18
CA SER C 204 44.65 -2.51 -1.56
C SER C 204 43.48 -2.72 -0.61
N LEU C 205 43.02 -3.97 -0.49
CA LEU C 205 41.85 -4.24 0.34
C LEU C 205 42.13 -3.94 1.80
N VAL C 206 43.33 -4.26 2.28
CA VAL C 206 43.70 -3.91 3.65
C VAL C 206 43.67 -2.39 3.84
N ALA C 207 44.15 -1.65 2.85
CA ALA C 207 44.11 -0.19 2.93
C ALA C 207 42.67 0.32 3.01
N THR C 208 41.78 -0.22 2.18
CA THR C 208 40.39 0.21 2.22
C THR C 208 39.74 -0.11 3.55
N TYR C 209 40.00 -1.31 4.09
CA TYR C 209 39.42 -1.70 5.36
C TYR C 209 39.90 -0.80 6.49
N LEU C 210 41.21 -0.59 6.58
CA LEU C 210 41.74 0.26 7.63
C LEU C 210 41.25 1.69 7.49
N LEU C 211 41.16 2.19 6.26
CA LEU C 211 40.68 3.55 6.04
C LEU C 211 39.21 3.69 6.46
N ARG C 212 38.38 2.71 6.14
CA ARG C 212 36.98 2.77 6.54
C ARG C 212 36.86 2.76 8.06
N ASN C 213 37.58 1.87 8.73
CA ASN C 213 37.49 1.81 10.19
C ASN C 213 38.03 3.10 10.82
N SER C 214 39.12 3.64 10.28
CA SER C 214 39.67 4.89 10.81
C SER C 214 38.71 6.05 10.60
N LEU C 215 38.03 6.09 9.44
CA LEU C 215 37.06 7.15 9.21
C LEU C 215 35.90 7.06 10.19
N LEU C 216 35.41 5.84 10.44
CA LEU C 216 34.32 5.70 11.40
C LEU C 216 34.76 6.11 12.80
N LEU C 217 35.97 5.71 13.20
CA LEU C 217 36.48 6.11 14.51
C LEU C 217 36.66 7.62 14.61
N ILE C 218 37.15 8.25 13.55
CA ILE C 218 37.34 9.70 13.54
C ILE C 218 35.99 10.41 13.66
N PHE C 219 34.98 9.90 12.94
CA PHE C 219 33.66 10.51 13.04
C PHE C 219 33.09 10.37 14.45
N THR C 220 33.28 9.20 15.08
CA THR C 220 32.83 9.03 16.45
C THR C 220 33.55 9.98 17.41
N SER C 221 34.85 10.16 17.21
CA SER C 221 35.60 11.10 18.04
C SER C 221 35.12 12.53 17.83
N ALA C 222 34.80 12.88 16.59
CA ALA C 222 34.27 14.21 16.31
C ALA C 222 32.92 14.42 16.98
N THR C 223 32.06 13.39 16.98
CA THR C 223 30.80 13.49 17.70
C THR C 223 31.03 13.66 19.20
N TYR C 224 32.02 12.93 19.73
CA TYR C 224 32.36 13.09 21.15
C TYR C 224 32.79 14.52 21.44
N LEU C 225 33.64 15.09 20.59
CA LEU C 225 34.09 16.47 20.80
C LEU C 225 32.92 17.45 20.71
N TYR C 226 32.03 17.24 19.74
CA TYR C 226 30.88 18.12 19.58
C TYR C 226 30.00 18.09 20.83
N LEU C 227 29.68 16.90 21.32
CA LEU C 227 28.84 16.79 22.51
C LEU C 227 29.52 17.36 23.74
N GLY C 228 30.82 17.11 23.89
CA GLY C 228 31.53 17.61 25.05
C GLY C 228 31.96 19.06 24.97
N HIS C 229 31.75 19.72 23.83
CA HIS C 229 32.07 21.13 23.72
C HIS C 229 30.86 22.04 23.55
N PHE C 230 29.72 21.51 23.10
CA PHE C 230 28.56 22.36 22.86
C PHE C 230 27.36 22.06 23.74
N HIS C 231 27.26 20.86 24.29
CA HIS C 231 26.04 20.44 24.98
C HIS C 231 26.21 20.30 26.49
N LEU C 232 27.24 20.88 27.08
CA LEU C 232 27.33 20.93 28.54
C LEU C 232 27.26 22.33 29.11
N ASP C 233 27.48 23.37 28.30
CA ASP C 233 27.25 24.73 28.75
C ASP C 233 25.77 25.10 28.68
N VAL C 234 24.96 24.26 28.05
CA VAL C 234 23.52 24.49 27.93
C VAL C 234 22.72 23.43 28.67
N PHE C 235 23.38 22.39 29.20
CA PHE C 235 22.69 21.20 29.68
C PHE C 235 21.85 21.47 30.92
N PHE C 236 22.00 22.64 31.55
CA PHE C 236 21.21 23.03 32.72
C PHE C 236 20.60 24.42 32.52
N GLN C 237 20.00 24.66 31.37
CA GLN C 237 19.29 25.90 31.08
C GLN C 237 17.80 25.61 31.04
N GLU C 238 17.12 25.89 32.15
CA GLU C 238 15.68 25.71 32.20
C GLU C 238 14.94 26.91 31.60
N GLU C 239 15.25 28.11 32.09
CA GLU C 239 14.58 29.32 31.63
C GLU C 239 15.62 30.39 31.30
N PHE C 240 15.28 31.25 30.35
CA PHE C 240 16.19 32.29 29.91
C PHE C 240 15.40 33.54 29.56
N SER C 241 16.03 34.70 29.76
CA SER C 241 15.42 35.95 29.36
C SER C 241 15.56 36.15 27.86
N CYS C 242 14.69 37.00 27.32
CA CYS C 242 14.65 37.28 25.90
C CYS C 242 14.07 38.66 25.70
N SER C 243 14.72 39.47 24.87
CA SER C 243 14.32 40.86 24.65
C SER C 243 13.99 41.04 23.17
N ILE C 244 12.84 41.66 22.91
CA ILE C 244 12.42 41.97 21.56
C ILE C 244 12.50 43.50 21.34
N LYS C 245 13.27 44.17 22.19
CA LYS C 245 13.44 45.62 22.13
C LYS C 245 14.65 46.02 21.29
N THR C 246 14.91 45.25 20.25
CA THR C 246 16.02 45.46 19.33
C THR C 246 15.45 45.69 17.94
N GLY C 247 15.74 46.84 17.36
CA GLY C 247 15.28 47.16 16.02
C GLY C 247 14.17 48.21 16.03
N LEU C 248 13.11 47.95 15.27
CA LEU C 248 12.05 48.94 15.09
C LEU C 248 11.25 49.16 16.38
N LEU C 249 11.07 48.11 17.17
CA LEU C 249 10.30 48.21 18.41
C LEU C 249 11.10 48.84 19.54
N SER C 250 12.26 49.46 19.24
CA SER C 250 13.09 50.01 20.30
C SER C 250 12.38 51.12 21.06
N ASP C 251 11.65 51.98 20.36
CA ASP C 251 10.98 53.10 20.99
C ASP C 251 9.58 52.75 21.50
N GLU C 252 9.12 51.52 21.30
CA GLU C 252 7.81 51.12 21.80
C GLU C 252 7.83 51.00 23.32
N THR C 253 6.74 51.43 23.96
CA THR C 253 6.59 51.34 25.40
C THR C 253 5.50 50.38 25.83
N HIS C 254 4.93 49.62 24.89
CA HIS C 254 3.85 48.69 25.18
C HIS C 254 4.36 47.31 25.59
N VAL C 255 5.66 47.05 25.47
CA VAL C 255 6.21 45.73 25.78
C VAL C 255 7.31 45.88 26.84
N PRO C 256 7.52 44.88 27.69
CA PRO C 256 8.59 44.98 28.68
C PRO C 256 9.96 44.82 28.03
N ASN C 257 10.99 45.19 28.80
CA ASN C 257 12.35 45.10 28.29
C ASN C 257 12.84 43.65 28.26
N LEU C 258 12.48 42.85 29.27
CA LEU C 258 12.93 41.46 29.36
C LEU C 258 11.72 40.56 29.59
N ILE C 259 11.61 39.50 28.79
CA ILE C 259 10.55 38.52 28.92
C ILE C 259 11.17 37.16 29.16
N THR C 260 10.76 36.48 30.22
CA THR C 260 11.30 35.17 30.54
C THR C 260 10.60 34.10 29.72
N CYS C 261 11.35 33.07 29.31
CA CYS C 261 10.80 31.96 28.57
C CYS C 261 11.49 30.67 29.00
N ARG C 262 10.72 29.62 29.21
CA ARG C 262 11.25 28.32 29.57
C ARG C 262 11.12 27.35 28.42
N LEU C 263 12.18 26.60 28.14
CA LEU C 263 12.20 25.68 27.02
C LEU C 263 11.50 24.37 27.38
N THR C 264 10.56 23.96 26.54
CA THR C 264 9.78 22.76 26.81
C THR C 264 10.60 21.49 26.57
N SER C 265 11.38 21.46 25.50
CA SER C 265 12.07 20.25 25.07
C SER C 265 13.42 20.04 25.74
N LEU C 266 13.65 20.62 26.92
CA LEU C 266 14.93 20.45 27.59
C LEU C 266 15.19 18.99 27.94
N SER C 267 14.18 18.33 28.53
CA SER C 267 14.35 16.93 28.93
C SER C 267 14.57 16.03 27.72
N ILE C 268 13.84 16.30 26.63
CA ILE C 268 13.99 15.50 25.42
C ILE C 268 15.41 15.65 24.87
N PHE C 269 15.92 16.88 24.84
CA PHE C 269 17.27 17.13 24.37
C PHE C 269 18.30 16.42 25.25
N GLN C 270 18.10 16.46 26.56
CA GLN C 270 19.01 15.78 27.48
C GLN C 270 19.02 14.28 27.22
N ILE C 271 17.84 13.69 27.06
CA ILE C 271 17.73 12.26 26.80
C ILE C 271 18.39 11.90 25.48
N VAL C 272 18.19 12.73 24.46
CA VAL C 272 18.79 12.45 23.16
C VAL C 272 20.31 12.47 23.26
N SER C 273 20.87 13.48 23.94
CA SER C 273 22.32 13.58 24.07
C SER C 273 22.87 12.38 24.83
N LEU C 274 22.23 12.00 25.94
CA LEU C 274 22.70 10.87 26.72
C LEU C 274 22.62 9.58 25.93
N SER C 275 21.53 9.39 25.19
CA SER C 275 21.39 8.19 24.37
C SER C 275 22.49 8.12 23.32
N SER C 276 22.78 9.25 22.67
CA SER C 276 23.82 9.28 21.64
C SER C 276 25.17 8.90 22.23
N VAL C 277 25.55 9.53 23.35
CA VAL C 277 26.87 9.27 23.91
C VAL C 277 26.97 7.82 24.39
N ALA C 278 25.90 7.30 25.02
CA ALA C 278 25.94 5.92 25.49
C ALA C 278 26.04 4.94 24.33
N ILE C 279 25.27 5.18 23.26
CA ILE C 279 25.27 4.27 22.12
C ILE C 279 26.65 4.23 21.48
N TYR C 280 27.27 5.40 21.29
CA TYR C 280 28.57 5.41 20.64
C TYR C 280 29.67 4.87 21.56
N THR C 281 29.53 5.04 22.88
CA THR C 281 30.45 4.38 23.81
C THR C 281 30.34 2.87 23.72
N ILE C 282 29.12 2.34 23.60
CA ILE C 282 28.95 0.90 23.43
C ILE C 282 29.50 0.45 22.08
N LEU C 283 29.38 1.27 21.05
CA LEU C 283 29.78 0.88 19.71
C LEU C 283 31.29 0.90 19.48
N VAL C 284 32.03 1.83 20.10
CA VAL C 284 33.45 1.99 19.79
C VAL C 284 34.29 0.74 20.08
N PRO C 285 34.11 0.01 21.21
CA PRO C 285 35.01 -1.14 21.42
C PRO C 285 34.85 -2.23 20.38
N VAL C 286 33.65 -2.40 19.82
CA VAL C 286 33.46 -3.40 18.78
C VAL C 286 34.23 -3.00 17.52
N ILE C 287 34.26 -1.70 17.23
CA ILE C 287 35.07 -1.21 16.11
C ILE C 287 36.54 -1.47 16.38
N ILE C 288 36.98 -1.25 17.62
CA ILE C 288 38.37 -1.53 17.98
C ILE C 288 38.69 -3.01 17.77
N TYR C 289 37.77 -3.89 18.18
CA TYR C 289 37.99 -5.33 18.01
C TYR C 289 38.03 -5.71 16.53
N ASN C 290 37.14 -5.13 15.73
CA ASN C 290 37.17 -5.40 14.29
C ASN C 290 38.44 -4.89 13.64
N LEU C 291 39.01 -3.81 14.15
CA LEU C 291 40.29 -3.32 13.63
C LEU C 291 41.44 -4.23 14.03
N THR C 292 41.47 -4.67 15.28
CA THR C 292 42.56 -5.51 15.76
C THR C 292 42.45 -6.96 15.29
N ARG C 293 41.29 -7.37 14.77
CA ARG C 293 41.17 -8.71 14.20
C ARG C 293 42.16 -8.92 13.07
N LEU C 294 42.38 -7.88 12.26
CA LEU C 294 43.34 -7.97 11.16
C LEU C 294 44.77 -8.09 11.67
N CYS C 295 45.05 -7.59 12.88
CA CYS C 295 46.41 -7.58 13.40
C CYS C 295 46.90 -8.97 13.79
N ARG C 296 46.01 -9.95 13.92
CA ARG C 296 46.38 -11.31 14.31
C ARG C 296 46.05 -12.24 13.15
N TRP C 297 47.01 -13.10 12.79
CA TRP C 297 46.81 -14.01 11.68
C TRP C 297 45.79 -15.09 12.04
N ASP C 298 45.15 -15.63 11.01
CA ASP C 298 44.10 -16.64 11.19
C ASP C 298 44.71 -18.02 11.49
N LYS C 299 45.43 -18.08 12.62
CA LYS C 299 46.06 -19.33 13.03
C LYS C 299 45.03 -20.34 13.54
N ARG C 300 43.88 -19.87 14.01
CA ARG C 300 42.89 -20.76 14.60
C ARG C 300 42.42 -21.84 13.63
N LEU C 301 42.57 -21.61 12.32
CA LEU C 301 42.15 -22.58 11.31
C LEU C 301 43.33 -23.17 10.55
N LEU C 302 44.56 -23.01 11.05
CA LEU C 302 45.72 -23.49 10.30
C LEU C 302 45.66 -25.00 10.10
N SER C 303 45.30 -25.74 11.14
CA SER C 303 45.16 -27.18 11.00
C SER C 303 44.06 -27.53 10.02
N VAL C 304 43.07 -26.65 9.85
CA VAL C 304 42.06 -26.84 8.82
C VAL C 304 42.71 -26.90 7.44
N TYR C 305 43.65 -25.98 7.18
CA TYR C 305 44.37 -26.01 5.91
C TYR C 305 45.18 -27.28 5.76
N GLU C 306 45.41 -28.02 6.85
CA GLU C 306 46.12 -29.28 6.79
C GLU C 306 45.28 -30.41 6.17
N MET C 307 43.98 -30.19 5.93
CA MET C 307 43.18 -31.25 5.35
C MET C 307 43.68 -31.64 3.97
N LEU C 308 44.30 -30.70 3.25
CA LEU C 308 44.94 -30.97 1.98
C LEU C 308 46.37 -30.44 2.05
N PRO C 309 47.38 -31.27 1.77
CA PRO C 309 48.76 -30.75 1.78
C PRO C 309 48.99 -29.63 0.78
N ALA C 310 48.23 -29.59 -0.32
CA ALA C 310 48.32 -28.45 -1.23
C ALA C 310 47.87 -27.17 -0.55
N PHE C 311 46.79 -27.24 0.24
CA PHE C 311 46.35 -26.07 1.00
C PHE C 311 47.40 -25.69 2.04
N ASP C 312 48.07 -26.67 2.63
CA ASP C 312 49.15 -26.37 3.56
C ASP C 312 50.30 -25.65 2.86
N LEU C 313 50.67 -26.10 1.65
CA LEU C 313 51.73 -25.43 0.91
C LEU C 313 51.33 -24.02 0.53
N LEU C 314 50.07 -23.83 0.17
CA LEU C 314 49.56 -22.47 -0.01
C LEU C 314 49.68 -21.67 1.27
N SER C 315 49.45 -22.32 2.41
CA SER C 315 49.58 -21.72 3.73
C SER C 315 50.99 -21.89 4.30
N ARG C 316 51.96 -22.29 3.50
CA ARG C 316 53.34 -22.27 3.95
C ARG C 316 53.80 -20.84 4.16
N LYS C 317 54.59 -20.62 5.22
CA LYS C 317 55.16 -19.32 5.54
C LYS C 317 54.09 -18.24 5.74
N MET C 318 53.00 -18.62 6.42
CA MET C 318 51.95 -17.65 6.72
C MET C 318 52.46 -16.57 7.68
N LEU C 319 53.52 -16.86 8.42
CA LEU C 319 54.05 -15.90 9.37
C LEU C 319 54.58 -14.66 8.63
N GLY C 320 54.35 -13.50 9.22
CA GLY C 320 54.79 -12.27 8.61
C GLY C 320 53.98 -11.10 9.15
N CYS C 321 54.20 -9.94 8.54
CA CYS C 321 53.45 -8.76 8.92
C CYS C 321 52.00 -8.89 8.48
N PRO C 322 51.03 -8.71 9.36
CA PRO C 322 49.64 -9.06 9.06
C PRO C 322 48.89 -8.05 8.19
N ILE C 323 49.55 -7.09 7.56
CA ILE C 323 48.87 -6.12 6.70
C ILE C 323 49.01 -6.63 5.26
N ASN C 324 48.00 -7.37 4.82
CA ASN C 324 47.96 -7.86 3.44
C ASN C 324 46.54 -8.26 3.10
N ASP C 325 46.29 -8.41 1.80
CA ASP C 325 44.98 -8.85 1.32
C ASP C 325 44.67 -10.26 1.81
N LEU C 326 45.69 -11.06 2.12
CA LEU C 326 45.48 -12.45 2.50
C LEU C 326 44.62 -12.56 3.76
N ASN C 327 44.83 -11.67 4.73
CA ASN C 327 44.03 -11.73 5.96
C ASN C 327 42.56 -11.49 5.67
N VAL C 328 42.25 -10.49 4.84
CA VAL C 328 40.86 -10.20 4.50
C VAL C 328 40.24 -11.36 3.73
N ILE C 329 41.01 -11.95 2.80
CA ILE C 329 40.51 -13.09 2.05
C ILE C 329 40.22 -14.26 2.98
N LEU C 330 41.12 -14.52 3.94
CA LEU C 330 40.90 -15.61 4.88
C LEU C 330 39.66 -15.36 5.73
N LEU C 331 39.47 -14.12 6.20
CA LEU C 331 38.29 -13.81 6.98
C LEU C 331 37.02 -14.01 6.17
N PHE C 332 37.01 -13.58 4.90
CA PHE C 332 35.81 -13.73 4.09
C PHE C 332 35.54 -15.19 3.75
N LEU C 333 36.57 -15.99 3.46
CA LEU C 333 36.32 -17.40 3.21
C LEU C 333 35.89 -18.13 4.48
N ARG C 334 36.38 -17.70 5.64
CA ARG C 334 35.87 -18.22 6.90
C ARG C 334 34.39 -17.89 7.07
N ALA C 335 34.00 -16.67 6.69
CA ALA C 335 32.60 -16.30 6.66
C ALA C 335 31.82 -17.04 5.58
N ASN C 336 32.52 -17.70 4.64
CA ASN C 336 31.86 -18.45 3.59
C ASN C 336 32.22 -19.93 3.64
N ILE C 337 32.12 -20.54 4.82
CA ILE C 337 32.46 -21.94 5.01
C ILE C 337 31.20 -22.79 4.93
N SER C 338 30.15 -22.26 4.32
CA SER C 338 28.89 -22.98 4.14
C SER C 338 28.39 -22.78 2.71
N GLU C 339 29.27 -23.02 1.73
CA GLU C 339 28.97 -22.64 0.35
C GLU C 339 27.73 -23.35 -0.20
N LEU C 340 27.77 -24.66 -0.47
CA LEU C 340 26.54 -25.42 -0.64
C LEU C 340 26.47 -26.61 0.30
N ILE C 341 27.32 -27.63 0.13
CA ILE C 341 27.42 -28.76 1.05
C ILE C 341 28.89 -29.08 1.31
N SER C 342 29.75 -28.68 0.37
CA SER C 342 31.14 -29.15 0.39
C SER C 342 31.91 -28.55 1.56
N PHE C 343 31.79 -27.24 1.76
CA PHE C 343 32.44 -26.62 2.90
C PHE C 343 31.86 -27.10 4.22
N SER C 344 30.58 -27.51 4.22
CA SER C 344 30.02 -28.16 5.39
C SER C 344 30.72 -29.48 5.69
N TRP C 345 31.00 -30.26 4.64
CA TRP C 345 31.76 -31.50 4.82
C TRP C 345 33.16 -31.21 5.31
N LEU C 346 33.78 -30.13 4.81
CA LEU C 346 35.10 -29.74 5.29
C LEU C 346 35.05 -29.39 6.77
N SER C 347 34.02 -28.65 7.20
CA SER C 347 33.86 -28.33 8.61
C SER C 347 33.68 -29.59 9.44
N VAL C 348 32.87 -30.53 8.96
CA VAL C 348 32.66 -31.77 9.70
C VAL C 348 33.98 -32.54 9.86
N LEU C 349 34.75 -32.65 8.77
CA LEU C 349 35.98 -33.43 8.84
C LEU C 349 37.02 -32.74 9.71
N CYS C 350 37.10 -31.41 9.66
CA CYS C 350 38.07 -30.73 10.51
C CYS C 350 37.65 -30.78 11.98
N VAL C 351 36.35 -30.79 12.26
CA VAL C 351 35.87 -30.92 13.63
C VAL C 351 36.19 -32.31 14.17
N LEU C 352 35.93 -33.35 13.37
CA LEU C 352 36.20 -34.70 13.83
C LEU C 352 37.70 -35.03 13.86
N LYS C 353 38.50 -34.30 13.10
CA LYS C 353 39.95 -34.54 13.12
C LYS C 353 40.55 -34.21 14.47
N ASP C 354 40.07 -33.14 15.12
CA ASP C 354 40.58 -32.74 16.42
C ASP C 354 40.29 -33.79 17.48
N VAL C 366 46.40 -42.72 9.35
CA VAL C 366 45.12 -43.05 8.71
C VAL C 366 43.99 -42.33 9.44
N ASP C 367 43.41 -41.33 8.77
CA ASP C 367 42.32 -40.54 9.32
C ASP C 367 41.06 -40.81 8.50
N PHE C 368 40.00 -41.24 9.20
CA PHE C 368 38.71 -41.56 8.57
C PHE C 368 38.93 -42.53 7.40
N MET C 369 39.70 -43.58 7.70
CA MET C 369 40.08 -44.65 6.77
C MET C 369 40.40 -44.10 5.38
N THR C 370 41.31 -43.12 5.37
CA THR C 370 41.76 -42.44 4.14
C THR C 370 40.58 -41.80 3.40
N LEU C 371 39.78 -41.04 4.14
CA LEU C 371 38.63 -40.31 3.60
C LEU C 371 37.66 -41.25 2.88
N LEU C 372 37.18 -42.25 3.64
CA LEU C 372 36.22 -43.25 3.16
C LEU C 372 36.65 -43.87 1.83
N ALA C 373 37.95 -43.87 1.55
CA ALA C 373 38.52 -44.38 0.30
C ALA C 373 37.85 -43.74 -0.92
N ARG D 24 11.62 -29.42 2.38
CA ARG D 24 11.93 -30.06 3.64
C ARG D 24 13.21 -29.51 4.23
N LEU D 25 14.25 -29.39 3.40
CA LEU D 25 15.53 -28.85 3.87
C LEU D 25 15.41 -27.39 4.26
N LYS D 26 14.64 -26.60 3.49
CA LYS D 26 14.48 -25.18 3.75
C LYS D 26 13.51 -24.89 4.90
N GLY D 27 12.81 -25.90 5.39
CA GLY D 27 11.85 -25.69 6.46
C GLY D 27 12.41 -25.94 7.84
N LEU D 28 13.73 -25.94 7.97
CA LEU D 28 14.37 -26.19 9.24
C LEU D 28 14.04 -25.09 10.25
N ARG D 29 13.78 -25.49 11.49
CA ARG D 29 13.48 -24.57 12.58
C ARG D 29 14.68 -24.49 13.52
N LEU D 30 15.08 -23.27 13.86
CA LEU D 30 16.25 -23.03 14.69
C LEU D 30 15.90 -22.84 16.16
N GLU D 31 14.64 -23.01 16.55
CA GLU D 31 14.25 -22.87 17.94
C GLU D 31 12.95 -23.62 18.17
N LEU D 32 12.74 -24.02 19.41
CA LEU D 32 11.50 -24.69 19.78
C LEU D 32 10.33 -23.72 19.68
N PRO D 33 9.13 -24.21 19.35
CA PRO D 33 7.96 -23.31 19.27
C PRO D 33 7.67 -22.59 20.58
N LEU D 34 7.88 -23.26 21.72
CA LEU D 34 7.66 -22.60 23.00
C LEU D 34 8.62 -21.44 23.22
N ASP D 35 9.91 -21.67 22.92
CA ASP D 35 10.89 -20.59 23.06
C ASP D 35 10.57 -19.45 22.10
N ARG D 36 10.18 -19.78 20.87
CA ARG D 36 9.84 -18.74 19.90
C ARG D 36 8.66 -17.91 20.37
N ILE D 37 7.61 -18.55 20.88
CA ILE D 37 6.44 -17.80 21.31
C ILE D 37 6.76 -16.99 22.57
N VAL D 38 7.64 -17.51 23.43
CA VAL D 38 8.04 -16.75 24.62
C VAL D 38 8.79 -15.49 24.20
N LYS D 39 9.73 -15.62 23.26
CA LYS D 39 10.44 -14.45 22.76
C LYS D 39 9.49 -13.47 22.08
N PHE D 40 8.54 -13.99 21.30
CA PHE D 40 7.59 -13.12 20.62
C PHE D 40 6.74 -12.33 21.62
N VAL D 41 6.27 -12.99 22.69
CA VAL D 41 5.50 -12.29 23.70
C VAL D 41 6.36 -11.25 24.42
N ALA D 42 7.57 -11.65 24.82
CA ALA D 42 8.44 -10.74 25.58
C ALA D 42 8.88 -9.54 24.74
N VAL D 43 8.86 -9.66 23.42
CA VAL D 43 9.18 -8.51 22.58
C VAL D 43 7.93 -7.68 22.28
N GLY D 44 6.80 -8.34 22.00
CA GLY D 44 5.62 -7.62 21.58
C GLY D 44 4.91 -6.88 22.70
N SER D 45 4.95 -7.41 23.92
CA SER D 45 4.26 -6.75 25.03
C SER D 45 4.80 -5.35 25.29
N PRO D 46 6.12 -5.12 25.43
CA PRO D 46 6.59 -3.73 25.57
C PRO D 46 6.21 -2.84 24.39
N LEU D 47 6.23 -3.38 23.17
CA LEU D 47 5.84 -2.56 22.02
C LEU D 47 4.35 -2.27 22.02
N LEU D 48 3.54 -3.22 22.48
CA LEU D 48 2.10 -2.95 22.63
C LEU D 48 1.86 -1.85 23.65
N LEU D 49 2.58 -1.89 24.78
CA LEU D 49 2.45 -0.84 25.78
C LEU D 49 2.95 0.49 25.23
N MET D 50 3.99 0.47 24.40
CA MET D 50 4.48 1.69 23.76
C MET D 50 3.40 2.30 22.87
N SER D 51 2.75 1.45 22.07
CA SER D 51 1.68 1.94 21.21
C SER D 51 0.54 2.52 22.05
N LEU D 52 0.17 1.84 23.13
CA LEU D 52 -0.89 2.35 24.00
C LEU D 52 -0.51 3.70 24.61
N ALA D 53 0.75 3.83 25.05
CA ALA D 53 1.19 5.07 25.67
C ALA D 53 1.19 6.22 24.67
N PHE D 54 1.81 6.02 23.50
CA PHE D 54 1.85 7.08 22.51
C PHE D 54 0.49 7.34 21.86
N ALA D 55 -0.48 6.44 22.05
CA ALA D 55 -1.82 6.69 21.53
C ALA D 55 -2.70 7.42 22.55
N GLN D 56 -2.60 7.07 23.82
CA GLN D 56 -3.43 7.68 24.85
C GLN D 56 -2.75 8.84 25.58
N GLU D 57 -1.53 9.21 25.17
CA GLU D 57 -0.84 10.34 25.79
C GLU D 57 -0.98 11.62 24.99
N PHE D 58 -0.72 11.57 23.69
CA PHE D 58 -0.73 12.77 22.85
C PHE D 58 -2.01 12.90 22.02
N SER D 59 -3.02 12.08 22.28
CA SER D 59 -4.34 12.27 21.70
C SER D 59 -5.25 13.08 22.60
N SER D 60 -4.79 13.47 23.79
CA SER D 60 -5.54 14.30 24.71
C SER D 60 -4.71 15.48 25.21
N GLY D 61 -3.67 15.85 24.49
CA GLY D 61 -2.80 16.94 24.90
C GLY D 61 -1.56 16.42 25.61
N SER D 62 -1.31 16.93 26.81
CA SER D 62 -0.21 16.49 27.65
C SER D 62 -0.73 15.81 28.91
N PRO D 63 -0.01 14.83 29.45
CA PRO D 63 -0.47 14.09 30.63
C PRO D 63 -0.37 14.87 31.93
N ILE D 64 -0.84 16.11 31.92
CA ILE D 64 -0.84 16.97 33.09
C ILE D 64 -1.81 18.10 32.87
N SER D 65 -2.56 18.45 33.91
CA SER D 65 -3.45 19.60 33.90
C SER D 65 -3.23 20.39 35.17
N CYS D 66 -2.93 21.68 35.03
CA CYS D 66 -2.54 22.52 36.14
C CYS D 66 -3.64 23.54 36.44
N PHE D 67 -4.03 23.63 37.70
CA PHE D 67 -5.10 24.54 38.13
C PHE D 67 -4.53 25.94 38.34
N SER D 68 -4.24 26.59 37.22
CA SER D 68 -3.79 27.97 37.26
C SER D 68 -4.91 28.87 37.76
N PRO D 69 -4.58 29.96 38.46
CA PRO D 69 -5.62 30.85 38.99
C PRO D 69 -6.42 31.51 37.88
N SER D 70 -7.51 32.16 38.29
CA SER D 70 -8.43 32.74 37.32
C SER D 70 -7.84 33.96 36.63
N ASN D 71 -6.99 34.72 37.33
CA ASN D 71 -6.45 35.95 36.74
C ASN D 71 -5.44 35.67 35.63
N PHE D 72 -4.94 34.45 35.49
CA PHE D 72 -4.02 34.13 34.42
C PHE D 72 -4.75 34.10 33.09
N SER D 73 -4.09 34.59 32.05
CA SER D 73 -4.60 34.45 30.69
C SER D 73 -4.38 33.02 30.22
N ILE D 74 -4.85 32.71 29.01
CA ILE D 74 -4.70 31.36 28.49
C ILE D 74 -3.24 31.04 28.21
N ARG D 75 -2.50 32.02 27.67
CA ARG D 75 -1.09 31.80 27.37
C ARG D 75 -0.27 31.56 28.64
N GLN D 76 -0.53 32.34 29.69
CA GLN D 76 0.18 32.13 30.95
C GLN D 76 -0.17 30.79 31.56
N ALA D 77 -1.43 30.38 31.46
CA ALA D 77 -1.82 29.06 31.95
C ALA D 77 -1.10 27.96 31.20
N ALA D 78 -0.98 28.10 29.87
CA ALA D 78 -0.25 27.10 29.09
C ALA D 78 1.22 27.08 29.46
N TYR D 79 1.80 28.26 29.74
CA TYR D 79 3.20 28.31 30.18
C TYR D 79 3.38 27.61 31.51
N VAL D 80 2.48 27.83 32.45
CA VAL D 80 2.55 27.15 33.74
C VAL D 80 2.44 25.64 33.54
N ASP D 81 1.50 25.22 32.68
CA ASP D 81 1.34 23.81 32.38
C ASP D 81 2.63 23.20 31.86
N SER D 82 3.24 23.83 30.85
CA SER D 82 4.45 23.28 30.25
C SER D 82 5.61 23.28 31.25
N SER D 83 5.73 24.35 32.04
CA SER D 83 6.83 24.42 33.01
C SER D 83 6.69 23.34 34.07
N CYS D 84 5.49 23.13 34.59
CA CYS D 84 5.30 22.09 35.60
C CYS D 84 5.47 20.70 35.00
N TRP D 85 5.08 20.51 33.74
CA TRP D 85 5.31 19.22 33.09
C TRP D 85 6.79 18.94 32.93
N ASP D 86 7.56 19.95 32.54
CA ASP D 86 9.00 19.74 32.37
C ASP D 86 9.70 19.52 33.71
N SER D 87 9.38 20.34 34.71
CA SER D 87 10.06 20.23 36.00
C SER D 87 9.72 18.92 36.69
N LEU D 88 8.43 18.61 36.80
CA LEU D 88 7.96 17.39 37.47
C LEU D 88 8.53 17.28 38.88
N LEU D 89 8.54 18.40 39.60
CA LEU D 89 9.06 18.46 40.95
C LEU D 89 7.93 18.56 41.97
N HIS D 90 8.20 18.13 43.19
CA HIS D 90 7.26 18.19 44.29
C HIS D 90 7.86 19.04 45.40
N HIS D 91 7.06 19.97 45.93
CA HIS D 91 7.55 20.90 46.94
C HIS D 91 6.85 20.68 48.28
N LYS D 92 6.72 19.42 48.70
CA LYS D 92 6.04 19.10 49.94
C LYS D 92 6.69 19.83 51.11
N GLN D 93 5.87 20.44 51.96
CA GLN D 93 6.35 21.17 53.13
C GLN D 93 5.31 21.20 54.22
N ASP D 99 13.47 21.79 52.96
CA ASP D 99 12.35 21.68 52.03
C ASP D 99 12.46 20.41 51.19
N LYS D 100 11.45 19.55 51.27
CA LYS D 100 11.45 18.32 50.49
C LYS D 100 11.41 18.64 49.00
N MET D 101 12.13 17.85 48.21
CA MET D 101 12.22 18.06 46.77
C MET D 101 12.09 16.73 46.03
N LYS D 102 11.12 15.91 46.43
CA LYS D 102 10.89 14.65 45.75
C LYS D 102 10.52 14.88 44.30
N SER D 103 11.02 14.02 43.42
CA SER D 103 10.77 14.13 41.99
C SER D 103 9.82 13.03 41.53
N LEU D 104 9.18 13.28 40.40
CA LEU D 104 8.24 12.34 39.76
C LEU D 104 8.67 12.08 38.33
N TRP D 105 9.96 11.78 38.15
CA TRP D 105 10.50 11.55 36.81
C TRP D 105 9.86 10.40 36.04
N PRO D 106 9.56 9.23 36.62
CA PRO D 106 9.19 8.08 35.78
C PRO D 106 7.99 8.34 34.88
N HIS D 107 7.03 9.15 35.32
CA HIS D 107 5.84 9.40 34.51
C HIS D 107 6.19 10.00 33.16
N LYS D 108 7.30 10.73 33.07
CA LYS D 108 7.75 11.25 31.80
C LYS D 108 8.72 10.33 31.08
N ALA D 109 9.37 9.42 31.80
CA ALA D 109 10.30 8.48 31.22
C ALA D 109 9.70 7.09 31.05
N LEU D 110 8.40 6.94 31.31
CA LEU D 110 7.78 5.62 31.23
C LEU D 110 7.90 4.99 29.84
N PRO D 111 7.59 5.67 28.73
CA PRO D 111 7.77 5.04 27.42
C PRO D 111 9.22 4.72 27.11
N TYR D 112 10.08 5.75 27.13
CA TYR D 112 11.46 5.58 26.66
C TYR D 112 12.17 4.50 27.44
N SER D 113 12.02 4.49 28.77
CA SER D 113 12.63 3.44 29.58
C SER D 113 12.21 2.07 29.09
N LEU D 114 10.90 1.86 28.91
CA LEU D 114 10.42 0.57 28.44
C LEU D 114 11.01 0.24 27.09
N LEU D 115 11.29 1.24 26.26
CA LEU D 115 11.91 0.99 24.96
C LEU D 115 13.24 0.28 25.14
N ALA D 116 14.06 0.74 26.10
CA ALA D 116 15.30 0.04 26.40
C ALA D 116 15.02 -1.41 26.73
N LEU D 117 13.99 -1.65 27.57
CA LEU D 117 13.60 -3.02 27.90
C LEU D 117 13.34 -3.82 26.63
N ALA D 118 12.61 -3.23 25.68
CA ALA D 118 12.36 -3.91 24.42
C ALA D 118 13.67 -4.31 23.75
N LEU D 119 14.61 -3.36 23.65
CA LEU D 119 15.90 -3.67 23.08
C LEU D 119 16.58 -4.78 23.87
N LEU D 120 16.45 -4.74 25.20
CA LEU D 120 17.02 -5.80 26.01
C LEU D 120 16.41 -7.15 25.65
N MET D 121 15.09 -7.19 25.44
CA MET D 121 14.45 -8.43 25.04
C MET D 121 14.94 -8.92 23.69
N TYR D 122 15.50 -8.03 22.87
CA TYR D 122 16.04 -8.40 21.58
C TYR D 122 17.54 -8.60 21.61
N LEU D 123 18.17 -8.48 22.78
CA LEU D 123 19.62 -8.63 22.85
C LEU D 123 20.06 -10.09 22.81
N PRO D 124 19.57 -10.97 23.70
CA PRO D 124 20.03 -12.38 23.65
C PRO D 124 19.71 -13.07 22.34
N VAL D 125 18.55 -12.79 21.75
CA VAL D 125 18.13 -13.50 20.54
C VAL D 125 19.13 -13.26 19.42
N LEU D 126 19.54 -12.00 19.23
CA LEU D 126 20.58 -11.71 18.26
C LEU D 126 21.85 -12.48 18.58
N LEU D 127 22.20 -12.56 19.86
CA LEU D 127 23.31 -13.43 20.27
C LEU D 127 23.08 -14.86 19.79
N TRP D 128 21.89 -15.40 20.03
CA TRP D 128 21.57 -16.73 19.56
C TRP D 128 21.65 -16.81 18.03
N GLN D 129 21.36 -15.70 17.34
CA GLN D 129 21.45 -15.70 15.89
C GLN D 129 22.87 -15.54 15.39
N TYR D 130 23.80 -15.12 16.25
CA TYR D 130 25.18 -14.87 15.83
C TYR D 130 26.19 -15.71 16.59
N ALA D 131 25.75 -16.73 17.34
CA ALA D 131 26.66 -17.58 18.09
C ALA D 131 26.39 -19.07 17.94
N ALA D 132 25.19 -19.48 17.51
CA ALA D 132 24.90 -20.90 17.38
C ALA D 132 24.17 -21.28 16.11
N VAL D 133 23.59 -20.34 15.36
CA VAL D 133 22.81 -20.70 14.17
C VAL D 133 23.64 -21.42 13.11
N PRO D 134 24.81 -20.91 12.71
CA PRO D 134 25.53 -21.59 11.61
C PRO D 134 25.98 -23.01 11.96
N ALA D 135 26.62 -23.18 13.12
CA ALA D 135 27.10 -24.50 13.51
C ALA D 135 25.95 -25.47 13.68
N LEU D 136 24.87 -25.04 14.34
CA LEU D 136 23.71 -25.90 14.51
C LEU D 136 23.09 -26.28 13.17
N SER D 137 22.98 -25.32 12.26
CA SER D 137 22.40 -25.61 10.95
C SER D 137 23.25 -26.61 10.17
N SER D 138 24.57 -26.42 10.18
CA SER D 138 25.45 -27.35 9.48
C SER D 138 25.37 -28.75 10.08
N ASP D 139 25.39 -28.84 11.41
CA ASP D 139 25.31 -30.14 12.06
C ASP D 139 23.97 -30.81 11.78
N LEU D 140 22.88 -30.04 11.80
CA LEU D 140 21.57 -30.61 11.53
C LEU D 140 21.48 -31.12 10.10
N LEU D 141 22.01 -30.36 9.13
CA LEU D 141 21.98 -30.81 7.75
C LEU D 141 22.81 -32.08 7.56
N PHE D 142 24.01 -32.13 8.15
CA PHE D 142 24.82 -33.33 8.05
C PHE D 142 24.14 -34.52 8.70
N ILE D 143 23.52 -34.31 9.87
CA ILE D 143 22.86 -35.40 10.58
C ILE D 143 21.66 -35.90 9.78
N ILE D 144 20.89 -34.99 9.18
CA ILE D 144 19.72 -35.43 8.42
C ILE D 144 20.14 -36.18 7.16
N SER D 145 21.24 -35.75 6.52
CA SER D 145 21.75 -36.48 5.37
C SER D 145 22.20 -37.88 5.76
N GLU D 146 22.92 -37.99 6.89
CA GLU D 146 23.36 -39.31 7.34
C GLU D 146 22.19 -40.18 7.76
N LEU D 147 21.14 -39.58 8.34
CA LEU D 147 19.96 -40.35 8.69
C LEU D 147 19.25 -40.88 7.45
N ASP D 148 19.15 -40.06 6.41
CA ASP D 148 18.56 -40.53 5.16
C ASP D 148 19.39 -41.66 4.55
N LYS D 149 20.72 -41.52 4.57
CA LYS D 149 21.59 -42.56 4.04
C LYS D 149 21.43 -43.86 4.83
N SER D 150 21.37 -43.75 6.16
CA SER D 150 21.22 -44.94 6.99
C SER D 150 19.87 -45.61 6.76
N TYR D 151 18.81 -44.82 6.59
CA TYR D 151 17.50 -45.38 6.30
C TYR D 151 17.51 -46.13 4.97
N ASN D 152 18.13 -45.54 3.94
CA ASN D 152 18.23 -46.21 2.66
C ASN D 152 19.04 -47.50 2.76
N ARG D 153 20.15 -47.46 3.52
CA ARG D 153 20.96 -48.66 3.70
C ARG D 153 20.19 -49.75 4.42
N SER D 154 19.42 -49.39 5.45
CA SER D 154 18.61 -50.38 6.16
C SER D 154 17.55 -50.96 5.23
N ILE D 155 16.92 -50.11 4.40
CA ILE D 155 15.93 -50.60 3.46
C ILE D 155 16.54 -51.60 2.49
N ARG D 156 17.75 -51.32 2.00
CA ARG D 156 18.43 -52.26 1.12
C ARG D 156 18.80 -53.54 1.85
N LEU D 157 19.24 -53.43 3.11
CA LEU D 157 19.75 -54.59 3.82
C LEU D 157 18.65 -55.54 4.28
N VAL D 158 17.47 -55.01 4.64
CA VAL D 158 16.41 -55.88 5.14
C VAL D 158 15.94 -56.84 4.05
N GLN D 159 15.93 -56.39 2.80
CA GLN D 159 15.53 -57.23 1.68
C GLN D 159 16.52 -58.37 1.46
N TYR D 186 29.27 -52.68 7.70
CA TYR D 186 28.00 -52.49 7.00
C TYR D 186 26.91 -52.03 7.97
N PHE D 187 26.83 -52.69 9.13
CA PHE D 187 25.82 -52.34 10.11
C PHE D 187 26.16 -51.05 10.83
N GLU D 188 27.42 -50.89 11.21
CA GLU D 188 27.86 -49.74 12.01
C GLU D 188 28.37 -48.63 11.11
N PHE D 189 28.25 -47.39 11.60
CA PHE D 189 28.74 -46.21 10.89
C PHE D 189 29.90 -45.61 11.68
N PRO D 190 31.13 -45.64 11.15
CA PRO D 190 32.24 -45.05 11.91
C PRO D 190 32.23 -43.53 11.90
N LEU D 191 31.78 -42.91 10.81
CA LEU D 191 31.74 -41.45 10.75
C LEU D 191 30.78 -40.89 11.80
N LEU D 192 29.57 -41.45 11.86
CA LEU D 192 28.59 -40.98 12.84
C LEU D 192 29.07 -41.26 14.26
N GLU D 193 29.68 -42.42 14.49
CA GLU D 193 30.18 -42.74 15.81
C GLU D 193 31.25 -41.74 16.26
N ARG D 194 32.19 -41.44 15.36
CA ARG D 194 33.24 -40.47 15.70
C ARG D 194 32.67 -39.08 15.93
N TYR D 195 31.70 -38.67 15.09
CA TYR D 195 31.11 -37.35 15.26
C TYR D 195 30.35 -37.24 16.58
N LEU D 196 29.62 -38.29 16.95
CA LEU D 196 28.91 -38.28 18.23
C LEU D 196 29.88 -38.30 19.40
N ALA D 197 30.98 -39.04 19.28
CA ALA D 197 31.99 -39.04 20.34
C ALA D 197 32.60 -37.65 20.51
N CYS D 198 32.88 -36.97 19.39
CA CYS D 198 33.41 -35.61 19.47
C CYS D 198 32.38 -34.65 20.07
N LYS D 199 31.12 -34.77 19.67
CA LYS D 199 30.09 -33.86 20.17
C LYS D 199 29.80 -34.09 21.65
N GLN D 200 30.00 -35.30 22.15
CA GLN D 200 29.80 -35.56 23.56
C GLN D 200 30.84 -34.86 24.43
N ARG D 201 31.91 -34.35 23.83
CA ARG D 201 32.96 -33.65 24.56
C ARG D 201 32.87 -32.13 24.44
N SER D 202 32.34 -31.61 23.33
CA SER D 202 32.24 -30.17 23.16
C SER D 202 31.12 -29.60 24.02
N HIS D 203 31.25 -28.32 24.36
CA HIS D 203 30.30 -27.62 25.21
C HIS D 203 30.00 -26.23 24.66
N SER D 204 29.75 -26.13 23.35
CA SER D 204 29.52 -24.84 22.74
C SER D 204 28.04 -24.49 22.69
N LEU D 205 27.22 -25.32 22.04
CA LEU D 205 25.81 -25.02 21.90
C LEU D 205 25.10 -24.99 23.25
N VAL D 206 25.47 -25.91 24.15
CA VAL D 206 24.90 -25.89 25.49
C VAL D 206 25.26 -24.59 26.19
N ALA D 207 26.49 -24.12 26.02
CA ALA D 207 26.90 -22.85 26.63
C ALA D 207 26.08 -21.69 26.09
N THR D 208 25.88 -21.65 24.76
CA THR D 208 25.10 -20.57 24.18
C THR D 208 23.65 -20.61 24.68
N TYR D 209 23.06 -21.81 24.75
CA TYR D 209 21.68 -21.93 25.21
C TYR D 209 21.54 -21.47 26.66
N LEU D 210 22.41 -21.96 27.54
CA LEU D 210 22.33 -21.57 28.95
C LEU D 210 22.60 -20.08 29.11
N LEU D 211 23.54 -19.53 28.35
CA LEU D 211 23.82 -18.10 28.44
C LEU D 211 22.63 -17.27 27.99
N ARG D 212 21.97 -17.66 26.91
CA ARG D 212 20.80 -16.92 26.45
C ARG D 212 19.69 -16.95 27.49
N ASN D 213 19.41 -18.14 28.04
CA ASN D 213 18.35 -18.23 29.05
C ASN D 213 18.70 -17.45 30.30
N SER D 214 19.97 -17.51 30.72
CA SER D 214 20.39 -16.76 31.90
C SER D 214 20.30 -15.25 31.65
N LEU D 215 20.65 -14.79 30.45
CA LEU D 215 20.52 -13.38 30.14
C LEU D 215 19.08 -12.93 30.18
N LEU D 216 18.17 -13.73 29.62
CA LEU D 216 16.76 -13.37 29.66
C LEU D 216 16.24 -13.33 31.10
N LEU D 217 16.63 -14.31 31.92
CA LEU D 217 16.21 -14.32 33.31
C LEU D 217 16.77 -13.11 34.07
N ILE D 218 18.02 -12.76 33.80
CA ILE D 218 18.63 -11.61 34.47
C ILE D 218 17.93 -10.33 34.07
N PHE D 219 17.57 -10.19 32.79
CA PHE D 219 16.84 -9.01 32.36
C PHE D 219 15.47 -8.94 33.02
N THR D 220 14.78 -10.07 33.14
CA THR D 220 13.49 -10.08 33.82
C THR D 220 13.64 -9.69 35.29
N SER D 221 14.69 -10.19 35.95
CA SER D 221 14.93 -9.81 37.34
C SER D 221 15.24 -8.33 37.47
N ALA D 222 16.00 -7.79 36.52
CA ALA D 222 16.28 -6.36 36.52
C ALA D 222 15.01 -5.53 36.36
N THR D 223 14.11 -5.97 35.47
CA THR D 223 12.83 -5.30 35.33
C THR D 223 12.03 -5.37 36.63
N TYR D 224 12.05 -6.53 37.30
CA TYR D 224 11.39 -6.67 38.58
C TYR D 224 11.94 -5.66 39.59
N LEU D 225 13.27 -5.55 39.66
CA LEU D 225 13.88 -4.62 40.59
C LEU D 225 13.52 -3.18 40.26
N TYR D 226 13.52 -2.84 38.96
CA TYR D 226 13.16 -1.49 38.55
C TYR D 226 11.74 -1.14 38.96
N LEU D 227 10.79 -2.03 38.68
CA LEU D 227 9.40 -1.78 39.05
C LEU D 227 9.22 -1.72 40.55
N GLY D 228 9.87 -2.61 41.30
CA GLY D 228 9.73 -2.61 42.73
C GLY D 228 10.54 -1.58 43.47
N HIS D 229 11.40 -0.82 42.77
CA HIS D 229 12.17 0.22 43.42
C HIS D 229 11.80 1.63 42.97
N PHE D 230 11.17 1.78 41.80
CA PHE D 230 10.87 3.12 41.30
C PHE D 230 9.39 3.42 41.16
N HIS D 231 8.54 2.40 41.04
CA HIS D 231 7.13 2.61 40.71
C HIS D 231 6.17 2.32 41.85
N LEU D 232 6.66 2.25 43.09
CA LEU D 232 5.74 2.15 44.23
C LEU D 232 5.78 3.36 45.15
N ASP D 233 6.82 4.18 45.08
CA ASP D 233 6.82 5.44 45.81
C ASP D 233 6.03 6.52 45.08
N VAL D 234 5.63 6.25 43.83
CA VAL D 234 4.86 7.18 43.03
C VAL D 234 3.46 6.64 42.72
N PHE D 235 3.20 5.39 43.07
CA PHE D 235 2.02 4.67 42.58
C PHE D 235 0.72 5.25 43.13
N PHE D 236 0.79 6.14 44.12
CA PHE D 236 -0.39 6.80 44.69
C PHE D 236 -0.19 8.31 44.76
N GLN D 237 0.28 8.90 43.65
CA GLN D 237 0.43 10.36 43.54
C GLN D 237 -0.61 10.87 42.55
N GLU D 238 -1.71 11.37 43.10
CA GLU D 238 -2.76 11.95 42.26
C GLU D 238 -2.43 13.39 41.88
N GLU D 239 -2.15 14.24 42.86
CA GLU D 239 -1.87 15.64 42.63
C GLU D 239 -0.61 16.05 43.38
N PHE D 240 0.10 17.03 42.83
CA PHE D 240 1.35 17.49 43.41
C PHE D 240 1.49 18.98 43.19
N SER D 241 2.16 19.64 44.14
CA SER D 241 2.46 21.05 44.00
C SER D 241 3.62 21.26 43.03
N CYS D 242 3.71 22.46 42.49
CA CYS D 242 4.74 22.81 41.53
C CYS D 242 4.96 24.31 41.60
N SER D 243 6.22 24.73 41.66
CA SER D 243 6.58 26.14 41.82
C SER D 243 7.42 26.56 40.62
N ILE D 244 7.05 27.69 40.02
CA ILE D 244 7.79 28.26 38.92
C ILE D 244 8.51 29.53 39.39
N LYS D 245 8.66 29.67 40.71
CA LYS D 245 9.31 30.83 41.32
C LYS D 245 10.80 30.61 41.53
N THR D 246 11.41 29.88 40.61
CA THR D 246 12.84 29.56 40.64
C THR D 246 13.48 30.14 39.39
N GLY D 247 14.44 31.01 39.57
CA GLY D 247 15.16 31.60 38.45
C GLY D 247 14.78 33.07 38.25
N LEU D 248 14.52 33.44 37.00
CA LEU D 248 14.28 34.84 36.66
C LEU D 248 12.97 35.35 37.24
N LEU D 249 11.95 34.49 37.31
CA LEU D 249 10.65 34.88 37.84
C LEU D 249 10.62 34.96 39.36
N SER D 250 11.78 34.92 40.01
CA SER D 250 11.80 34.89 41.48
C SER D 250 11.20 36.15 42.08
N ASP D 251 11.48 37.31 41.49
CA ASP D 251 10.99 38.58 42.00
C ASP D 251 9.61 38.96 41.46
N GLU D 252 9.03 38.14 40.59
CA GLU D 252 7.70 38.43 40.07
C GLU D 252 6.65 38.22 41.14
N THR D 253 5.65 39.10 41.17
CA THR D 253 4.55 39.01 42.12
C THR D 253 3.22 38.72 41.44
N HIS D 254 3.22 38.42 40.14
CA HIS D 254 2.00 38.15 39.40
C HIS D 254 1.60 36.68 39.45
N VAL D 255 2.44 35.80 39.98
CA VAL D 255 2.14 34.37 40.02
C VAL D 255 2.20 33.87 41.45
N PRO D 256 1.42 32.86 41.81
CA PRO D 256 1.49 32.32 43.18
C PRO D 256 2.76 31.53 43.40
N ASN D 257 3.04 31.28 44.67
CA ASN D 257 4.25 30.53 45.04
C ASN D 257 4.10 29.05 44.72
N LEU D 258 2.92 28.48 44.95
CA LEU D 258 2.69 27.05 44.73
C LEU D 258 1.43 26.87 43.88
N ILE D 259 1.54 26.08 42.83
CA ILE D 259 0.43 25.77 41.94
C ILE D 259 0.22 24.26 41.94
N THR D 260 -1.01 23.83 42.23
CA THR D 260 -1.30 22.41 42.26
C THR D 260 -1.58 21.89 40.85
N CYS D 261 -1.15 20.66 40.58
CA CYS D 261 -1.39 20.03 39.29
C CYS D 261 -1.66 18.55 39.49
N ARG D 262 -2.66 18.02 38.80
CA ARG D 262 -3.00 16.61 38.87
C ARG D 262 -2.63 15.93 37.56
N LEU D 263 -2.01 14.76 37.68
CA LEU D 263 -1.54 14.02 36.51
C LEU D 263 -2.68 13.25 35.87
N THR D 264 -2.87 13.43 34.57
CA THR D 264 -3.97 12.77 33.88
C THR D 264 -3.70 11.29 33.66
N SER D 265 -2.47 10.93 33.31
CA SER D 265 -2.14 9.57 32.90
C SER D 265 -1.78 8.66 34.06
N LEU D 266 -2.24 8.96 35.28
CA LEU D 266 -1.90 8.12 36.42
C LEU D 266 -2.47 6.72 36.26
N SER D 267 -3.75 6.61 35.87
CA SER D 267 -4.38 5.31 35.72
C SER D 267 -3.72 4.50 34.61
N ILE D 268 -3.37 5.17 33.51
CA ILE D 268 -2.72 4.49 32.39
C ILE D 268 -1.37 3.93 32.83
N PHE D 269 -0.61 4.73 33.58
CA PHE D 269 0.68 4.27 34.08
C PHE D 269 0.52 3.09 35.03
N GLN D 270 -0.49 3.15 35.90
CA GLN D 270 -0.73 2.04 36.82
C GLN D 270 -1.06 0.76 36.06
N ILE D 271 -1.93 0.88 35.05
CA ILE D 271 -2.31 -0.29 34.25
C ILE D 271 -1.10 -0.85 33.51
N VAL D 272 -0.26 0.03 32.97
CA VAL D 272 0.93 -0.42 32.24
C VAL D 272 1.86 -1.18 33.17
N SER D 273 2.10 -0.65 34.36
CA SER D 273 2.99 -1.32 35.30
C SER D 273 2.44 -2.67 35.71
N LEU D 274 1.14 -2.74 36.02
CA LEU D 274 0.54 -4.00 36.42
C LEU D 274 0.58 -5.02 35.29
N SER D 275 0.31 -4.59 34.06
CA SER D 275 0.37 -5.50 32.92
C SER D 275 1.77 -6.04 32.74
N SER D 276 2.78 -5.16 32.86
CA SER D 276 4.16 -5.61 32.70
C SER D 276 4.53 -6.66 33.74
N VAL D 277 4.23 -6.38 35.02
CA VAL D 277 4.63 -7.32 36.06
C VAL D 277 3.88 -8.65 35.91
N ALA D 278 2.59 -8.59 35.58
CA ALA D 278 1.82 -9.82 35.41
C ALA D 278 2.34 -10.64 34.24
N ILE D 279 2.64 -9.97 33.11
CA ILE D 279 3.10 -10.68 31.93
C ILE D 279 4.43 -11.38 32.21
N TYR D 280 5.35 -10.67 32.86
CA TYR D 280 6.65 -11.30 33.13
C TYR D 280 6.57 -12.37 34.20
N THR D 281 5.64 -12.24 35.16
CA THR D 281 5.39 -13.33 36.10
C THR D 281 4.87 -14.57 35.38
N ILE D 282 3.97 -14.38 34.41
CA ILE D 282 3.49 -15.52 33.64
C ILE D 282 4.61 -16.11 32.79
N LEU D 283 5.51 -15.28 32.28
CA LEU D 283 6.54 -15.74 31.36
C LEU D 283 7.69 -16.46 32.05
N VAL D 284 8.06 -16.08 33.27
CA VAL D 284 9.26 -16.65 33.90
C VAL D 284 9.20 -18.17 34.09
N PRO D 285 8.07 -18.78 34.54
CA PRO D 285 8.12 -20.23 34.76
C PRO D 285 8.36 -21.02 33.48
N VAL D 286 7.89 -20.52 32.34
CA VAL D 286 8.13 -21.21 31.08
C VAL D 286 9.62 -21.18 30.74
N ILE D 287 10.29 -20.05 31.04
CA ILE D 287 11.73 -19.98 30.86
C ILE D 287 12.43 -20.98 31.79
N ILE D 288 11.95 -21.09 33.03
CA ILE D 288 12.52 -22.07 33.96
C ILE D 288 12.38 -23.48 33.41
N TYR D 289 11.21 -23.79 32.85
CA TYR D 289 10.97 -25.12 32.29
C TYR D 289 11.87 -25.38 31.09
N ASN D 290 12.03 -24.38 30.22
CA ASN D 290 12.92 -24.53 29.07
C ASN D 290 14.37 -24.70 29.51
N LEU D 291 14.76 -24.08 30.62
CA LEU D 291 16.11 -24.29 31.14
C LEU D 291 16.29 -25.68 31.73
N THR D 292 15.31 -26.16 32.49
CA THR D 292 15.42 -27.47 33.13
C THR D 292 15.18 -28.62 32.17
N ARG D 293 14.63 -28.35 30.97
CA ARG D 293 14.49 -29.40 29.97
C ARG D 293 15.83 -30.00 29.60
N LEU D 294 16.88 -29.18 29.55
CA LEU D 294 18.21 -29.68 29.24
C LEU D 294 18.77 -30.54 30.36
N CYS D 295 18.31 -30.33 31.59
CA CYS D 295 18.84 -31.05 32.74
C CYS D 295 18.43 -32.52 32.77
N ARG D 296 17.43 -32.91 31.99
CA ARG D 296 16.96 -34.30 31.95
C ARG D 296 17.19 -34.86 30.56
N TRP D 297 17.78 -36.06 30.50
CA TRP D 297 18.10 -36.66 29.22
C TRP D 297 16.82 -37.08 28.49
N ASP D 298 16.91 -37.18 27.17
CA ASP D 298 15.77 -37.52 26.33
C ASP D 298 15.50 -39.02 26.36
N LYS D 299 15.19 -39.52 27.56
CA LYS D 299 14.90 -40.93 27.73
C LYS D 299 13.54 -41.31 27.14
N ARG D 300 12.62 -40.35 27.01
CA ARG D 300 11.27 -40.65 26.56
C ARG D 300 11.26 -41.27 25.16
N LEU D 301 12.32 -41.06 24.37
CA LEU D 301 12.41 -41.62 23.03
C LEU D 301 13.50 -42.67 22.90
N LEU D 302 14.01 -43.20 24.02
CA LEU D 302 15.12 -44.15 23.93
C LEU D 302 14.70 -45.40 23.16
N SER D 303 13.50 -45.92 23.44
CA SER D 303 13.02 -47.08 22.70
C SER D 303 12.85 -46.75 21.22
N VAL D 304 12.62 -45.48 20.89
CA VAL D 304 12.59 -45.06 19.50
C VAL D 304 13.92 -45.36 18.83
N TYR D 305 15.03 -45.03 19.52
CA TYR D 305 16.34 -45.34 18.99
C TYR D 305 16.56 -46.84 18.83
N GLU D 306 15.72 -47.65 19.47
CA GLU D 306 15.80 -49.10 19.33
C GLU D 306 15.29 -49.59 17.98
N MET D 307 14.67 -48.73 17.17
CA MET D 307 14.17 -49.19 15.87
C MET D 307 15.30 -49.69 14.99
N LEU D 308 16.51 -49.16 15.17
CA LEU D 308 17.70 -49.64 14.50
C LEU D 308 18.77 -49.91 15.54
N PRO D 309 19.34 -51.12 15.59
CA PRO D 309 20.41 -51.38 16.56
C PRO D 309 21.62 -50.47 16.39
N ALA D 310 21.88 -49.98 15.18
CA ALA D 310 22.94 -48.99 15.00
C ALA D 310 22.61 -47.70 15.74
N PHE D 311 21.35 -47.27 15.69
CA PHE D 311 20.94 -46.10 16.46
C PHE D 311 21.05 -46.35 17.96
N ASP D 312 20.77 -47.58 18.38
CA ASP D 312 20.95 -47.94 19.78
C ASP D 312 22.41 -47.86 20.19
N LEU D 313 23.31 -48.35 19.33
CA LEU D 313 24.74 -48.28 19.64
C LEU D 313 25.22 -46.83 19.68
N LEU D 314 24.70 -45.99 18.79
CA LEU D 314 24.94 -44.56 18.90
C LEU D 314 24.42 -44.02 20.23
N SER D 315 23.28 -44.53 20.67
CA SER D 315 22.68 -44.18 21.95
C SER D 315 23.15 -45.07 23.09
N ARG D 316 24.21 -45.85 22.88
CA ARG D 316 24.80 -46.58 24.00
C ARG D 316 25.45 -45.59 24.96
N LYS D 317 25.33 -45.88 26.26
CA LYS D 317 25.94 -45.07 27.32
C LYS D 317 25.46 -43.62 27.28
N MET D 318 24.15 -43.42 27.04
CA MET D 318 23.59 -42.07 27.04
C MET D 318 23.63 -41.47 28.44
N LEU D 319 23.72 -42.32 29.47
CA LEU D 319 23.76 -41.82 30.84
C LEU D 319 25.03 -40.99 31.06
N GLY D 320 24.87 -39.90 31.81
CA GLY D 320 25.98 -39.03 32.09
C GLY D 320 25.49 -37.65 32.49
N CYS D 321 26.43 -36.73 32.60
CA CYS D 321 26.08 -35.36 32.93
C CYS D 321 25.39 -34.70 31.74
N PRO D 322 24.21 -34.11 31.93
CA PRO D 322 23.39 -33.69 30.78
C PRO D 322 23.83 -32.38 30.11
N ILE D 323 25.01 -31.85 30.40
CA ILE D 323 25.48 -30.62 29.77
C ILE D 323 26.37 -31.02 28.60
N ASN D 324 25.76 -31.13 27.41
CA ASN D 324 26.49 -31.44 26.19
C ASN D 324 25.65 -31.03 24.98
N ASP D 325 26.33 -30.95 23.84
CA ASP D 325 25.64 -30.64 22.58
C ASP D 325 24.62 -31.71 22.23
N LEU D 326 24.82 -32.94 22.72
CA LEU D 326 23.96 -34.04 22.34
C LEU D 326 22.51 -33.78 22.73
N ASN D 327 22.28 -33.19 23.91
CA ASN D 327 20.92 -32.93 24.34
C ASN D 327 20.22 -31.94 23.40
N VAL D 328 20.92 -30.87 23.01
CA VAL D 328 20.33 -29.90 22.10
C VAL D 328 20.06 -30.53 20.74
N ILE D 329 20.99 -31.36 20.27
CA ILE D 329 20.79 -32.03 18.98
C ILE D 329 19.59 -32.96 19.04
N LEU D 330 19.43 -33.69 20.15
CA LEU D 330 18.28 -34.58 20.31
C LEU D 330 16.98 -33.79 20.34
N LEU D 331 16.96 -32.66 21.05
CA LEU D 331 15.76 -31.84 21.08
C LEU D 331 15.41 -31.32 19.69
N PHE D 332 16.40 -30.86 18.94
CA PHE D 332 16.12 -30.33 17.61
C PHE D 332 15.67 -31.42 16.65
N LEU D 333 16.28 -32.60 16.70
CA LEU D 333 15.81 -33.68 15.84
C LEU D 333 14.43 -34.16 16.24
N ARG D 334 14.10 -34.12 17.54
CA ARG D 334 12.74 -34.39 17.96
C ARG D 334 11.78 -33.36 17.39
N ALA D 335 12.19 -32.09 17.37
CA ALA D 335 11.41 -31.06 16.71
C ALA D 335 11.38 -31.23 15.20
N ASN D 336 12.25 -32.09 14.65
CA ASN D 336 12.28 -32.33 13.21
C ASN D 336 11.97 -33.78 12.88
N ILE D 337 10.91 -34.33 13.46
CA ILE D 337 10.53 -35.73 13.24
C ILE D 337 9.46 -35.81 12.15
N SER D 338 9.38 -34.77 11.32
CA SER D 338 8.44 -34.74 10.21
C SER D 338 9.14 -34.23 8.96
N GLU D 339 10.30 -34.81 8.63
CA GLU D 339 11.15 -34.25 7.61
C GLU D 339 10.48 -34.19 6.22
N LEU D 340 10.24 -35.31 5.56
CA LEU D 340 9.29 -35.33 4.45
C LEU D 340 8.20 -36.38 4.64
N ILE D 341 8.54 -37.67 4.60
CA ILE D 341 7.60 -38.75 4.89
C ILE D 341 8.28 -39.80 5.76
N SER D 342 9.62 -39.83 5.72
CA SER D 342 10.35 -40.94 6.33
C SER D 342 10.27 -40.89 7.84
N PHE D 343 10.50 -39.72 8.43
CA PHE D 343 10.37 -39.59 9.88
C PHE D 343 8.92 -39.80 10.32
N SER D 344 7.96 -39.49 9.46
CA SER D 344 6.57 -39.84 9.76
C SER D 344 6.39 -41.35 9.86
N TRP D 345 7.01 -42.10 8.94
CA TRP D 345 6.96 -43.55 9.01
C TRP D 345 7.66 -44.05 10.28
N LEU D 346 8.76 -43.41 10.66
CA LEU D 346 9.44 -43.77 11.91
C LEU D 346 8.52 -43.55 13.11
N SER D 347 7.81 -42.43 13.12
CA SER D 347 6.86 -42.16 14.19
C SER D 347 5.75 -43.20 14.23
N VAL D 348 5.22 -43.57 13.05
CA VAL D 348 4.17 -44.58 12.99
C VAL D 348 4.67 -45.90 13.55
N LEU D 349 5.87 -46.32 13.14
CA LEU D 349 6.37 -47.63 13.57
C LEU D 349 6.69 -47.62 15.06
N CYS D 350 7.23 -46.52 15.59
CA CYS D 350 7.52 -46.48 17.02
C CYS D 350 6.23 -46.41 17.84
N VAL D 351 5.19 -45.77 17.31
CA VAL D 351 3.91 -45.73 18.00
C VAL D 351 3.28 -47.13 18.04
N LEU D 352 3.30 -47.82 16.90
CA LEU D 352 2.70 -49.16 16.87
C LEU D 352 3.55 -50.19 17.60
N LYS D 353 4.85 -49.93 17.78
CA LYS D 353 5.70 -50.87 18.50
C LYS D 353 5.28 -50.99 19.97
N ASP D 354 4.91 -49.87 20.58
CA ASP D 354 4.48 -49.86 21.98
C ASP D 354 3.22 -50.69 22.18
N VAL D 366 9.70 -60.94 16.17
CA VAL D 366 9.18 -60.53 14.87
C VAL D 366 8.20 -59.37 15.04
N ASP D 367 8.61 -58.18 14.62
CA ASP D 367 7.80 -56.98 14.71
C ASP D 367 7.42 -56.52 13.31
N PHE D 368 6.13 -56.40 13.06
CA PHE D 368 5.59 -55.98 11.76
C PHE D 368 6.19 -56.85 10.65
N MET D 369 6.14 -58.16 10.90
CA MET D 369 6.66 -59.21 10.00
C MET D 369 8.00 -58.81 9.38
N THR D 370 8.94 -58.43 10.25
CA THR D 370 10.28 -58.00 9.87
C THR D 370 10.23 -56.80 8.91
N LEU D 371 9.45 -55.79 9.31
CA LEU D 371 9.32 -54.54 8.55
C LEU D 371 8.85 -54.81 7.12
N LEU D 372 7.68 -55.46 7.03
CA LEU D 372 7.05 -55.81 5.74
C LEU D 372 8.02 -56.47 4.76
N ALA D 373 9.06 -57.12 5.30
CA ALA D 373 10.10 -57.75 4.49
C ALA D 373 10.71 -56.80 3.47
N ARG E 24 -4.03 -31.29 -3.10
CA ARG E 24 -4.90 -32.08 -2.25
C ARG E 24 -4.27 -32.30 -0.88
N LEU E 25 -2.99 -32.67 -0.87
CA LEU E 25 -2.29 -32.89 0.39
C LEU E 25 -2.13 -31.59 1.17
N LYS E 26 -1.84 -30.49 0.48
CA LYS E 26 -1.65 -29.20 1.13
C LYS E 26 -2.96 -28.53 1.55
N GLY E 27 -4.10 -29.07 1.13
CA GLY E 27 -5.38 -28.47 1.46
C GLY E 27 -6.02 -29.06 2.69
N LEU E 28 -5.23 -29.74 3.53
CA LEU E 28 -5.77 -30.36 4.73
C LEU E 28 -6.29 -29.32 5.71
N ARG E 29 -7.42 -29.61 6.32
CA ARG E 29 -8.06 -28.74 7.31
C ARG E 29 -7.87 -29.34 8.69
N LEU E 30 -7.43 -28.52 9.64
CA LEU E 30 -7.14 -28.96 11.00
C LEU E 30 -8.30 -28.72 11.96
N GLU E 31 -9.44 -28.25 11.47
CA GLU E 31 -10.59 -28.02 12.33
C GLU E 31 -11.86 -28.02 11.47
N LEU E 32 -12.97 -28.34 12.12
CA LEU E 32 -14.25 -28.31 11.45
C LEU E 32 -14.62 -26.86 11.10
N PRO E 33 -15.36 -26.66 9.99
CA PRO E 33 -15.75 -25.28 9.65
C PRO E 33 -16.59 -24.60 10.71
N LEU E 34 -17.45 -25.36 11.41
CA LEU E 34 -18.25 -24.76 12.48
C LEU E 34 -17.36 -24.27 13.62
N ASP E 35 -16.40 -25.10 14.04
CA ASP E 35 -15.48 -24.69 15.10
C ASP E 35 -14.65 -23.48 14.66
N ARG E 36 -14.19 -23.48 13.41
CA ARG E 36 -13.41 -22.36 12.91
C ARG E 36 -14.22 -21.08 12.92
N ILE E 37 -15.47 -21.13 12.46
CA ILE E 37 -16.28 -19.91 12.41
C ILE E 37 -16.64 -19.46 13.83
N VAL E 38 -16.82 -20.40 14.75
CA VAL E 38 -17.09 -20.04 16.14
C VAL E 38 -15.90 -19.31 16.74
N LYS E 39 -14.70 -19.84 16.52
CA LYS E 39 -13.49 -19.17 17.00
C LYS E 39 -13.34 -17.79 16.36
N PHE E 40 -13.61 -17.70 15.05
CA PHE E 40 -13.48 -16.43 14.35
C PHE E 40 -14.44 -15.39 14.92
N VAL E 41 -15.69 -15.79 15.18
CA VAL E 41 -16.65 -14.86 15.77
C VAL E 41 -16.21 -14.45 17.18
N ALA E 42 -15.83 -15.44 18.00
CA ALA E 42 -15.45 -15.15 19.38
C ALA E 42 -14.21 -14.29 19.48
N VAL E 43 -13.35 -14.29 18.46
CA VAL E 43 -12.19 -13.41 18.45
C VAL E 43 -12.52 -12.04 17.86
N GLY E 44 -13.31 -12.02 16.77
CA GLY E 44 -13.55 -10.77 16.08
C GLY E 44 -14.52 -9.84 16.80
N SER E 45 -15.50 -10.41 17.51
CA SER E 45 -16.48 -9.55 18.19
C SER E 45 -15.83 -8.64 19.24
N PRO E 46 -14.98 -9.13 20.14
CA PRO E 46 -14.29 -8.18 21.05
C PRO E 46 -13.45 -7.15 20.32
N LEU E 47 -12.80 -7.54 19.22
CA LEU E 47 -12.00 -6.57 18.48
C LEU E 47 -12.88 -5.56 17.77
N LEU E 48 -14.05 -5.99 17.28
CA LEU E 48 -14.99 -5.04 16.70
C LEU E 48 -15.46 -4.04 17.74
N LEU E 49 -15.77 -4.52 18.96
CA LEU E 49 -16.18 -3.61 20.02
C LEU E 49 -15.03 -2.68 20.41
N MET E 50 -13.80 -3.18 20.37
CA MET E 50 -12.63 -2.34 20.64
C MET E 50 -12.53 -1.21 19.62
N SER E 51 -12.70 -1.55 18.35
CA SER E 51 -12.67 -0.53 17.30
C SER E 51 -13.78 0.49 17.51
N LEU E 52 -14.98 0.02 17.83
CA LEU E 52 -16.09 0.94 18.08
C LEU E 52 -15.79 1.86 19.26
N ALA E 53 -15.23 1.31 20.34
CA ALA E 53 -14.93 2.12 21.52
C ALA E 53 -13.87 3.17 21.23
N PHE E 54 -12.75 2.76 20.63
CA PHE E 54 -11.68 3.71 20.33
C PHE E 54 -12.06 4.66 19.20
N ALA E 55 -13.13 4.38 18.44
CA ALA E 55 -13.57 5.30 17.42
C ALA E 55 -14.58 6.31 17.95
N GLN E 56 -15.51 5.88 18.82
CA GLN E 56 -16.54 6.76 19.35
C GLN E 56 -16.18 7.36 20.70
N GLU E 57 -14.99 7.09 21.23
CA GLU E 57 -14.56 7.65 22.50
C GLU E 57 -13.69 8.89 22.33
N PHE E 58 -12.66 8.80 21.50
CA PHE E 58 -11.69 9.88 21.33
C PHE E 58 -11.93 10.71 20.07
N SER E 59 -13.04 10.49 19.37
CA SER E 59 -13.45 11.36 18.29
C SER E 59 -14.39 12.46 18.75
N SER E 60 -14.74 12.49 20.04
CA SER E 60 -15.58 13.52 20.62
C SER E 60 -14.98 14.09 21.90
N GLY E 61 -13.68 13.92 22.10
CA GLY E 61 -13.02 14.38 23.30
C GLY E 61 -12.87 13.25 24.32
N SER E 62 -13.34 13.49 25.54
CA SER E 62 -13.32 12.50 26.59
C SER E 62 -14.75 12.10 26.96
N PRO E 63 -14.97 10.86 27.39
CA PRO E 63 -16.33 10.37 27.71
C PRO E 63 -16.87 10.91 29.03
N ILE E 64 -16.75 12.22 29.23
CA ILE E 64 -17.25 12.87 30.44
C ILE E 64 -17.35 14.36 30.16
N SER E 65 -18.43 14.97 30.65
CA SER E 65 -18.62 16.41 30.58
C SER E 65 -19.06 16.90 31.95
N CYS E 66 -18.34 17.86 32.51
CA CYS E 66 -18.55 18.31 33.87
C CYS E 66 -19.11 19.73 33.86
N PHE E 67 -20.20 19.92 34.61
CA PHE E 67 -20.89 21.21 34.68
C PHE E 67 -20.18 22.11 35.69
N SER E 68 -19.02 22.60 35.28
CA SER E 68 -18.28 23.55 36.09
C SER E 68 -19.04 24.87 36.19
N PRO E 69 -18.93 25.59 37.30
CA PRO E 69 -19.67 26.84 37.47
C PRO E 69 -19.22 27.89 36.46
N SER E 70 -20.01 28.98 36.40
CA SER E 70 -19.75 30.00 35.39
C SER E 70 -18.50 30.81 35.68
N ASN E 71 -18.14 30.97 36.96
CA ASN E 71 -16.98 31.78 37.30
C ASN E 71 -15.66 31.12 36.94
N PHE E 72 -15.66 29.82 36.66
CA PHE E 72 -14.43 29.14 36.26
C PHE E 72 -14.03 29.57 34.85
N SER E 73 -12.72 29.73 34.65
CA SER E 73 -12.20 29.95 33.32
C SER E 73 -12.21 28.64 32.53
N ILE E 74 -11.82 28.69 31.26
CA ILE E 74 -11.82 27.50 30.44
C ILE E 74 -10.77 26.50 30.93
N ARG E 75 -9.60 26.99 31.33
CA ARG E 75 -8.55 26.10 31.80
C ARG E 75 -8.94 25.40 33.10
N GLN E 76 -9.56 26.14 34.02
CA GLN E 76 -10.01 25.52 35.27
C GLN E 76 -11.11 24.51 35.01
N ALA E 77 -12.01 24.79 34.06
CA ALA E 77 -13.04 23.83 33.71
C ALA E 77 -12.43 22.56 33.12
N ALA E 78 -11.41 22.71 32.27
CA ALA E 78 -10.74 21.54 31.72
C ALA E 78 -10.03 20.74 32.82
N TYR E 79 -9.44 21.44 33.80
CA TYR E 79 -8.80 20.75 34.90
C TYR E 79 -9.81 19.96 35.72
N VAL E 80 -10.98 20.56 35.99
CA VAL E 80 -12.03 19.85 36.72
C VAL E 80 -12.48 18.62 35.93
N ASP E 81 -12.65 18.79 34.62
CA ASP E 81 -13.04 17.69 33.76
C ASP E 81 -12.03 16.54 33.86
N SER E 82 -10.75 16.84 33.70
CA SER E 82 -9.73 15.80 33.74
C SER E 82 -9.65 15.14 35.10
N SER E 83 -9.74 15.94 36.17
CA SER E 83 -9.65 15.38 37.51
C SER E 83 -10.81 14.45 37.81
N CYS E 84 -12.03 14.85 37.43
CA CYS E 84 -13.17 13.98 37.67
C CYS E 84 -13.13 12.74 36.79
N TRP E 85 -12.60 12.86 35.57
CA TRP E 85 -12.46 11.70 34.72
C TRP E 85 -11.46 10.70 35.31
N ASP E 86 -10.36 11.20 35.86
CA ASP E 86 -9.36 10.31 36.45
C ASP E 86 -9.89 9.66 37.74
N SER E 87 -10.50 10.47 38.61
CA SER E 87 -10.96 9.95 39.90
C SER E 87 -12.09 8.95 39.71
N LEU E 88 -13.12 9.33 38.95
CA LEU E 88 -14.29 8.48 38.72
C LEU E 88 -14.90 8.00 40.04
N LEU E 89 -15.00 8.91 41.00
CA LEU E 89 -15.55 8.61 42.31
C LEU E 89 -16.94 9.21 42.46
N HIS E 90 -17.74 8.61 43.34
CA HIS E 90 -19.08 9.08 43.64
C HIS E 90 -19.15 9.43 45.12
N HIS E 91 -19.72 10.59 45.44
CA HIS E 91 -19.76 11.08 46.80
C HIS E 91 -21.19 11.17 47.31
N LYS E 92 -21.98 10.13 47.06
CA LYS E 92 -23.38 10.12 47.48
C LYS E 92 -23.49 10.34 48.99
N GLN E 93 -24.41 11.22 49.38
CA GLN E 93 -24.62 11.52 50.79
C GLN E 93 -26.04 12.01 51.02
N ASP E 99 -19.63 8.46 54.87
CA ASP E 99 -19.78 8.99 53.52
C ASP E 99 -19.56 7.89 52.48
N LYS E 100 -20.57 7.67 51.64
CA LYS E 100 -20.46 6.66 50.59
C LYS E 100 -19.37 7.06 49.59
N MET E 101 -18.64 6.06 49.11
CA MET E 101 -17.54 6.28 48.18
C MET E 101 -17.57 5.26 47.07
N LYS E 102 -18.76 5.03 46.49
CA LYS E 102 -18.88 4.09 45.39
C LYS E 102 -18.06 4.58 44.19
N SER E 103 -17.43 3.64 43.49
CA SER E 103 -16.59 3.95 42.34
C SER E 103 -17.29 3.53 41.06
N LEU E 104 -16.85 4.14 39.97
CA LEU E 104 -17.36 3.85 38.62
C LEU E 104 -16.20 3.49 37.69
N TRP E 105 -15.33 2.60 38.17
CA TRP E 105 -14.15 2.22 37.39
C TRP E 105 -14.44 1.61 36.03
N PRO E 106 -15.42 0.71 35.84
CA PRO E 106 -15.49 -0.03 34.57
C PRO E 106 -15.57 0.86 33.34
N HIS E 107 -16.24 2.02 33.43
CA HIS E 107 -16.38 2.88 32.27
C HIS E 107 -15.04 3.32 31.71
N LYS E 108 -14.00 3.38 32.55
CA LYS E 108 -12.67 3.69 32.07
C LYS E 108 -11.87 2.45 31.72
N ALA E 109 -12.24 1.29 32.26
CA ALA E 109 -11.54 0.04 31.99
C ALA E 109 -12.30 -0.84 30.99
N LEU E 110 -13.38 -0.32 30.40
CA LEU E 110 -14.17 -1.13 29.48
C LEU E 110 -13.37 -1.64 28.29
N PRO E 111 -12.59 -0.82 27.56
CA PRO E 111 -11.81 -1.38 26.46
C PRO E 111 -10.75 -2.36 26.92
N TYR E 112 -9.85 -1.92 27.80
CA TYR E 112 -8.69 -2.73 28.17
C TYR E 112 -9.12 -4.08 28.72
N SER E 113 -10.12 -4.09 29.61
CA SER E 113 -10.61 -5.36 30.14
C SER E 113 -11.03 -6.30 29.00
N LEU E 114 -11.84 -5.79 28.07
CA LEU E 114 -12.27 -6.62 26.96
C LEU E 114 -11.08 -7.13 26.16
N LEU E 115 -9.99 -6.35 26.09
CA LEU E 115 -8.80 -6.80 25.39
C LEU E 115 -8.29 -8.10 25.99
N ALA E 116 -8.25 -8.18 27.33
CA ALA E 116 -7.87 -9.44 27.97
C ALA E 116 -8.77 -10.56 27.50
N LEU E 117 -10.08 -10.29 27.45
CA LEU E 117 -11.02 -11.29 26.95
C LEU E 117 -10.61 -11.77 25.56
N ALA E 118 -10.25 -10.82 24.68
CA ALA E 118 -9.79 -11.21 23.35
C ALA E 118 -8.61 -12.16 23.45
N LEU E 119 -7.61 -11.81 24.25
CA LEU E 119 -6.48 -12.71 24.44
C LEU E 119 -6.94 -14.06 24.98
N LEU E 120 -7.91 -14.05 25.89
CA LEU E 120 -8.46 -15.30 26.40
C LEU E 120 -9.05 -16.12 25.26
N MET E 121 -9.80 -15.47 24.37
CA MET E 121 -10.37 -16.19 23.23
C MET E 121 -9.31 -16.76 22.32
N TYR E 122 -8.09 -16.23 22.38
CA TYR E 122 -6.99 -16.74 21.59
C TYR E 122 -6.08 -17.68 22.37
N LEU E 123 -6.42 -17.97 23.62
CA LEU E 123 -5.57 -18.84 24.43
C LEU E 123 -5.75 -20.32 24.07
N PRO E 124 -6.97 -20.88 24.11
CA PRO E 124 -7.10 -22.31 23.80
C PRO E 124 -6.67 -22.66 22.39
N VAL E 125 -6.94 -21.80 21.41
CA VAL E 125 -6.63 -22.11 20.02
C VAL E 125 -5.14 -22.34 19.85
N LEU E 126 -4.32 -21.46 20.42
CA LEU E 126 -2.88 -21.68 20.40
C LEU E 126 -2.53 -23.01 21.04
N LEU E 127 -3.19 -23.34 22.15
CA LEU E 127 -3.03 -24.67 22.73
C LEU E 127 -3.33 -25.75 21.70
N TRP E 128 -4.46 -25.63 21.01
CA TRP E 128 -4.80 -26.57 19.96
C TRP E 128 -3.75 -26.59 18.86
N GLN E 129 -3.10 -25.45 18.62
CA GLN E 129 -2.06 -25.39 17.60
C GLN E 129 -0.73 -25.95 18.09
N TYR E 130 -0.56 -26.12 19.40
CA TYR E 130 0.71 -26.58 19.95
C TYR E 130 0.58 -27.86 20.77
N ALA E 131 -0.56 -28.55 20.67
CA ALA E 131 -0.76 -29.80 21.40
C ALA E 131 -1.34 -30.93 20.56
N ALA E 132 -1.97 -30.65 19.42
CA ALA E 132 -2.56 -31.70 18.62
C ALA E 132 -2.31 -31.58 17.12
N VAL E 133 -1.86 -30.43 16.61
CA VAL E 133 -1.70 -30.27 15.17
C VAL E 133 -0.68 -31.23 14.57
N PRO E 134 0.53 -31.37 15.13
CA PRO E 134 1.51 -32.25 14.45
C PRO E 134 1.10 -33.71 14.42
N ALA E 135 0.68 -34.27 15.57
CA ALA E 135 0.28 -35.67 15.60
C ALA E 135 -0.92 -35.93 14.71
N LEU E 136 -1.93 -35.05 14.76
CA LEU E 136 -3.10 -35.22 13.91
C LEU E 136 -2.73 -35.13 12.44
N SER E 137 -1.85 -34.19 12.07
CA SER E 137 -1.45 -34.06 10.68
C SER E 137 -0.71 -35.31 10.19
N SER E 138 0.22 -35.81 11.01
CA SER E 138 0.96 -37.01 10.63
C SER E 138 0.02 -38.21 10.47
N ASP E 139 -0.89 -38.38 11.43
CA ASP E 139 -1.82 -39.50 11.37
C ASP E 139 -2.74 -39.38 10.16
N LEU E 140 -3.21 -38.17 9.86
CA LEU E 140 -4.08 -37.97 8.71
C LEU E 140 -3.35 -38.26 7.41
N LEU E 141 -2.08 -37.82 7.29
CA LEU E 141 -1.32 -38.10 6.08
C LEU E 141 -1.08 -39.60 5.92
N PHE E 142 -0.71 -40.29 7.00
CA PHE E 142 -0.51 -41.73 6.92
C PHE E 142 -1.80 -42.45 6.55
N ILE E 143 -2.93 -42.03 7.15
CA ILE E 143 -4.21 -42.67 6.88
C ILE E 143 -4.63 -42.45 5.43
N ILE E 144 -4.42 -41.23 4.91
CA ILE E 144 -4.82 -40.96 3.54
C ILE E 144 -3.94 -41.74 2.56
N SER E 145 -2.65 -41.88 2.87
CA SER E 145 -1.78 -42.70 2.02
C SER E 145 -2.23 -44.16 2.03
N GLU E 146 -2.56 -44.70 3.21
CA GLU E 146 -3.01 -46.08 3.28
C GLU E 146 -4.37 -46.26 2.58
N LEU E 147 -5.24 -45.26 2.67
CA LEU E 147 -6.51 -45.32 1.97
C LEU E 147 -6.32 -45.35 0.45
N ASP E 148 -5.40 -44.52 -0.05
CA ASP E 148 -5.10 -44.55 -1.48
C ASP E 148 -4.54 -45.90 -1.90
N LYS E 149 -3.62 -46.45 -1.09
CA LYS E 149 -3.06 -47.75 -1.40
C LYS E 149 -4.11 -48.84 -1.40
N SER E 150 -5.03 -48.81 -0.42
CA SER E 150 -6.09 -49.81 -0.35
C SER E 150 -7.05 -49.67 -1.53
N TYR E 151 -7.36 -48.43 -1.94
CA TYR E 151 -8.21 -48.24 -3.10
C TYR E 151 -7.56 -48.81 -4.36
N ASN E 152 -6.26 -48.55 -4.54
CA ASN E 152 -5.56 -49.10 -5.69
C ASN E 152 -5.53 -50.62 -5.65
N ARG E 153 -5.30 -51.19 -4.47
CA ARG E 153 -5.29 -52.64 -4.34
C ARG E 153 -6.65 -53.24 -4.66
N SER E 154 -7.74 -52.61 -4.20
CA SER E 154 -9.07 -53.08 -4.51
C SER E 154 -9.35 -52.98 -6.01
N ILE E 155 -8.91 -51.89 -6.64
CA ILE E 155 -9.10 -51.74 -8.08
C ILE E 155 -8.38 -52.85 -8.83
N ARG E 156 -7.16 -53.18 -8.40
CA ARG E 156 -6.43 -54.28 -9.04
C ARG E 156 -7.11 -55.62 -8.79
N LEU E 157 -7.65 -55.83 -7.58
CA LEU E 157 -8.18 -57.14 -7.21
C LEU E 157 -9.53 -57.41 -7.85
N VAL E 158 -10.37 -56.39 -8.05
CA VAL E 158 -11.69 -56.63 -8.61
C VAL E 158 -11.59 -57.14 -10.04
N GLN E 159 -10.60 -56.66 -10.80
CA GLN E 159 -10.40 -57.12 -12.17
C GLN E 159 -9.98 -58.58 -12.22
N TYR E 186 -3.89 -60.59 1.67
CA TYR E 186 -4.20 -59.74 0.53
C TYR E 186 -5.40 -58.84 0.81
N PHE E 187 -6.46 -59.44 1.36
CA PHE E 187 -7.68 -58.69 1.65
C PHE E 187 -7.50 -57.80 2.88
N GLU E 188 -6.87 -58.34 3.92
CA GLU E 188 -6.73 -57.62 5.19
C GLU E 188 -5.43 -56.86 5.24
N PHE E 189 -5.42 -55.78 6.01
CA PHE E 189 -4.22 -54.98 6.22
C PHE E 189 -3.79 -55.10 7.67
N PRO E 190 -2.63 -55.71 7.96
CA PRO E 190 -2.21 -55.82 9.37
C PRO E 190 -1.70 -54.51 9.94
N LEU E 191 -1.04 -53.67 9.14
CA LEU E 191 -0.54 -52.40 9.63
C LEU E 191 -1.69 -51.50 10.07
N LEU E 192 -2.71 -51.36 9.23
CA LEU E 192 -3.86 -50.53 9.59
C LEU E 192 -4.60 -51.10 10.80
N GLU E 193 -4.73 -52.42 10.86
CA GLU E 193 -5.41 -53.04 11.99
C GLU E 193 -4.68 -52.76 13.29
N ARG E 194 -3.35 -52.92 13.28
CA ARG E 194 -2.57 -52.65 14.48
C ARG E 194 -2.63 -51.17 14.86
N TYR E 195 -2.56 -50.28 13.88
CA TYR E 195 -2.61 -48.85 14.17
C TYR E 195 -3.96 -48.46 14.77
N LEU E 196 -5.05 -49.02 14.22
CA LEU E 196 -6.37 -48.73 14.77
C LEU E 196 -6.53 -49.31 16.17
N ALA E 197 -5.98 -50.50 16.40
CA ALA E 197 -6.02 -51.08 17.74
C ALA E 197 -5.26 -50.21 18.74
N CYS E 198 -4.10 -49.70 18.34
CA CYS E 198 -3.35 -48.80 19.21
C CYS E 198 -4.10 -47.50 19.46
N LYS E 199 -4.72 -46.93 18.42
CA LYS E 199 -5.41 -45.66 18.56
C LYS E 199 -6.66 -45.80 19.40
N GLN E 200 -7.29 -46.97 19.40
CA GLN E 200 -8.47 -47.19 20.23
C GLN E 200 -8.13 -47.17 21.72
N ARG E 201 -6.85 -47.24 22.08
CA ARG E 201 -6.42 -47.21 23.47
C ARG E 201 -5.88 -45.87 23.92
N SER E 202 -5.32 -45.08 23.00
CA SER E 202 -4.78 -43.77 23.36
C SER E 202 -5.90 -42.77 23.60
N HIS E 203 -5.60 -41.76 24.43
CA HIS E 203 -6.57 -40.73 24.79
C HIS E 203 -5.92 -39.36 24.76
N SER E 204 -5.18 -39.06 23.69
CA SER E 204 -4.47 -37.78 23.61
C SER E 204 -5.30 -36.73 22.89
N LEU E 205 -5.67 -36.99 21.64
CA LEU E 205 -6.41 -36.00 20.85
C LEU E 205 -7.76 -35.71 21.46
N VAL E 206 -8.44 -36.73 21.97
CA VAL E 206 -9.71 -36.52 22.65
C VAL E 206 -9.52 -35.63 23.87
N ALA E 207 -8.43 -35.85 24.62
CA ALA E 207 -8.15 -35.01 25.78
C ALA E 207 -7.93 -33.56 25.37
N THR E 208 -7.15 -33.33 24.30
CA THR E 208 -6.91 -31.97 23.85
C THR E 208 -8.21 -31.29 23.39
N TYR E 209 -9.04 -32.02 22.66
CA TYR E 209 -10.31 -31.46 22.18
C TYR E 209 -11.21 -31.08 23.35
N LEU E 210 -11.40 -32.01 24.29
CA LEU E 210 -12.27 -31.72 25.42
C LEU E 210 -11.71 -30.59 26.27
N LEU E 211 -10.38 -30.55 26.44
CA LEU E 211 -9.78 -29.47 27.22
C LEU E 211 -9.97 -28.12 26.56
N ARG E 212 -9.82 -28.05 25.24
CA ARG E 212 -10.02 -26.79 24.53
C ARG E 212 -11.47 -26.32 24.66
N ASN E 213 -12.42 -27.24 24.45
CA ASN E 213 -13.82 -26.84 24.56
C ASN E 213 -14.17 -26.43 25.99
N SER E 214 -13.65 -27.15 26.99
CA SER E 214 -13.90 -26.80 28.38
C SER E 214 -13.30 -25.44 28.72
N LEU E 215 -12.10 -25.16 28.21
CA LEU E 215 -11.49 -23.85 28.46
C LEU E 215 -12.32 -22.74 27.86
N LEU E 216 -12.81 -22.93 26.62
CA LEU E 216 -13.64 -21.90 26.01
C LEU E 216 -14.93 -21.70 26.80
N LEU E 217 -15.56 -22.79 27.24
CA LEU E 217 -16.79 -22.67 28.02
C LEU E 217 -16.53 -21.97 29.35
N ILE E 218 -15.40 -22.28 30.00
CA ILE E 218 -15.06 -21.66 31.26
C ILE E 218 -14.82 -20.16 31.08
N PHE E 219 -14.14 -19.79 30.00
CA PHE E 219 -13.93 -18.37 29.72
C PHE E 219 -15.25 -17.65 29.47
N THR E 220 -16.17 -18.29 28.74
CA THR E 220 -17.48 -17.68 28.52
C THR E 220 -18.23 -17.51 29.83
N SER E 221 -18.17 -18.53 30.71
CA SER E 221 -18.82 -18.42 32.01
C SER E 221 -18.20 -17.31 32.85
N ALA E 222 -16.88 -17.16 32.78
CA ALA E 222 -16.21 -16.07 33.50
C ALA E 222 -16.66 -14.72 32.98
N THR E 223 -16.80 -14.58 31.66
CA THR E 223 -17.32 -13.33 31.10
C THR E 223 -18.74 -13.07 31.58
N TYR E 224 -19.56 -14.12 31.64
CA TYR E 224 -20.92 -13.98 32.17
C TYR E 224 -20.90 -13.48 33.60
N LEU E 225 -20.03 -14.06 34.43
CA LEU E 225 -19.95 -13.64 35.83
C LEU E 225 -19.47 -12.19 35.93
N TYR E 226 -18.49 -11.81 35.12
CA TYR E 226 -17.97 -10.45 35.13
C TYR E 226 -19.07 -9.45 34.77
N LEU E 227 -19.81 -9.71 33.69
CA LEU E 227 -20.88 -8.81 33.28
C LEU E 227 -22.00 -8.76 34.31
N GLY E 228 -22.37 -9.91 34.88
CA GLY E 228 -23.43 -9.93 35.86
C GLY E 228 -23.05 -9.51 37.25
N HIS E 229 -21.77 -9.25 37.50
CA HIS E 229 -21.33 -8.79 38.81
C HIS E 229 -20.81 -7.37 38.82
N PHE E 230 -20.38 -6.83 37.67
CA PHE E 230 -19.78 -5.50 37.65
C PHE E 230 -20.56 -4.48 36.83
N HIS E 231 -21.39 -4.92 35.89
CA HIS E 231 -22.00 -3.99 34.94
C HIS E 231 -23.51 -3.83 35.14
N LEU E 232 -24.05 -4.22 36.28
CA LEU E 232 -25.45 -3.91 36.57
C LEU E 232 -25.64 -2.95 37.73
N ASP E 233 -24.63 -2.78 38.59
CA ASP E 233 -24.69 -1.74 39.60
C ASP E 233 -24.36 -0.37 39.04
N VAL E 234 -23.87 -0.31 37.80
CA VAL E 234 -23.52 0.94 37.13
C VAL E 234 -24.40 1.19 35.92
N PHE E 235 -25.25 0.23 35.55
CA PHE E 235 -25.93 0.26 34.26
C PHE E 235 -26.95 1.38 34.16
N PHE E 236 -27.28 2.04 35.27
CA PHE E 236 -28.21 3.17 35.30
C PHE E 236 -27.60 4.36 36.03
N GLN E 237 -26.36 4.70 35.71
CA GLN E 237 -25.69 5.87 36.27
C GLN E 237 -25.55 6.91 35.17
N GLU E 238 -26.46 7.87 35.14
CA GLU E 238 -26.39 8.95 34.17
C GLU E 238 -25.43 10.05 34.62
N GLU E 239 -25.62 10.56 35.83
CA GLU E 239 -24.81 11.65 36.36
C GLU E 239 -24.35 11.31 37.77
N PHE E 240 -23.18 11.82 38.14
CA PHE E 240 -22.59 11.54 39.43
C PHE E 240 -21.85 12.76 39.93
N SER E 241 -21.83 12.92 41.26
CA SER E 241 -21.06 14.00 41.87
C SER E 241 -19.59 13.65 41.88
N CYS E 242 -18.75 14.67 42.00
CA CYS E 242 -17.31 14.50 42.00
C CYS E 242 -16.70 15.68 42.75
N SER E 243 -15.77 15.40 43.66
CA SER E 243 -15.17 16.41 44.51
C SER E 243 -13.67 16.42 44.27
N ILE E 244 -13.12 17.61 44.06
CA ILE E 244 -11.70 17.80 43.88
C ILE E 244 -11.12 18.50 45.11
N LYS E 245 -11.86 18.45 46.22
CA LYS E 245 -11.46 19.08 47.48
C LYS E 245 -10.70 18.12 48.39
N THR E 246 -9.92 17.24 47.77
CA THR E 246 -9.11 16.24 48.47
C THR E 246 -7.66 16.49 48.12
N GLY E 247 -6.85 16.74 49.14
CA GLY E 247 -5.42 16.96 48.94
C GLY E 247 -5.04 18.42 49.14
N LEU E 248 -4.24 18.95 48.21
CA LEU E 248 -3.70 20.29 48.38
C LEU E 248 -4.78 21.36 48.26
N LEU E 249 -5.78 21.14 47.42
CA LEU E 249 -6.86 22.11 47.23
C LEU E 249 -7.89 22.08 48.36
N SER E 250 -7.58 21.42 49.49
CA SER E 250 -8.55 21.29 50.56
C SER E 250 -8.93 22.64 51.14
N ASP E 251 -7.95 23.52 51.31
CA ASP E 251 -8.20 24.84 51.91
C ASP E 251 -8.60 25.89 50.89
N GLU E 252 -8.67 25.55 49.61
CA GLU E 252 -9.09 26.51 48.60
C GLU E 252 -10.59 26.79 48.72
N THR E 253 -10.96 28.05 48.53
CA THR E 253 -12.35 28.48 48.57
C THR E 253 -12.87 28.95 47.22
N HIS E 254 -12.09 28.77 46.15
CA HIS E 254 -12.48 29.20 44.82
C HIS E 254 -13.28 28.14 44.06
N VAL E 255 -13.38 26.93 44.58
CA VAL E 255 -14.08 25.85 43.90
C VAL E 255 -15.18 25.31 44.80
N PRO E 256 -16.27 24.80 44.23
CA PRO E 256 -17.33 24.22 45.06
C PRO E 256 -16.92 22.87 45.64
N ASN E 257 -17.68 22.44 46.64
CA ASN E 257 -17.38 21.16 47.27
C ASN E 257 -17.78 19.98 46.40
N LEU E 258 -18.89 20.08 45.68
CA LEU E 258 -19.38 18.99 44.84
C LEU E 258 -19.69 19.53 43.45
N ILE E 259 -19.18 18.86 42.43
CA ILE E 259 -19.42 19.22 41.04
C ILE E 259 -20.06 18.03 40.34
N THR E 260 -21.20 18.26 39.71
CA THR E 260 -21.90 17.19 39.01
C THR E 260 -21.30 16.98 37.63
N CYS E 261 -21.26 15.72 37.18
CA CYS E 261 -20.76 15.38 35.86
C CYS E 261 -21.57 14.24 35.29
N ARG E 262 -21.94 14.34 34.02
CA ARG E 262 -22.68 13.29 33.34
C ARG E 262 -21.79 12.60 32.32
N LEU E 263 -21.85 11.28 32.29
CA LEU E 263 -21.01 10.49 31.42
C LEU E 263 -21.59 10.44 30.01
N THR E 264 -20.77 10.77 29.02
CA THR E 264 -21.25 10.82 27.64
C THR E 264 -21.44 9.42 27.07
N SER E 265 -20.51 8.51 27.35
CA SER E 265 -20.48 7.20 26.71
C SER E 265 -21.33 6.16 27.42
N LEU E 266 -22.35 6.57 28.17
CA LEU E 266 -23.19 5.60 28.87
C LEU E 266 -23.92 4.70 27.90
N SER E 267 -24.53 5.29 26.86
CA SER E 267 -25.29 4.50 25.90
C SER E 267 -24.38 3.54 25.13
N ILE E 268 -23.18 4.02 24.77
CA ILE E 268 -22.23 3.17 24.06
C ILE E 268 -21.83 1.98 24.92
N PHE E 269 -21.57 2.22 26.20
CA PHE E 269 -21.21 1.15 27.12
C PHE E 269 -22.35 0.15 27.26
N GLN E 270 -23.58 0.65 27.36
CA GLN E 270 -24.74 -0.23 27.47
C GLN E 270 -24.87 -1.12 26.23
N ILE E 271 -24.72 -0.52 25.05
CA ILE E 271 -24.83 -1.26 23.80
C ILE E 271 -23.72 -2.31 23.71
N VAL E 272 -22.51 -1.95 24.13
CA VAL E 272 -21.39 -2.89 24.08
C VAL E 272 -21.66 -4.08 24.98
N SER E 273 -22.13 -3.82 26.20
CA SER E 273 -22.41 -4.92 27.14
C SER E 273 -23.51 -5.82 26.60
N LEU E 274 -24.59 -5.24 26.08
CA LEU E 274 -25.68 -6.04 25.55
C LEU E 274 -25.24 -6.87 24.36
N SER E 275 -24.44 -6.28 23.47
CA SER E 275 -23.93 -7.01 22.32
C SER E 275 -23.07 -8.18 22.75
N SER E 276 -22.20 -7.96 23.75
CA SER E 276 -21.34 -9.02 24.23
C SER E 276 -22.15 -10.18 24.78
N VAL E 277 -23.11 -9.88 25.67
CA VAL E 277 -23.87 -10.94 26.29
C VAL E 277 -24.71 -11.69 25.26
N ALA E 278 -25.32 -10.97 24.31
CA ALA E 278 -26.12 -11.63 23.28
C ALA E 278 -25.27 -12.51 22.39
N ILE E 279 -24.09 -12.02 22.00
CA ILE E 279 -23.22 -12.79 21.11
C ILE E 279 -22.77 -14.07 21.79
N TYR E 280 -22.37 -13.99 23.06
CA TYR E 280 -21.92 -15.20 23.73
C TYR E 280 -23.06 -16.15 24.06
N THR E 281 -24.26 -15.63 24.30
CA THR E 281 -25.43 -16.50 24.43
C THR E 281 -25.71 -17.26 23.13
N ILE E 282 -25.59 -16.58 21.99
CA ILE E 282 -25.76 -17.26 20.71
C ILE E 282 -24.65 -18.27 20.48
N LEU E 283 -23.43 -17.98 20.93
CA LEU E 283 -22.28 -18.85 20.66
C LEU E 283 -22.25 -20.10 21.52
N VAL E 284 -22.71 -20.03 22.78
CA VAL E 284 -22.54 -21.18 23.69
C VAL E 284 -23.22 -22.46 23.21
N PRO E 285 -24.45 -22.44 22.68
CA PRO E 285 -25.06 -23.73 22.30
C PRO E 285 -24.31 -24.44 21.19
N VAL E 286 -23.68 -23.70 20.28
CA VAL E 286 -22.91 -24.34 19.22
C VAL E 286 -21.69 -25.04 19.82
N ILE E 287 -21.07 -24.44 20.84
CA ILE E 287 -19.98 -25.10 21.55
C ILE E 287 -20.49 -26.36 22.23
N ILE E 288 -21.68 -26.30 22.83
CA ILE E 288 -22.25 -27.48 23.45
C ILE E 288 -22.46 -28.59 22.43
N TYR E 289 -22.97 -28.23 21.25
CA TYR E 289 -23.19 -29.21 20.19
C TYR E 289 -21.87 -29.81 19.71
N ASN E 290 -20.84 -28.98 19.54
CA ASN E 290 -19.54 -29.49 19.14
C ASN E 290 -18.93 -30.40 20.19
N LEU E 291 -19.22 -30.15 21.48
CA LEU E 291 -18.75 -31.04 22.53
C LEU E 291 -19.50 -32.37 22.52
N THR E 292 -20.82 -32.32 22.35
CA THR E 292 -21.61 -33.55 22.38
C THR E 292 -21.52 -34.35 21.09
N ARG E 293 -20.98 -33.77 20.01
CA ARG E 293 -20.76 -34.52 18.79
C ARG E 293 -19.83 -35.71 19.04
N LEU E 294 -18.83 -35.52 19.89
CA LEU E 294 -17.91 -36.61 20.21
C LEU E 294 -18.59 -37.70 21.03
N CYS E 295 -19.66 -37.36 21.76
CA CYS E 295 -20.33 -38.33 22.62
C CYS E 295 -21.11 -39.39 21.84
N ARG E 296 -21.38 -39.17 20.55
CA ARG E 296 -22.12 -40.11 19.74
C ARG E 296 -21.22 -40.63 18.63
N TRP E 297 -21.20 -41.94 18.45
CA TRP E 297 -20.33 -42.54 17.45
C TRP E 297 -20.82 -42.21 16.04
N ASP E 298 -19.90 -42.26 15.09
CA ASP E 298 -20.20 -41.90 13.69
C ASP E 298 -20.91 -43.06 12.99
N LYS E 299 -22.09 -43.41 13.51
CA LYS E 299 -22.88 -44.49 12.92
C LYS E 299 -23.49 -44.08 11.59
N ARG E 300 -23.69 -42.78 11.36
CA ARG E 300 -24.37 -42.32 10.15
C ARG E 300 -23.64 -42.76 8.88
N LEU E 301 -22.35 -43.07 8.97
CA LEU E 301 -21.57 -43.50 7.82
C LEU E 301 -21.12 -44.95 7.93
N LEU E 302 -21.71 -45.74 8.83
CA LEU E 302 -21.25 -47.12 9.01
C LEU E 302 -21.43 -47.93 7.74
N SER E 303 -22.58 -47.79 7.07
CA SER E 303 -22.79 -48.49 5.81
C SER E 303 -21.80 -48.03 4.75
N VAL E 304 -21.30 -46.79 4.88
CA VAL E 304 -20.23 -46.33 4.00
C VAL E 304 -19.01 -47.22 4.14
N TYR E 305 -18.64 -47.54 5.38
CA TYR E 305 -17.51 -48.44 5.60
C TYR E 305 -17.78 -49.82 5.02
N GLU E 306 -19.04 -50.13 4.71
CA GLU E 306 -19.38 -51.41 4.10
C GLU E 306 -18.97 -51.49 2.63
N MET E 307 -18.53 -50.38 2.02
CA MET E 307 -18.15 -50.44 0.61
C MET E 307 -16.97 -51.39 0.40
N LEU E 308 -16.13 -51.55 1.42
CA LEU E 308 -15.04 -52.52 1.40
C LEU E 308 -15.14 -53.38 2.66
N PRO E 309 -15.21 -54.71 2.55
CA PRO E 309 -15.25 -55.54 3.75
C PRO E 309 -14.04 -55.36 4.65
N ALA E 310 -12.88 -54.99 4.10
CA ALA E 310 -11.73 -54.67 4.93
C ALA E 310 -12.01 -53.44 5.80
N PHE E 311 -12.65 -52.43 5.22
CA PHE E 311 -13.05 -51.26 6.01
C PHE E 311 -14.07 -51.64 7.08
N ASP E 312 -14.97 -52.58 6.75
CA ASP E 312 -15.91 -53.07 7.75
C ASP E 312 -15.19 -53.77 8.89
N LEU E 313 -14.19 -54.59 8.58
CA LEU E 313 -13.44 -55.27 9.62
C LEU E 313 -12.67 -54.27 10.48
N LEU E 314 -12.12 -53.23 9.86
CA LEU E 314 -11.55 -52.14 10.63
C LEU E 314 -12.60 -51.50 11.53
N SER E 315 -13.83 -51.39 11.01
CA SER E 315 -14.96 -50.86 11.75
C SER E 315 -15.72 -51.94 12.52
N ARG E 316 -15.16 -53.14 12.65
CA ARG E 316 -15.76 -54.13 13.52
C ARG E 316 -15.65 -53.67 14.98
N LYS E 317 -16.71 -53.94 15.75
CA LYS E 317 -16.76 -53.63 17.18
C LYS E 317 -16.56 -52.14 17.44
N MET E 318 -17.17 -51.30 16.61
CA MET E 318 -17.10 -49.85 16.82
C MET E 318 -17.80 -49.44 18.12
N LEU E 319 -18.73 -50.28 18.59
CA LEU E 319 -19.45 -49.96 19.81
C LEU E 319 -18.50 -49.90 20.99
N GLY E 320 -18.73 -48.94 21.88
CA GLY E 320 -17.90 -48.78 23.05
C GLY E 320 -18.03 -47.36 23.59
N CYS E 321 -17.17 -47.06 24.55
CA CYS E 321 -17.15 -45.73 25.13
C CYS E 321 -16.59 -44.74 24.12
N PRO E 322 -17.29 -43.64 23.83
CA PRO E 322 -16.91 -42.78 22.70
C PRO E 322 -15.73 -41.84 22.95
N ILE E 323 -14.97 -42.01 24.03
CA ILE E 323 -13.82 -41.15 24.29
C ILE E 323 -12.58 -41.88 23.77
N ASN E 324 -12.22 -41.58 22.52
CA ASN E 324 -11.02 -42.14 21.92
C ASN E 324 -10.62 -41.28 20.72
N ASP E 325 -9.37 -41.48 20.28
CA ASP E 325 -8.87 -40.78 19.10
C ASP E 325 -9.66 -41.17 17.86
N LEU E 326 -10.27 -42.34 17.85
CA LEU E 326 -10.96 -42.83 16.67
C LEU E 326 -12.10 -41.91 16.25
N ASN E 327 -12.84 -41.36 17.21
CA ASN E 327 -13.93 -40.45 16.88
C ASN E 327 -13.42 -39.20 16.18
N VAL E 328 -12.33 -38.61 16.70
CA VAL E 328 -11.78 -37.42 16.07
C VAL E 328 -11.25 -37.73 14.67
N ILE E 329 -10.60 -38.88 14.52
CA ILE E 329 -10.10 -39.29 13.21
C ILE E 329 -11.25 -39.47 12.22
N LEU E 330 -12.34 -40.09 12.67
CA LEU E 330 -13.50 -40.27 11.81
C LEU E 330 -14.10 -38.94 11.41
N LEU E 331 -14.21 -38.01 12.35
CA LEU E 331 -14.75 -36.68 12.02
C LEU E 331 -13.87 -35.97 11.01
N PHE E 332 -12.55 -36.05 11.19
CA PHE E 332 -11.67 -35.35 10.26
C PHE E 332 -11.67 -36.00 8.87
N LEU E 333 -11.71 -37.33 8.79
CA LEU E 333 -11.80 -37.96 7.49
C LEU E 333 -13.14 -37.69 6.82
N ARG E 334 -14.22 -37.58 7.62
CA ARG E 334 -15.49 -37.14 7.06
C ARG E 334 -15.39 -35.72 6.51
N ALA E 335 -14.68 -34.85 7.21
CA ALA E 335 -14.39 -33.52 6.68
C ALA E 335 -13.45 -33.56 5.49
N ASN E 336 -12.80 -34.71 5.23
CA ASN E 336 -11.89 -34.84 4.11
C ASN E 336 -12.35 -35.91 3.13
N ILE E 337 -13.63 -35.87 2.75
CA ILE E 337 -14.20 -36.85 1.84
C ILE E 337 -14.20 -36.32 0.41
N SER E 338 -13.35 -35.33 0.16
CA SER E 338 -13.20 -34.74 -1.18
C SER E 338 -11.72 -34.58 -1.51
N GLU E 339 -10.94 -35.65 -1.33
CA GLU E 339 -9.49 -35.54 -1.38
C GLU E 339 -8.98 -35.06 -2.74
N LEU E 340 -9.07 -35.86 -3.81
CA LEU E 340 -8.95 -35.32 -5.16
C LEU E 340 -10.15 -35.68 -6.03
N ILE E 341 -10.33 -36.96 -6.38
CA ILE E 341 -11.51 -37.43 -7.10
C ILE E 341 -12.02 -38.72 -6.48
N SER E 342 -11.12 -39.43 -5.77
CA SER E 342 -11.43 -40.79 -5.35
C SER E 342 -12.48 -40.81 -4.26
N PHE E 343 -12.33 -39.96 -3.25
CA PHE E 343 -13.35 -39.87 -2.21
C PHE E 343 -14.67 -39.35 -2.77
N SER E 344 -14.62 -38.54 -3.82
CA SER E 344 -15.85 -38.15 -4.51
C SER E 344 -16.54 -39.36 -5.12
N TRP E 345 -15.76 -40.26 -5.74
CA TRP E 345 -16.34 -41.49 -6.27
C TRP E 345 -16.91 -42.36 -5.15
N LEU E 346 -16.22 -42.39 -4.00
CA LEU E 346 -16.75 -43.12 -2.86
C LEU E 346 -18.08 -42.54 -2.40
N SER E 347 -18.18 -41.21 -2.35
CA SER E 347 -19.43 -40.57 -1.98
C SER E 347 -20.53 -40.91 -2.98
N VAL E 348 -20.22 -40.88 -4.28
CA VAL E 348 -21.20 -41.21 -5.30
C VAL E 348 -21.70 -42.64 -5.12
N LEU E 349 -20.77 -43.58 -4.91
CA LEU E 349 -21.17 -44.97 -4.82
C LEU E 349 -21.97 -45.24 -3.55
N CYS E 350 -21.60 -44.60 -2.43
CA CYS E 350 -22.38 -44.80 -1.21
C CYS E 350 -23.74 -44.13 -1.29
N VAL E 351 -23.84 -43.02 -2.01
CA VAL E 351 -25.14 -42.39 -2.20
C VAL E 351 -26.05 -43.27 -3.06
N LEU E 352 -25.51 -43.81 -4.16
CA LEU E 352 -26.33 -44.64 -5.03
C LEU E 352 -26.61 -46.01 -4.42
N LYS E 353 -25.79 -46.46 -3.46
CA LYS E 353 -26.04 -47.74 -2.82
C LYS E 353 -27.34 -47.73 -2.02
N ASP E 354 -27.63 -46.62 -1.35
CA ASP E 354 -28.84 -46.49 -0.56
C ASP E 354 -30.09 -46.57 -1.42
N VAL E 366 -25.24 -58.27 -6.19
CA VAL E 366 -24.56 -57.57 -7.27
C VAL E 366 -24.94 -56.10 -7.25
N ASP E 367 -23.98 -55.25 -6.87
CA ASP E 367 -24.17 -53.81 -6.79
C ASP E 367 -23.32 -53.14 -7.85
N PHE E 368 -23.96 -52.36 -8.72
CA PHE E 368 -23.29 -51.64 -9.81
C PHE E 368 -22.44 -52.62 -10.63
N MET E 369 -23.08 -53.74 -10.98
CA MET E 369 -22.49 -54.84 -11.75
C MET E 369 -21.06 -55.13 -11.31
N THR E 370 -20.90 -55.34 -10.00
CA THR E 370 -19.62 -55.63 -9.37
C THR E 370 -18.60 -54.52 -9.63
N LEU E 371 -19.03 -53.28 -9.39
CA LEU E 371 -18.20 -52.09 -9.54
C LEU E 371 -17.62 -51.99 -10.96
N LEU E 372 -18.54 -51.96 -11.92
CA LEU E 372 -18.22 -51.84 -13.35
C LEU E 372 -17.14 -52.84 -13.79
N ALA E 373 -17.03 -53.95 -13.06
CA ALA E 373 -16.03 -54.99 -13.33
C ALA E 373 -14.62 -54.41 -13.36
N ARG F 24 -11.11 -24.48 -16.87
CA ARG F 24 -12.52 -24.79 -17.02
C ARG F 24 -13.10 -25.38 -15.75
N LEU F 25 -12.39 -26.36 -15.18
CA LEU F 25 -12.85 -26.99 -13.96
C LEU F 25 -12.83 -26.02 -12.79
N LYS F 26 -11.81 -25.17 -12.71
CA LYS F 26 -11.69 -24.21 -11.61
C LYS F 26 -12.60 -23.00 -11.77
N GLY F 27 -13.25 -22.85 -12.91
CA GLY F 27 -14.11 -21.70 -13.14
C GLY F 27 -15.57 -21.96 -12.82
N LEU F 28 -15.83 -23.01 -12.03
CA LEU F 28 -17.21 -23.35 -11.70
C LEU F 28 -17.85 -22.25 -10.85
N ARG F 29 -19.11 -21.97 -11.14
CA ARG F 29 -19.89 -20.98 -10.42
C ARG F 29 -20.91 -21.68 -9.54
N LEU F 30 -20.97 -21.27 -8.27
CA LEU F 30 -21.85 -21.89 -7.29
C LEU F 30 -23.18 -21.16 -7.12
N GLU F 31 -23.44 -20.14 -7.93
CA GLU F 31 -24.70 -19.42 -7.84
C GLU F 31 -24.96 -18.71 -9.16
N LEU F 32 -26.24 -18.45 -9.43
CA LEU F 32 -26.61 -17.72 -10.62
C LEU F 32 -26.14 -16.28 -10.52
N PRO F 33 -25.81 -15.64 -11.65
CA PRO F 33 -25.37 -14.23 -11.60
C PRO F 33 -26.41 -13.30 -11.01
N LEU F 34 -27.70 -13.56 -11.27
CA LEU F 34 -28.74 -12.72 -10.69
C LEU F 34 -28.76 -12.83 -9.16
N ASP F 35 -28.69 -14.07 -8.64
CA ASP F 35 -28.65 -14.25 -7.20
C ASP F 35 -27.41 -13.61 -6.59
N ARG F 36 -26.27 -13.76 -7.26
CA ARG F 36 -25.03 -13.17 -6.77
C ARG F 36 -25.13 -11.65 -6.70
N ILE F 37 -25.67 -11.02 -7.75
CA ILE F 37 -25.76 -9.56 -7.75
C ILE F 37 -26.80 -9.09 -6.74
N VAL F 38 -27.85 -9.88 -6.52
CA VAL F 38 -28.84 -9.51 -5.52
C VAL F 38 -28.22 -9.55 -4.13
N LYS F 39 -27.46 -10.60 -3.82
CA LYS F 39 -26.76 -10.67 -2.55
C LYS F 39 -25.75 -9.52 -2.40
N PHE F 40 -25.03 -9.22 -3.48
CA PHE F 40 -24.04 -8.15 -3.43
C PHE F 40 -24.70 -6.81 -3.13
N VAL F 41 -25.84 -6.53 -3.77
CA VAL F 41 -26.55 -5.29 -3.51
C VAL F 41 -27.07 -5.26 -2.08
N ALA F 42 -27.70 -6.35 -1.64
CA ALA F 42 -28.30 -6.40 -0.30
C ALA F 42 -27.24 -6.31 0.79
N VAL F 43 -26.00 -6.67 0.51
CA VAL F 43 -24.93 -6.51 1.50
C VAL F 43 -24.29 -5.13 1.40
N GLY F 44 -24.07 -4.63 0.18
CA GLY F 44 -23.34 -3.38 0.02
C GLY F 44 -24.14 -2.15 0.37
N SER F 45 -25.46 -2.18 0.13
CA SER F 45 -26.28 -1.00 0.44
C SER F 45 -26.24 -0.62 1.92
N PRO F 46 -26.46 -1.54 2.87
CA PRO F 46 -26.29 -1.14 4.28
C PRO F 46 -24.91 -0.65 4.61
N LEU F 47 -23.86 -1.23 4.01
CA LEU F 47 -22.51 -0.76 4.29
C LEU F 47 -22.27 0.62 3.67
N LEU F 48 -22.85 0.88 2.50
CA LEU F 48 -22.76 2.21 1.92
C LEU F 48 -23.44 3.24 2.81
N LEU F 49 -24.61 2.91 3.35
CA LEU F 49 -25.29 3.81 4.27
C LEU F 49 -24.49 3.99 5.55
N MET F 50 -23.82 2.93 6.00
CA MET F 50 -22.95 3.04 7.18
C MET F 50 -21.82 4.02 6.92
N SER F 51 -21.18 3.92 5.75
CA SER F 51 -20.12 4.84 5.40
C SER F 51 -20.64 6.27 5.34
N LEU F 52 -21.81 6.46 4.73
CA LEU F 52 -22.40 7.80 4.66
C LEU F 52 -22.68 8.35 6.04
N ALA F 53 -23.21 7.51 6.94
CA ALA F 53 -23.55 7.98 8.28
C ALA F 53 -22.29 8.35 9.07
N PHE F 54 -21.29 7.46 9.09
CA PHE F 54 -20.07 7.76 9.83
C PHE F 54 -19.23 8.84 9.16
N ALA F 55 -19.53 9.19 7.91
CA ALA F 55 -18.81 10.29 7.26
C ALA F 55 -19.50 11.63 7.49
N GLN F 56 -20.83 11.68 7.45
CA GLN F 56 -21.57 12.92 7.62
C GLN F 56 -22.05 13.16 9.04
N GLU F 57 -21.71 12.28 9.98
CA GLU F 57 -22.10 12.45 11.38
C GLU F 57 -20.99 13.07 12.22
N PHE F 58 -19.77 12.53 12.14
CA PHE F 58 -18.67 12.98 12.97
C PHE F 58 -17.69 13.89 12.23
N SER F 59 -18.03 14.32 11.02
CA SER F 59 -17.27 15.36 10.33
C SER F 59 -17.83 16.76 10.59
N SER F 60 -18.93 16.86 11.35
CA SER F 60 -19.51 18.15 11.71
C SER F 60 -19.79 18.22 13.21
N GLY F 61 -19.12 17.40 14.01
CA GLY F 61 -19.34 17.37 15.45
C GLY F 61 -20.30 16.26 15.84
N SER F 62 -21.35 16.62 16.57
CA SER F 62 -22.39 15.69 16.98
C SER F 62 -23.71 16.05 16.30
N PRO F 63 -24.57 15.06 16.00
CA PRO F 63 -25.83 15.32 15.30
C PRO F 63 -26.90 15.97 16.19
N ILE F 64 -26.51 17.02 16.91
CA ILE F 64 -27.43 17.74 17.77
C ILE F 64 -26.81 19.09 18.09
N SER F 65 -27.64 20.13 18.10
CA SER F 65 -27.23 21.47 18.50
C SER F 65 -28.28 22.01 19.45
N CYS F 66 -27.85 22.43 20.65
CA CYS F 66 -28.75 22.84 21.71
C CYS F 66 -28.64 24.33 21.94
N PHE F 67 -29.80 25.00 21.98
CA PHE F 67 -29.86 26.45 22.15
C PHE F 67 -29.78 26.79 23.63
N SER F 68 -28.56 26.65 24.17
CA SER F 68 -28.30 27.03 25.54
C SER F 68 -28.42 28.53 25.70
N PRO F 69 -28.86 29.00 26.87
CA PRO F 69 -29.02 30.45 27.07
C PRO F 69 -27.70 31.20 26.98
N SER F 70 -27.81 32.53 26.93
CA SER F 70 -26.62 33.36 26.72
C SER F 70 -25.72 33.37 27.95
N ASN F 71 -26.28 33.25 29.15
CA ASN F 71 -25.48 33.33 30.36
C ASN F 71 -24.59 32.10 30.57
N PHE F 72 -24.84 31.01 29.85
CA PHE F 72 -23.98 29.84 29.97
C PHE F 72 -22.63 30.09 29.32
N SER F 73 -21.59 29.57 29.95
CA SER F 73 -20.26 29.58 29.35
C SER F 73 -20.19 28.52 28.26
N ILE F 74 -19.06 28.46 27.56
CA ILE F 74 -18.91 27.49 26.48
C ILE F 74 -18.89 26.07 27.03
N ARG F 75 -18.21 25.87 28.16
CA ARG F 75 -18.15 24.52 28.75
C ARG F 75 -19.52 24.05 29.21
N GLN F 76 -20.29 24.92 29.84
CA GLN F 76 -21.64 24.54 30.27
C GLN F 76 -22.53 24.25 29.07
N ALA F 77 -22.39 25.02 27.99
CA ALA F 77 -23.15 24.75 26.79
C ALA F 77 -22.78 23.40 26.20
N ALA F 78 -21.49 23.05 26.19
CA ALA F 78 -21.08 21.75 25.71
C ALA F 78 -21.62 20.63 26.59
N TYR F 79 -21.64 20.85 27.91
CA TYR F 79 -22.21 19.85 28.81
C TYR F 79 -23.69 19.64 28.54
N VAL F 80 -24.44 20.73 28.34
CA VAL F 80 -25.86 20.60 28.01
C VAL F 80 -26.04 19.85 26.70
N ASP F 81 -25.21 20.17 25.70
CA ASP F 81 -25.26 19.48 24.43
C ASP F 81 -25.07 17.97 24.61
N SER F 82 -24.00 17.58 25.32
CA SER F 82 -23.70 16.17 25.50
C SER F 82 -24.80 15.47 26.30
N SER F 83 -25.30 16.12 27.35
CA SER F 83 -26.33 15.51 28.17
C SER F 83 -27.62 15.28 27.38
N CYS F 84 -28.03 16.27 26.58
CA CYS F 84 -29.24 16.11 25.79
C CYS F 84 -29.04 15.09 24.68
N TRP F 85 -27.82 15.00 24.12
CA TRP F 85 -27.55 13.98 23.12
C TRP F 85 -27.64 12.58 23.72
N ASP F 86 -27.11 12.40 24.92
CA ASP F 86 -27.15 11.09 25.57
C ASP F 86 -28.57 10.73 25.97
N SER F 87 -29.29 11.66 26.59
CA SER F 87 -30.63 11.36 27.08
C SER F 87 -31.60 11.09 25.93
N LEU F 88 -31.64 12.00 24.95
CA LEU F 88 -32.54 11.89 23.80
C LEU F 88 -33.99 11.70 24.24
N LEU F 89 -34.39 12.47 25.26
CA LEU F 89 -35.74 12.39 25.79
C LEU F 89 -36.54 13.61 25.38
N HIS F 90 -37.87 13.44 25.36
CA HIS F 90 -38.80 14.51 25.03
C HIS F 90 -39.72 14.74 26.21
N HIS F 91 -39.92 16.00 26.57
CA HIS F 91 -40.70 16.35 27.75
C HIS F 91 -41.95 17.13 27.37
N LYS F 92 -42.66 16.65 26.34
CA LYS F 92 -43.86 17.32 25.88
C LYS F 92 -44.88 17.47 27.01
N GLN F 93 -45.44 18.66 27.14
CA GLN F 93 -46.42 18.94 28.18
C GLN F 93 -47.35 20.07 27.76
N ASP F 99 -46.92 13.47 32.74
CA ASP F 99 -45.93 14.10 31.87
C ASP F 99 -45.46 13.11 30.80
N LYS F 100 -45.65 13.50 29.53
CA LYS F 100 -45.20 12.66 28.43
C LYS F 100 -43.68 12.51 28.46
N MET F 101 -43.20 11.31 28.11
CA MET F 101 -41.78 11.00 28.13
C MET F 101 -41.39 10.23 26.88
N LYS F 102 -41.87 10.67 25.72
CA LYS F 102 -41.52 10.01 24.47
C LYS F 102 -40.02 10.10 24.23
N SER F 103 -39.45 9.02 23.70
CA SER F 103 -38.02 8.94 23.44
C SER F 103 -37.76 9.01 21.94
N LEU F 104 -36.52 9.39 21.60
CA LEU F 104 -36.05 9.50 20.23
C LEU F 104 -34.79 8.66 20.05
N TRP F 105 -34.84 7.42 20.52
CA TRP F 105 -33.67 6.54 20.46
C TRP F 105 -33.15 6.26 19.05
N PRO F 106 -33.97 6.02 18.02
CA PRO F 106 -33.40 5.51 16.76
C PRO F 106 -32.34 6.40 16.15
N HIS F 107 -32.45 7.72 16.31
CA HIS F 107 -31.47 8.62 15.71
C HIS F 107 -30.06 8.34 16.21
N LYS F 108 -29.93 7.80 17.42
CA LYS F 108 -28.61 7.42 17.92
C LYS F 108 -28.27 5.98 17.63
N ALA F 109 -29.27 5.13 17.38
CA ALA F 109 -29.06 3.73 17.07
C ALA F 109 -29.18 3.44 15.58
N LEU F 110 -29.31 4.47 14.75
CA LEU F 110 -29.49 4.25 13.31
C LEU F 110 -28.34 3.49 12.68
N PRO F 111 -27.07 3.84 12.89
CA PRO F 111 -25.99 3.03 12.28
C PRO F 111 -25.93 1.62 12.83
N TYR F 112 -25.79 1.48 14.15
CA TYR F 112 -25.54 0.17 14.74
C TYR F 112 -26.66 -0.81 14.38
N SER F 113 -27.91 -0.38 14.49
CA SER F 113 -29.02 -1.24 14.12
C SER F 113 -28.85 -1.75 12.68
N LEU F 114 -28.59 -0.83 11.74
CA LEU F 114 -28.40 -1.26 10.36
C LEU F 114 -27.25 -2.24 10.23
N LEU F 115 -26.24 -2.12 11.09
CA LEU F 115 -25.13 -3.07 11.05
C LEU F 115 -25.64 -4.49 11.27
N ALA F 116 -26.53 -4.67 12.24
CA ALA F 116 -27.14 -5.98 12.45
C ALA F 116 -27.80 -6.45 11.15
N LEU F 117 -28.53 -5.56 10.49
CA LEU F 117 -29.16 -5.89 9.22
C LEU F 117 -28.12 -6.41 8.24
N ALA F 118 -26.97 -5.73 8.16
CA ALA F 118 -25.90 -6.19 7.28
C ALA F 118 -25.51 -7.62 7.63
N LEU F 119 -25.28 -7.89 8.91
CA LEU F 119 -24.96 -9.25 9.33
C LEU F 119 -26.07 -10.20 8.94
N LEU F 120 -27.32 -9.76 9.08
CA LEU F 120 -28.45 -10.59 8.66
C LEU F 120 -28.37 -10.91 7.18
N MET F 121 -28.02 -9.91 6.36
CA MET F 121 -27.88 -10.15 4.93
C MET F 121 -26.77 -11.13 4.62
N TYR F 122 -25.82 -11.31 5.55
CA TYR F 122 -24.73 -12.24 5.37
C TYR F 122 -24.98 -13.57 6.09
N LEU F 123 -26.15 -13.73 6.70
CA LEU F 123 -26.42 -14.97 7.43
C LEU F 123 -26.80 -16.12 6.49
N PRO F 124 -27.82 -15.98 5.63
CA PRO F 124 -28.18 -17.12 4.76
C PRO F 124 -27.07 -17.54 3.82
N VAL F 125 -26.30 -16.59 3.30
CA VAL F 125 -25.27 -16.92 2.31
C VAL F 125 -24.24 -17.87 2.92
N LEU F 126 -23.79 -17.57 4.14
CA LEU F 126 -22.90 -18.49 4.84
C LEU F 126 -23.55 -19.86 4.98
N LEU F 127 -24.84 -19.88 5.30
CA LEU F 127 -25.58 -21.14 5.30
C LEU F 127 -25.46 -21.83 3.96
N TRP F 128 -25.69 -21.10 2.87
CA TRP F 128 -25.53 -21.67 1.54
C TRP F 128 -24.10 -22.14 1.31
N GLN F 129 -23.12 -21.49 1.93
CA GLN F 129 -21.74 -21.90 1.78
C GLN F 129 -21.38 -23.08 2.65
N TYR F 130 -22.21 -23.41 3.66
CA TYR F 130 -21.90 -24.48 4.58
C TYR F 130 -22.97 -25.57 4.60
N ALA F 131 -23.88 -25.58 3.63
CA ALA F 131 -24.92 -26.60 3.57
C ALA F 131 -25.13 -27.21 2.20
N ALA F 132 -24.68 -26.56 1.13
CA ALA F 132 -24.88 -27.11 -0.21
C ALA F 132 -23.67 -27.03 -1.13
N VAL F 133 -22.65 -26.24 -0.80
CA VAL F 133 -21.52 -26.08 -1.72
C VAL F 133 -20.77 -27.39 -1.96
N PRO F 134 -20.38 -28.17 -0.94
CA PRO F 134 -19.59 -29.38 -1.24
C PRO F 134 -20.33 -30.42 -2.07
N ALA F 135 -21.57 -30.76 -1.68
CA ALA F 135 -22.33 -31.76 -2.40
C ALA F 135 -22.61 -31.31 -3.83
N LEU F 136 -23.01 -30.04 -4.01
CA LEU F 136 -23.26 -29.53 -5.34
C LEU F 136 -22.00 -29.53 -6.19
N SER F 137 -20.86 -29.15 -5.61
CA SER F 137 -19.62 -29.14 -6.37
C SER F 137 -19.22 -30.56 -6.80
N SER F 138 -19.33 -31.52 -5.88
CA SER F 138 -18.99 -32.90 -6.22
C SER F 138 -19.91 -33.43 -7.31
N ASP F 139 -21.22 -33.19 -7.19
CA ASP F 139 -22.16 -33.66 -8.19
C ASP F 139 -21.91 -33.01 -9.53
N LEU F 140 -21.61 -31.70 -9.54
CA LEU F 140 -21.34 -31.02 -10.80
C LEU F 140 -20.07 -31.54 -11.46
N LEU F 141 -19.03 -31.81 -10.68
CA LEU F 141 -17.81 -32.36 -11.26
C LEU F 141 -18.05 -33.75 -11.84
N PHE F 142 -18.77 -34.59 -11.10
CA PHE F 142 -19.06 -35.93 -11.60
C PHE F 142 -19.91 -35.85 -12.88
N ILE F 143 -20.90 -34.97 -12.89
CA ILE F 143 -21.78 -34.84 -14.04
C ILE F 143 -21.01 -34.34 -15.25
N ILE F 144 -20.11 -33.37 -15.05
CA ILE F 144 -19.36 -32.83 -16.19
C ILE F 144 -18.39 -33.88 -16.72
N SER F 145 -17.80 -34.68 -15.83
CA SER F 145 -16.93 -35.77 -16.30
C SER F 145 -17.72 -36.79 -17.12
N GLU F 146 -18.92 -37.16 -16.64
CA GLU F 146 -19.73 -38.12 -17.38
C GLU F 146 -20.22 -37.53 -18.69
N LEU F 147 -20.51 -36.24 -18.73
CA LEU F 147 -20.90 -35.59 -19.98
C LEU F 147 -19.76 -35.60 -20.98
N ASP F 148 -18.54 -35.33 -20.54
CA ASP F 148 -17.39 -35.41 -21.44
C ASP F 148 -17.19 -36.83 -21.95
N LYS F 149 -17.32 -37.82 -21.06
CA LYS F 149 -17.18 -39.21 -21.50
C LYS F 149 -18.25 -39.59 -22.50
N SER F 150 -19.49 -39.17 -22.27
CA SER F 150 -20.57 -39.48 -23.20
C SER F 150 -20.38 -38.79 -24.54
N TYR F 151 -19.88 -37.55 -24.53
CA TYR F 151 -19.60 -36.86 -25.78
C TYR F 151 -18.51 -37.59 -26.57
N ASN F 152 -17.44 -38.02 -25.88
CA ASN F 152 -16.39 -38.77 -26.57
C ASN F 152 -16.92 -40.10 -27.12
N ARG F 153 -17.76 -40.79 -26.34
CA ARG F 153 -18.33 -42.05 -26.80
C ARG F 153 -19.20 -41.83 -28.03
N SER F 154 -20.02 -40.78 -28.03
CA SER F 154 -20.85 -40.48 -29.19
C SER F 154 -20.00 -40.15 -30.40
N ILE F 155 -18.91 -39.40 -30.20
CA ILE F 155 -18.01 -39.07 -31.30
C ILE F 155 -17.41 -40.33 -31.89
N ARG F 156 -17.00 -41.26 -31.03
CA ARG F 156 -16.47 -42.53 -31.54
C ARG F 156 -17.54 -43.35 -32.25
N LEU F 157 -18.77 -43.35 -31.73
CA LEU F 157 -19.81 -44.21 -32.26
C LEU F 157 -20.37 -43.72 -33.59
N VAL F 158 -20.45 -42.39 -33.79
CA VAL F 158 -21.02 -41.88 -35.04
C VAL F 158 -20.16 -42.28 -36.24
N GLN F 159 -18.85 -42.32 -36.06
CA GLN F 159 -17.94 -42.71 -37.13
C GLN F 159 -18.12 -44.18 -37.51
N TYR F 186 -24.14 -49.98 -24.70
CA TYR F 186 -23.27 -49.02 -25.37
C TYR F 186 -23.96 -47.66 -25.49
N PHE F 187 -25.23 -47.67 -25.90
CA PHE F 187 -25.96 -46.42 -26.06
C PHE F 187 -26.39 -45.84 -24.71
N GLU F 188 -26.86 -46.68 -23.81
CA GLU F 188 -27.37 -46.23 -22.53
C GLU F 188 -26.29 -46.27 -21.46
N PHE F 189 -26.43 -45.39 -20.47
CA PHE F 189 -25.51 -45.32 -19.34
C PHE F 189 -26.24 -45.75 -18.07
N PRO F 190 -25.89 -46.89 -17.46
CA PRO F 190 -26.58 -47.30 -16.24
C PRO F 190 -26.20 -46.48 -15.02
N LEU F 191 -24.94 -46.05 -14.92
CA LEU F 191 -24.51 -45.24 -13.79
C LEU F 191 -25.26 -43.92 -13.75
N LEU F 192 -25.33 -43.22 -14.88
CA LEU F 192 -26.04 -41.95 -14.92
C LEU F 192 -27.53 -42.14 -14.67
N GLU F 193 -28.11 -43.21 -15.21
CA GLU F 193 -29.52 -43.47 -15.00
C GLU F 193 -29.82 -43.70 -13.51
N ARG F 194 -28.99 -44.51 -12.86
CA ARG F 194 -29.18 -44.76 -11.43
C ARG F 194 -28.98 -43.49 -10.60
N TYR F 195 -27.97 -42.69 -10.95
CA TYR F 195 -27.72 -41.46 -10.21
C TYR F 195 -28.89 -40.48 -10.36
N LEU F 196 -29.42 -40.36 -11.58
CA LEU F 196 -30.56 -39.48 -11.78
C LEU F 196 -31.80 -39.99 -11.07
N ALA F 197 -32.01 -41.31 -11.05
CA ALA F 197 -33.13 -41.87 -10.32
C ALA F 197 -33.02 -41.59 -8.83
N CYS F 198 -31.80 -41.71 -8.28
CA CYS F 198 -31.59 -41.40 -6.87
C CYS F 198 -31.81 -39.91 -6.60
N LYS F 199 -31.31 -39.04 -7.49
CA LYS F 199 -31.44 -37.61 -7.27
C LYS F 199 -32.88 -37.14 -7.40
N GLN F 200 -33.69 -37.83 -8.20
CA GLN F 200 -35.10 -37.47 -8.32
C GLN F 200 -35.87 -37.73 -7.03
N ARG F 201 -35.29 -38.47 -6.08
CA ARG F 201 -35.93 -38.76 -4.82
C ARG F 201 -35.42 -37.91 -3.66
N SER F 202 -34.17 -37.47 -3.71
CA SER F 202 -33.63 -36.65 -2.64
C SER F 202 -34.18 -35.23 -2.69
N HIS F 203 -34.19 -34.58 -1.52
CA HIS F 203 -34.72 -33.23 -1.40
C HIS F 203 -33.81 -32.38 -0.53
N SER F 204 -32.51 -32.43 -0.78
CA SER F 204 -31.55 -31.70 0.05
C SER F 204 -31.26 -30.31 -0.53
N LEU F 205 -30.76 -30.26 -1.77
CA LEU F 205 -30.36 -28.99 -2.36
C LEU F 205 -31.57 -28.09 -2.54
N VAL F 206 -32.71 -28.65 -2.94
CA VAL F 206 -33.94 -27.86 -3.06
C VAL F 206 -34.33 -27.29 -1.71
N ALA F 207 -34.19 -28.08 -0.64
CA ALA F 207 -34.49 -27.59 0.70
C ALA F 207 -33.58 -26.43 1.08
N THR F 208 -32.28 -26.56 0.81
CA THR F 208 -31.35 -25.48 1.14
C THR F 208 -31.68 -24.21 0.35
N TYR F 209 -31.98 -24.36 -0.93
CA TYR F 209 -32.30 -23.19 -1.76
C TYR F 209 -33.55 -22.49 -1.26
N LEU F 210 -34.62 -23.26 -1.03
CA LEU F 210 -35.86 -22.64 -0.56
C LEU F 210 -35.68 -22.02 0.81
N LEU F 211 -34.91 -22.67 1.69
CA LEU F 211 -34.68 -22.12 3.01
C LEU F 211 -33.90 -20.81 2.94
N ARG F 212 -32.87 -20.74 2.09
CA ARG F 212 -32.12 -19.51 1.95
C ARG F 212 -32.99 -18.38 1.42
N ASN F 213 -33.79 -18.66 0.39
CA ASN F 213 -34.65 -17.61 -0.15
C ASN F 213 -35.71 -17.18 0.87
N SER F 214 -36.27 -18.13 1.62
CA SER F 214 -37.25 -17.79 2.63
C SER F 214 -36.64 -16.97 3.75
N LEU F 215 -35.40 -17.30 4.15
CA LEU F 215 -34.73 -16.52 5.18
C LEU F 215 -34.49 -15.08 4.70
N LEU F 216 -34.05 -14.91 3.46
CA LEU F 216 -33.83 -13.57 2.95
C LEU F 216 -35.15 -12.79 2.89
N LEU F 217 -36.23 -13.44 2.44
CA LEU F 217 -37.52 -12.76 2.39
C LEU F 217 -38.01 -12.40 3.79
N ILE F 218 -37.81 -13.28 4.76
CA ILE F 218 -38.22 -13.01 6.13
C ILE F 218 -37.44 -11.84 6.71
N PHE F 219 -36.13 -11.78 6.42
CA PHE F 219 -35.33 -10.66 6.90
C PHE F 219 -35.79 -9.34 6.27
N THR F 220 -36.11 -9.37 4.97
CA THR F 220 -36.63 -8.16 4.33
C THR F 220 -37.96 -7.73 4.94
N SER F 221 -38.84 -8.69 5.22
CA SER F 221 -40.10 -8.36 5.87
C SER F 221 -39.89 -7.79 7.26
N ALA F 222 -38.91 -8.33 7.99
CA ALA F 222 -38.60 -7.80 9.32
C ALA F 222 -38.08 -6.36 9.23
N THR F 223 -37.24 -6.09 8.22
CA THR F 223 -36.79 -4.71 8.01
C THR F 223 -37.96 -3.79 7.67
N TYR F 224 -38.89 -4.28 6.86
CA TYR F 224 -40.09 -3.51 6.55
C TYR F 224 -40.87 -3.18 7.82
N LEU F 225 -41.06 -4.18 8.68
CA LEU F 225 -41.79 -3.96 9.93
C LEU F 225 -41.06 -2.96 10.83
N TYR F 226 -39.73 -3.08 10.92
CA TYR F 226 -38.95 -2.19 11.74
C TYR F 226 -39.10 -0.74 11.26
N LEU F 227 -38.95 -0.52 9.95
CA LEU F 227 -39.07 0.83 9.42
C LEU F 227 -40.48 1.37 9.57
N GLY F 228 -41.49 0.54 9.34
CA GLY F 228 -42.86 0.99 9.46
C GLY F 228 -43.40 1.07 10.87
N HIS F 229 -42.64 0.61 11.87
CA HIS F 229 -43.08 0.70 13.24
C HIS F 229 -42.24 1.65 14.09
N PHE F 230 -41.01 1.96 13.70
CA PHE F 230 -40.16 2.80 14.52
C PHE F 230 -39.77 4.13 13.89
N HIS F 231 -39.83 4.25 12.57
CA HIS F 231 -39.29 5.41 11.89
C HIS F 231 -40.36 6.31 11.26
N LEU F 232 -41.62 6.18 11.66
CA LEU F 232 -42.63 7.13 11.22
C LEU F 232 -43.22 7.97 12.34
N ASP F 233 -43.06 7.55 13.61
CA ASP F 233 -43.44 8.40 14.72
C ASP F 233 -42.37 9.44 15.03
N VAL F 234 -41.21 9.32 14.40
CA VAL F 234 -40.10 10.26 14.59
C VAL F 234 -39.79 11.02 13.32
N PHE F 235 -40.42 10.65 12.19
CA PHE F 235 -39.98 11.11 10.87
C PHE F 235 -40.21 12.60 10.68
N PHE F 236 -40.95 13.26 11.58
CA PHE F 236 -41.19 14.70 11.52
C PHE F 236 -40.89 15.36 12.86
N GLN F 237 -39.74 15.04 13.44
CA GLN F 237 -39.28 15.66 14.68
C GLN F 237 -38.08 16.55 14.35
N GLU F 238 -38.35 17.85 14.21
CA GLU F 238 -37.29 18.80 13.96
C GLU F 238 -36.59 19.21 15.24
N GLU F 239 -37.35 19.67 16.23
CA GLU F 239 -36.80 20.15 17.49
C GLU F 239 -37.57 19.53 18.65
N PHE F 240 -36.87 19.34 19.76
CA PHE F 240 -37.45 18.71 20.94
C PHE F 240 -36.89 19.34 22.20
N SER F 241 -37.70 19.38 23.24
CA SER F 241 -37.24 19.86 24.54
C SER F 241 -36.40 18.80 25.23
N CYS F 242 -35.58 19.24 26.17
CA CYS F 242 -34.69 18.36 26.90
C CYS F 242 -34.40 19.01 28.25
N SER F 243 -34.50 18.22 29.32
CA SER F 243 -34.32 18.72 30.67
C SER F 243 -33.17 17.99 31.34
N ILE F 244 -32.27 18.75 31.95
CA ILE F 244 -31.14 18.18 32.67
C ILE F 244 -31.36 18.40 34.17
N LYS F 245 -32.61 18.66 34.56
CA LYS F 245 -32.97 18.91 35.95
C LYS F 245 -33.41 17.63 36.67
N THR F 246 -32.78 16.52 36.30
CA THR F 246 -33.06 15.20 36.86
C THR F 246 -31.78 14.69 37.51
N GLY F 247 -31.84 14.42 38.81
CA GLY F 247 -30.69 13.90 39.54
C GLY F 247 -30.09 14.94 40.47
N LEU F 248 -28.76 15.06 40.43
CA LEU F 248 -28.06 15.92 41.38
C LEU F 248 -28.33 17.40 41.11
N LEU F 249 -28.50 17.77 39.85
CA LEU F 249 -28.76 19.16 39.50
C LEU F 249 -30.20 19.59 39.75
N SER F 250 -30.98 18.78 40.49
CA SER F 250 -32.39 19.09 40.69
C SER F 250 -32.57 20.41 41.44
N ASP F 251 -31.74 20.65 42.45
CA ASP F 251 -31.86 21.85 43.26
C ASP F 251 -31.09 23.04 42.70
N GLU F 252 -30.38 22.87 41.59
CA GLU F 252 -29.65 23.98 40.99
C GLU F 252 -30.63 24.97 40.36
N THR F 253 -30.32 26.26 40.50
CA THR F 253 -31.12 27.33 39.93
C THR F 253 -30.40 28.10 38.83
N HIS F 254 -29.23 27.62 38.40
CA HIS F 254 -28.44 28.28 37.38
C HIS F 254 -28.81 27.84 35.96
N VAL F 255 -29.65 26.81 35.82
CA VAL F 255 -30.01 26.29 34.51
C VAL F 255 -31.52 26.33 34.34
N PRO F 256 -32.03 26.50 33.13
CA PRO F 256 -33.49 26.49 32.94
C PRO F 256 -34.04 25.08 33.06
N ASN F 257 -35.38 25.02 33.21
CA ASN F 257 -36.04 23.73 33.35
C ASN F 257 -36.11 22.98 32.02
N LEU F 258 -36.33 23.69 30.92
CA LEU F 258 -36.45 23.06 29.60
C LEU F 258 -35.55 23.78 28.61
N ILE F 259 -34.74 23.01 27.88
CA ILE F 259 -33.84 23.55 26.87
C ILE F 259 -34.19 22.90 25.53
N THR F 260 -34.44 23.73 24.52
CA THR F 260 -34.80 23.22 23.21
C THR F 260 -33.54 22.83 22.43
N CYS F 261 -33.64 21.76 21.65
CA CYS F 261 -32.53 21.32 20.82
C CYS F 261 -33.08 20.78 19.50
N ARG F 262 -32.43 21.15 18.40
CA ARG F 262 -32.82 20.68 17.07
C ARG F 262 -31.78 19.71 16.56
N LEU F 263 -32.26 18.61 15.98
CA LEU F 263 -31.37 17.56 15.49
C LEU F 263 -30.83 17.92 14.12
N THR F 264 -29.51 17.85 13.96
CA THR F 264 -28.88 18.23 12.70
C THR F 264 -29.09 17.16 11.63
N SER F 265 -28.98 15.89 12.00
CA SER F 265 -28.97 14.80 11.03
C SER F 265 -30.36 14.29 10.68
N LEU F 266 -31.40 15.11 10.84
CA LEU F 266 -32.75 14.67 10.51
C LEU F 266 -32.88 14.33 9.04
N SER F 267 -32.40 15.23 8.16
CA SER F 267 -32.50 15.00 6.73
C SER F 267 -31.72 13.77 6.30
N ILE F 268 -30.52 13.59 6.88
CA ILE F 268 -29.69 12.43 6.54
C ILE F 268 -30.42 11.15 6.93
N PHE F 269 -31.03 11.13 8.12
CA PHE F 269 -31.77 9.96 8.57
C PHE F 269 -32.96 9.67 7.66
N GLN F 270 -33.67 10.73 7.25
CA GLN F 270 -34.80 10.56 6.34
C GLN F 270 -34.35 9.95 5.02
N ILE F 271 -33.26 10.48 4.47
CA ILE F 271 -32.74 9.98 3.19
C ILE F 271 -32.31 8.52 3.32
N VAL F 272 -31.66 8.18 4.44
CA VAL F 272 -31.22 6.80 4.65
C VAL F 272 -32.41 5.86 4.70
N SER F 273 -33.45 6.24 5.46
CA SER F 273 -34.62 5.38 5.56
C SER F 273 -35.30 5.21 4.20
N LEU F 274 -35.46 6.29 3.46
CA LEU F 274 -36.10 6.20 2.14
C LEU F 274 -35.28 5.34 1.19
N SER F 275 -33.95 5.52 1.21
CA SER F 275 -33.10 4.71 0.35
C SER F 275 -33.22 3.23 0.69
N SER F 276 -33.23 2.91 1.99
CA SER F 276 -33.35 1.52 2.40
C SER F 276 -34.65 0.90 1.90
N VAL F 277 -35.77 1.59 2.14
CA VAL F 277 -37.06 1.02 1.78
C VAL F 277 -37.17 0.88 0.26
N ALA F 278 -36.69 1.88 -0.49
CA ALA F 278 -36.75 1.80 -1.94
C ALA F 278 -35.88 0.66 -2.48
N ILE F 279 -34.68 0.51 -1.93
CA ILE F 279 -33.76 -0.52 -2.41
C ILE F 279 -34.37 -1.91 -2.16
N TYR F 280 -34.92 -2.12 -0.97
CA TYR F 280 -35.48 -3.44 -0.69
C TYR F 280 -36.78 -3.70 -1.45
N THR F 281 -37.56 -2.65 -1.73
CA THR F 281 -38.71 -2.81 -2.62
C THR F 281 -38.28 -3.21 -4.02
N ILE F 282 -37.19 -2.62 -4.53
CA ILE F 282 -36.68 -3.02 -5.84
C ILE F 282 -36.14 -4.45 -5.80
N LEU F 283 -35.54 -4.85 -4.68
CA LEU F 283 -34.90 -6.15 -4.58
C LEU F 283 -35.88 -7.31 -4.41
N VAL F 284 -37.00 -7.11 -3.71
CA VAL F 284 -37.89 -8.24 -3.40
C VAL F 284 -38.45 -8.95 -4.62
N PRO F 285 -38.90 -8.26 -5.69
CA PRO F 285 -39.48 -9.04 -6.81
C PRO F 285 -38.49 -9.95 -7.50
N VAL F 286 -37.21 -9.58 -7.53
CA VAL F 286 -36.20 -10.45 -8.12
C VAL F 286 -36.03 -11.71 -7.29
N ILE F 287 -36.12 -11.57 -5.96
CA ILE F 287 -36.09 -12.76 -5.09
C ILE F 287 -37.31 -13.63 -5.36
N ILE F 288 -38.48 -13.00 -5.55
CA ILE F 288 -39.68 -13.77 -5.87
C ILE F 288 -39.49 -14.54 -7.17
N TYR F 289 -38.91 -13.89 -8.18
CA TYR F 289 -38.69 -14.54 -9.47
C TYR F 289 -37.70 -15.70 -9.32
N ASN F 290 -36.62 -15.50 -8.56
CA ASN F 290 -35.66 -16.57 -8.33
C ASN F 290 -36.28 -17.74 -7.58
N LEU F 291 -37.25 -17.46 -6.69
CA LEU F 291 -37.95 -18.54 -6.01
C LEU F 291 -38.89 -19.29 -6.94
N THR F 292 -39.62 -18.57 -7.78
CA THR F 292 -40.58 -19.21 -8.67
C THR F 292 -39.92 -19.86 -9.89
N ARG F 293 -38.65 -19.56 -10.16
CA ARG F 293 -37.94 -20.23 -11.23
C ARG F 293 -37.90 -21.73 -11.00
N LEU F 294 -37.75 -22.16 -9.74
CA LEU F 294 -37.73 -23.58 -9.43
C LEU F 294 -39.09 -24.22 -9.63
N CYS F 295 -40.17 -23.44 -9.55
CA CYS F 295 -41.52 -23.98 -9.66
C CYS F 295 -41.87 -24.44 -11.07
N ARG F 296 -41.11 -24.02 -12.08
CA ARG F 296 -41.36 -24.39 -13.47
C ARG F 296 -40.19 -25.21 -13.99
N TRP F 297 -40.51 -26.34 -14.62
CA TRP F 297 -39.47 -27.23 -15.11
C TRP F 297 -38.73 -26.59 -16.29
N ASP F 298 -37.50 -27.03 -16.50
CA ASP F 298 -36.64 -26.49 -17.56
C ASP F 298 -37.02 -27.07 -18.92
N LYS F 299 -38.27 -26.79 -19.32
CA LYS F 299 -38.75 -27.28 -20.61
C LYS F 299 -38.13 -26.52 -21.78
N ARG F 300 -37.66 -25.29 -21.54
CA ARG F 300 -37.14 -24.47 -22.63
C ARG F 300 -35.96 -25.12 -23.34
N LEU F 301 -35.27 -26.05 -22.67
CA LEU F 301 -34.13 -26.73 -23.26
C LEU F 301 -34.40 -28.22 -23.51
N LEU F 302 -35.66 -28.65 -23.47
CA LEU F 302 -35.95 -30.08 -23.62
C LEU F 302 -35.48 -30.61 -24.97
N SER F 303 -35.75 -29.84 -26.04
CA SER F 303 -35.27 -30.24 -27.36
C SER F 303 -33.75 -30.28 -27.42
N VAL F 304 -33.09 -29.50 -26.56
CA VAL F 304 -31.64 -29.57 -26.45
C VAL F 304 -31.22 -30.98 -26.02
N TYR F 305 -31.92 -31.53 -25.01
CA TYR F 305 -31.63 -32.89 -24.59
C TYR F 305 -31.89 -33.90 -25.70
N GLU F 306 -32.63 -33.50 -26.74
CA GLU F 306 -32.86 -34.38 -27.88
C GLU F 306 -31.63 -34.55 -28.77
N MET F 307 -30.56 -33.78 -28.54
CA MET F 307 -29.38 -33.93 -29.39
C MET F 307 -28.78 -35.32 -29.27
N LEU F 308 -28.96 -35.97 -28.12
CA LEU F 308 -28.57 -37.36 -27.91
C LEU F 308 -29.77 -38.12 -27.37
N PRO F 309 -30.18 -39.22 -28.01
CA PRO F 309 -31.31 -40.00 -27.46
C PRO F 309 -31.06 -40.52 -26.06
N ALA F 310 -29.79 -40.77 -25.69
CA ALA F 310 -29.48 -41.13 -24.32
C ALA F 310 -29.84 -40.00 -23.35
N PHE F 311 -29.54 -38.76 -23.74
CA PHE F 311 -29.93 -37.62 -22.92
C PHE F 311 -31.44 -37.49 -22.84
N ASP F 312 -32.14 -37.81 -23.94
CA ASP F 312 -33.59 -37.82 -23.92
C ASP F 312 -34.13 -38.87 -22.95
N LEU F 313 -33.53 -40.07 -22.95
CA LEU F 313 -33.98 -41.11 -22.03
C LEU F 313 -33.70 -40.71 -20.59
N LEU F 314 -32.57 -40.05 -20.34
CA LEU F 314 -32.34 -39.46 -19.02
C LEU F 314 -33.42 -38.44 -18.70
N SER F 315 -33.85 -37.68 -19.70
CA SER F 315 -34.92 -36.70 -19.58
C SER F 315 -36.29 -37.29 -19.86
N ARG F 316 -36.42 -38.61 -19.92
CA ARG F 316 -37.74 -39.22 -20.00
C ARG F 316 -38.48 -38.99 -18.69
N LYS F 317 -39.79 -38.73 -18.81
CA LYS F 317 -40.67 -38.53 -17.65
C LYS F 317 -40.22 -37.37 -16.77
N MET F 318 -39.78 -36.28 -17.40
CA MET F 318 -39.38 -35.10 -16.63
C MET F 318 -40.58 -34.48 -15.91
N LEU F 319 -41.79 -34.76 -16.39
CA LEU F 319 -42.98 -34.20 -15.78
C LEU F 319 -43.13 -34.71 -14.35
N GLY F 320 -43.56 -33.84 -13.46
CA GLY F 320 -43.73 -34.20 -12.07
C GLY F 320 -43.71 -32.97 -11.19
N CYS F 321 -43.69 -33.21 -9.89
CA CYS F 321 -43.62 -32.12 -8.93
C CYS F 321 -42.23 -31.49 -8.99
N PRO F 322 -42.12 -30.17 -9.16
CA PRO F 322 -40.82 -29.55 -9.44
C PRO F 322 -39.90 -29.37 -8.24
N ILE F 323 -40.18 -29.98 -7.09
CA ILE F 323 -39.31 -29.85 -5.93
C ILE F 323 -38.39 -31.07 -5.91
N ASN F 324 -37.21 -30.90 -6.51
CA ASN F 324 -36.20 -31.96 -6.52
C ASN F 324 -34.84 -31.35 -6.84
N ASP F 325 -33.80 -32.13 -6.56
CA ASP F 325 -32.43 -31.70 -6.88
C ASP F 325 -32.25 -31.53 -8.38
N LEU F 326 -33.05 -32.23 -9.18
CA LEU F 326 -32.86 -32.21 -10.63
C LEU F 326 -33.02 -30.80 -11.20
N ASN F 327 -33.97 -30.03 -10.68
CA ASN F 327 -34.16 -28.67 -11.18
C ASN F 327 -32.93 -27.81 -10.92
N VAL F 328 -32.36 -27.90 -9.72
CA VAL F 328 -31.17 -27.12 -9.40
C VAL F 328 -30.00 -27.56 -10.27
N ILE F 329 -29.85 -28.87 -10.47
CA ILE F 329 -28.78 -29.38 -11.32
C ILE F 329 -28.93 -28.87 -12.75
N LEU F 330 -30.16 -28.88 -13.26
CA LEU F 330 -30.41 -28.38 -14.61
C LEU F 330 -30.08 -26.90 -14.71
N LEU F 331 -30.48 -26.12 -13.72
CA LEU F 331 -30.16 -24.69 -13.74
C LEU F 331 -28.66 -24.45 -13.72
N PHE F 332 -27.93 -25.21 -12.89
CA PHE F 332 -26.49 -25.00 -12.82
C PHE F 332 -25.79 -25.44 -14.09
N LEU F 333 -26.22 -26.56 -14.69
CA LEU F 333 -25.59 -26.96 -15.95
C LEU F 333 -25.95 -26.00 -17.08
N ARG F 334 -27.14 -25.41 -17.04
CA ARG F 334 -27.47 -24.35 -17.99
C ARG F 334 -26.55 -23.15 -17.79
N ALA F 335 -26.26 -22.81 -16.53
CA ALA F 335 -25.26 -21.79 -16.25
C ALA F 335 -23.86 -22.22 -16.62
N ASN F 336 -23.64 -23.51 -16.89
CA ASN F 336 -22.33 -24.01 -17.27
C ASN F 336 -22.34 -24.62 -18.67
N ILE F 337 -22.92 -23.91 -19.64
CA ILE F 337 -23.01 -24.39 -21.02
C ILE F 337 -21.87 -23.83 -21.85
N SER F 338 -20.80 -23.42 -21.18
CA SER F 338 -19.62 -22.89 -21.85
C SER F 338 -18.36 -23.49 -21.21
N GLU F 339 -18.33 -24.81 -21.08
CA GLU F 339 -17.30 -25.45 -20.27
C GLU F 339 -15.88 -25.20 -20.81
N LEU F 340 -15.50 -25.78 -21.95
CA LEU F 340 -14.33 -25.28 -22.67
C LEU F 340 -14.66 -24.91 -24.11
N ILE F 341 -14.98 -25.89 -24.97
CA ILE F 341 -15.43 -25.63 -26.33
C ILE F 341 -16.61 -26.53 -26.65
N SER F 342 -16.73 -27.64 -25.92
CA SER F 342 -17.68 -28.69 -26.31
C SER F 342 -19.12 -28.24 -26.10
N PHE F 343 -19.41 -27.65 -24.94
CA PHE F 343 -20.75 -27.13 -24.71
C PHE F 343 -21.06 -25.97 -25.63
N SER F 344 -20.05 -25.23 -26.07
CA SER F 344 -20.26 -24.22 -27.09
C SER F 344 -20.72 -24.87 -28.41
N TRP F 345 -20.09 -25.98 -28.78
CA TRP F 345 -20.54 -26.71 -29.97
C TRP F 345 -21.95 -27.23 -29.80
N LEU F 346 -22.29 -27.70 -28.59
CA LEU F 346 -23.65 -28.14 -28.32
C LEU F 346 -24.64 -26.99 -28.48
N SER F 347 -24.28 -25.80 -27.99
CA SER F 347 -25.15 -24.63 -28.16
C SER F 347 -25.31 -24.28 -29.64
N VAL F 348 -24.22 -24.35 -30.40
CA VAL F 348 -24.29 -24.04 -31.83
C VAL F 348 -25.22 -25.02 -32.53
N LEU F 349 -25.07 -26.32 -32.24
CA LEU F 349 -25.88 -27.32 -32.94
C LEU F 349 -27.34 -27.23 -32.54
N CYS F 350 -27.63 -26.94 -31.27
CA CYS F 350 -29.03 -26.82 -30.87
C CYS F 350 -29.65 -25.54 -31.42
N VAL F 351 -28.86 -24.48 -31.58
CA VAL F 351 -29.37 -23.26 -32.19
C VAL F 351 -29.69 -23.49 -33.66
N LEU F 352 -28.77 -24.15 -34.38
CA LEU F 352 -29.01 -24.39 -35.81
C LEU F 352 -30.07 -25.45 -36.05
N LYS F 353 -30.33 -26.32 -35.06
CA LYS F 353 -31.35 -27.35 -35.23
C LYS F 353 -32.74 -26.72 -35.36
N ASP F 354 -33.01 -25.66 -34.58
CA ASP F 354 -34.30 -24.99 -34.61
C ASP F 354 -34.56 -24.36 -35.97
N VAL F 366 -32.12 -36.53 -41.38
CA VAL F 366 -30.71 -36.20 -41.53
C VAL F 366 -30.47 -34.74 -41.15
N ASP F 367 -29.81 -34.54 -40.00
CA ASP F 367 -29.51 -33.21 -39.49
C ASP F 367 -28.00 -33.00 -39.54
N PHE F 368 -27.57 -31.94 -40.22
CA PHE F 368 -26.16 -31.60 -40.38
C PHE F 368 -25.38 -32.81 -40.90
N MET F 369 -25.95 -33.42 -41.93
CA MET F 369 -25.41 -34.60 -42.61
C MET F 369 -24.87 -35.62 -41.61
N THR F 370 -25.71 -35.97 -40.64
CA THR F 370 -25.39 -36.93 -39.58
C THR F 370 -24.17 -36.47 -38.78
N LEU F 371 -24.20 -35.21 -38.36
CA LEU F 371 -23.14 -34.60 -37.54
C LEU F 371 -21.79 -34.71 -38.23
N LEU F 372 -21.72 -34.14 -39.44
CA LEU F 372 -20.50 -34.11 -40.27
C LEU F 372 -19.85 -35.49 -40.39
N ALA F 373 -20.64 -36.55 -40.23
CA ALA F 373 -20.15 -37.93 -40.27
C ALA F 373 -18.99 -38.15 -39.29
N ARG G 24 -4.33 -14.38 -27.89
CA ARG G 24 -5.25 -13.91 -28.91
C ARG G 24 -6.69 -14.19 -28.53
N LEU G 25 -6.95 -15.43 -28.09
CA LEU G 25 -8.30 -15.80 -27.69
C LEU G 25 -8.75 -15.05 -26.45
N LYS G 26 -7.84 -14.85 -25.49
CA LYS G 26 -8.17 -14.16 -24.25
C LYS G 26 -8.25 -12.64 -24.41
N GLY G 27 -7.85 -12.11 -25.56
CA GLY G 27 -7.86 -10.67 -25.78
C GLY G 27 -9.11 -10.17 -26.46
N LEU G 28 -10.17 -10.97 -26.43
CA LEU G 28 -11.42 -10.58 -27.08
C LEU G 28 -12.03 -9.37 -26.41
N ARG G 29 -12.56 -8.46 -27.22
CA ARG G 29 -13.21 -7.25 -26.74
C ARG G 29 -14.72 -7.38 -26.94
N LEU G 30 -15.47 -7.06 -25.88
CA LEU G 30 -16.93 -7.21 -25.90
C LEU G 30 -17.65 -5.92 -26.24
N GLU G 31 -16.92 -4.86 -26.58
CA GLU G 31 -17.56 -3.60 -26.96
C GLU G 31 -16.58 -2.78 -27.79
N LEU G 32 -17.15 -1.89 -28.61
CA LEU G 32 -16.34 -1.00 -29.42
C LEU G 32 -15.59 -0.02 -28.51
N PRO G 33 -14.39 0.42 -28.92
CA PRO G 33 -13.67 1.40 -28.10
C PRO G 33 -14.43 2.70 -27.89
N LEU G 34 -15.18 3.16 -28.89
CA LEU G 34 -15.96 4.38 -28.73
C LEU G 34 -17.05 4.20 -27.67
N ASP G 35 -17.77 3.08 -27.72
CA ASP G 35 -18.79 2.82 -26.71
C ASP G 35 -18.17 2.69 -25.32
N ARG G 36 -17.02 2.02 -25.23
CA ARG G 36 -16.36 1.87 -23.94
C ARG G 36 -15.95 3.22 -23.38
N ILE G 37 -15.37 4.08 -24.20
CA ILE G 37 -14.93 5.39 -23.70
C ILE G 37 -16.13 6.27 -23.35
N VAL G 38 -17.23 6.12 -24.09
CA VAL G 38 -18.44 6.88 -23.77
C VAL G 38 -18.98 6.45 -22.41
N LYS G 39 -19.04 5.14 -22.17
CA LYS G 39 -19.49 4.65 -20.87
C LYS G 39 -18.54 5.10 -19.76
N PHE G 40 -17.23 5.05 -20.02
CA PHE G 40 -16.25 5.47 -19.02
C PHE G 40 -16.42 6.93 -18.66
N VAL G 41 -16.64 7.79 -19.65
CA VAL G 41 -16.86 9.22 -19.39
C VAL G 41 -18.15 9.42 -18.62
N ALA G 42 -19.24 8.79 -19.08
CA ALA G 42 -20.54 8.97 -18.44
C ALA G 42 -20.56 8.45 -17.01
N VAL G 43 -19.69 7.51 -16.67
CA VAL G 43 -19.61 7.05 -15.29
C VAL G 43 -18.66 7.90 -14.46
N GLY G 44 -17.51 8.29 -15.04
CA GLY G 44 -16.51 9.00 -14.27
C GLY G 44 -16.84 10.45 -13.99
N SER G 45 -17.55 11.11 -14.91
CA SER G 45 -17.87 12.52 -14.69
C SER G 45 -18.72 12.74 -13.45
N PRO G 46 -19.83 12.01 -13.22
CA PRO G 46 -20.55 12.19 -11.94
C PRO G 46 -19.69 11.88 -10.73
N LEU G 47 -18.81 10.87 -10.81
CA LEU G 47 -17.96 10.58 -9.66
C LEU G 47 -16.90 11.67 -9.45
N LEU G 48 -16.40 12.26 -10.54
CA LEU G 48 -15.50 13.39 -10.41
C LEU G 48 -16.20 14.57 -9.74
N LEU G 49 -17.43 14.84 -10.13
CA LEU G 49 -18.18 15.92 -9.49
C LEU G 49 -18.47 15.59 -8.02
N MET G 50 -18.70 14.31 -7.72
CA MET G 50 -18.89 13.89 -6.34
C MET G 50 -17.64 14.17 -5.51
N SER G 51 -16.48 13.82 -6.05
CA SER G 51 -15.24 14.08 -5.35
C SER G 51 -15.04 15.58 -5.14
N LEU G 52 -15.32 16.38 -6.18
CA LEU G 52 -15.20 17.84 -6.04
C LEU G 52 -16.14 18.38 -4.97
N ALA G 53 -17.38 17.88 -4.93
CA ALA G 53 -18.35 18.36 -3.96
C ALA G 53 -17.93 18.00 -2.54
N PHE G 54 -17.60 16.73 -2.31
CA PHE G 54 -17.20 16.32 -0.96
C PHE G 54 -15.83 16.85 -0.56
N ALA G 55 -15.06 17.38 -1.51
CA ALA G 55 -13.78 17.99 -1.16
C ALA G 55 -13.92 19.48 -0.87
N GLN G 56 -14.75 20.20 -1.62
CA GLN G 56 -14.91 21.64 -1.44
C GLN G 56 -16.11 22.00 -0.57
N GLU G 57 -16.83 21.02 -0.03
CA GLU G 57 -17.96 21.29 0.85
C GLU G 57 -17.60 21.20 2.32
N PHE G 58 -16.93 20.12 2.73
CA PHE G 58 -16.63 19.89 4.14
C PHE G 58 -15.18 20.21 4.49
N SER G 59 -14.44 20.82 3.59
CA SER G 59 -13.12 21.37 3.90
C SER G 59 -13.18 22.84 4.31
N SER G 60 -14.37 23.44 4.30
CA SER G 60 -14.56 24.82 4.73
C SER G 60 -15.74 24.94 5.70
N GLY G 61 -16.12 23.85 6.34
CA GLY G 61 -17.24 23.85 7.27
C GLY G 61 -18.51 23.37 6.58
N SER G 62 -19.57 24.17 6.67
CA SER G 62 -20.83 23.88 6.02
C SER G 62 -21.12 24.90 4.93
N PRO G 63 -21.81 24.52 3.85
CA PRO G 63 -22.07 25.43 2.73
C PRO G 63 -23.14 26.47 3.03
N ILE G 64 -23.01 27.14 4.17
CA ILE G 64 -23.96 28.18 4.57
C ILE G 64 -23.31 29.00 5.68
N SER G 65 -23.50 30.31 5.60
CA SER G 65 -23.05 31.23 6.65
C SER G 65 -24.19 32.18 6.96
N CYS G 66 -24.57 32.24 8.24
CA CYS G 66 -25.74 32.99 8.67
C CYS G 66 -25.31 34.21 9.47
N PHE G 67 -25.86 35.37 9.11
CA PHE G 67 -25.52 36.63 9.75
C PHE G 67 -26.35 36.80 11.03
N SER G 68 -25.97 36.02 12.04
CA SER G 68 -26.61 36.14 13.33
C SER G 68 -26.28 37.49 13.97
N PRO G 69 -27.18 38.04 14.76
CA PRO G 69 -26.94 39.36 15.37
C PRO G 69 -25.75 39.32 16.33
N SER G 70 -25.34 40.52 16.75
CA SER G 70 -24.15 40.63 17.58
C SER G 70 -24.38 40.11 18.99
N ASN G 71 -25.61 40.23 19.51
CA ASN G 71 -25.88 39.81 20.88
C ASN G 71 -25.85 38.30 21.05
N PHE G 72 -25.91 37.53 19.97
CA PHE G 72 -25.83 36.08 20.08
C PHE G 72 -24.43 35.64 20.47
N SER G 73 -24.35 34.62 21.33
CA SER G 73 -23.07 34.00 21.63
C SER G 73 -22.66 33.12 20.46
N ILE G 74 -21.47 32.52 20.55
CA ILE G 74 -20.97 31.67 19.48
C ILE G 74 -21.82 30.42 19.35
N ARG G 75 -22.22 29.83 20.48
CA ARG G 75 -23.03 28.61 20.43
C ARG G 75 -24.40 28.87 19.81
N GLN G 76 -25.03 29.99 20.18
CA GLN G 76 -26.33 30.32 19.59
C GLN G 76 -26.20 30.60 18.10
N ALA G 77 -25.11 31.26 17.69
CA ALA G 77 -24.88 31.47 16.26
C ALA G 77 -24.71 30.16 15.52
N ALA G 78 -23.97 29.21 16.11
CA ALA G 78 -23.82 27.91 15.48
C ALA G 78 -25.16 27.17 15.40
N TYR G 79 -25.99 27.30 16.44
CA TYR G 79 -27.31 26.68 16.40
C TYR G 79 -28.17 27.28 15.30
N VAL G 80 -28.14 28.60 15.13
CA VAL G 80 -28.89 29.24 14.06
C VAL G 80 -28.38 28.75 12.71
N ASP G 81 -27.06 28.67 12.56
CA ASP G 81 -26.46 28.18 11.33
C ASP G 81 -26.97 26.77 10.99
N SER G 82 -26.89 25.85 11.96
CA SER G 82 -27.31 24.48 11.72
C SER G 82 -28.80 24.40 11.42
N SER G 83 -29.61 25.15 12.16
CA SER G 83 -31.06 25.10 11.94
C SER G 83 -31.43 25.61 10.56
N CYS G 84 -30.82 26.72 10.13
CA CYS G 84 -31.13 27.24 8.80
C CYS G 84 -30.59 26.33 7.71
N TRP G 85 -29.45 25.66 7.95
CA TRP G 85 -28.94 24.71 6.97
C TRP G 85 -29.88 23.53 6.82
N ASP G 86 -30.43 23.03 7.94
CA ASP G 86 -31.34 21.89 7.88
C ASP G 86 -32.67 22.27 7.24
N SER G 87 -33.23 23.41 7.64
CA SER G 87 -34.54 23.81 7.14
C SER G 87 -34.47 24.15 5.65
N LEU G 88 -33.52 24.99 5.26
CA LEU G 88 -33.37 25.43 3.88
C LEU G 88 -34.68 25.97 3.31
N LEU G 89 -35.36 26.78 4.11
CA LEU G 89 -36.63 27.38 3.73
C LEU G 89 -36.46 28.86 3.43
N HIS G 90 -37.37 29.39 2.62
CA HIS G 90 -37.37 30.80 2.26
C HIS G 90 -38.70 31.41 2.70
N HIS G 91 -38.63 32.58 3.35
CA HIS G 91 -39.82 33.20 3.90
C HIS G 91 -40.12 34.52 3.21
N LYS G 92 -40.05 34.54 1.88
CA LYS G 92 -40.28 35.76 1.12
C LYS G 92 -41.66 36.33 1.44
N GLN G 93 -41.71 37.64 1.69
CA GLN G 93 -42.95 38.33 1.99
C GLN G 93 -42.89 39.80 1.59
N ASP G 99 -48.24 33.63 2.96
CA ASP G 99 -46.80 33.70 3.11
C ASP G 99 -46.10 32.68 2.22
N LYS G 100 -45.23 33.18 1.33
CA LYS G 100 -44.48 32.30 0.45
C LYS G 100 -43.55 31.39 1.27
N MET G 101 -43.43 30.14 0.82
CA MET G 101 -42.62 29.14 1.51
C MET G 101 -41.79 28.36 0.52
N LYS G 102 -41.16 29.05 -0.43
CA LYS G 102 -40.31 28.37 -1.41
C LYS G 102 -39.14 27.69 -0.71
N SER G 103 -38.79 26.51 -1.18
CA SER G 103 -37.70 25.72 -0.61
C SER G 103 -36.49 25.74 -1.53
N LEU G 104 -35.34 25.45 -0.94
CA LEU G 104 -34.06 25.38 -1.63
C LEU G 104 -33.40 24.03 -1.38
N TRP G 105 -34.18 22.96 -1.54
CA TRP G 105 -33.67 21.62 -1.26
C TRP G 105 -32.48 21.19 -2.11
N PRO G 106 -32.40 21.46 -3.42
CA PRO G 106 -31.35 20.81 -4.23
C PRO G 106 -29.94 21.06 -3.73
N HIS G 107 -29.67 22.24 -3.17
CA HIS G 107 -28.32 22.54 -2.72
C HIS G 107 -27.84 21.55 -1.67
N LYS G 108 -28.75 20.96 -0.91
CA LYS G 108 -28.37 19.93 0.05
C LYS G 108 -28.45 18.53 -0.53
N ALA G 109 -29.21 18.33 -1.60
CA ALA G 109 -29.33 17.03 -2.24
C ALA G 109 -28.51 16.94 -3.52
N LEU G 110 -27.68 17.93 -3.81
CA LEU G 110 -26.90 17.92 -5.06
C LEU G 110 -25.98 16.71 -5.16
N PRO G 111 -25.17 16.36 -4.15
CA PRO G 111 -24.34 15.15 -4.29
C PRO G 111 -25.16 13.88 -4.41
N TYR G 112 -26.00 13.61 -3.41
CA TYR G 112 -26.70 12.32 -3.35
C TYR G 112 -27.52 12.07 -4.60
N SER G 113 -28.25 13.07 -5.07
CA SER G 113 -29.02 12.93 -6.31
C SER G 113 -28.12 12.49 -7.45
N LEU G 114 -26.99 13.19 -7.64
CA LEU G 114 -26.07 12.81 -8.71
C LEU G 114 -25.57 11.39 -8.55
N LEU G 115 -25.46 10.92 -7.30
CA LEU G 115 -25.04 9.54 -7.07
C LEU G 115 -26.00 8.58 -7.73
N ALA G 116 -27.30 8.81 -7.59
CA ALA G 116 -28.28 8.00 -8.29
C ALA G 116 -28.00 8.00 -9.79
N LEU G 117 -27.73 9.19 -10.33
CA LEU G 117 -27.38 9.29 -11.75
C LEU G 117 -26.22 8.37 -12.08
N ALA G 118 -25.18 8.37 -11.23
CA ALA G 118 -24.05 7.48 -11.46
C ALA G 118 -24.52 6.03 -11.53
N LEU G 119 -25.33 5.61 -10.57
CA LEU G 119 -25.87 4.26 -10.61
C LEU G 119 -26.67 4.03 -11.89
N LEU G 120 -27.42 5.05 -12.32
CA LEU G 120 -28.16 4.93 -13.57
C LEU G 120 -27.20 4.70 -14.73
N MET G 121 -26.08 5.43 -14.75
CA MET G 121 -25.11 5.24 -15.82
C MET G 121 -24.51 3.84 -15.79
N TYR G 122 -24.58 3.16 -14.65
CA TYR G 122 -24.07 1.80 -14.53
C TYR G 122 -25.17 0.76 -14.65
N LEU G 123 -26.41 1.18 -14.92
CA LEU G 123 -27.50 0.21 -15.03
C LEU G 123 -27.51 -0.52 -16.36
N PRO G 124 -27.54 0.17 -17.51
CA PRO G 124 -27.57 -0.57 -18.79
C PRO G 124 -26.36 -1.44 -19.01
N VAL G 125 -25.18 -1.00 -18.60
CA VAL G 125 -23.95 -1.75 -18.87
C VAL G 125 -24.02 -3.12 -18.22
N LEU G 126 -24.45 -3.18 -16.95
CA LEU G 126 -24.66 -4.45 -16.30
C LEU G 126 -25.65 -5.30 -17.08
N LEU G 127 -26.72 -4.68 -17.58
CA LEU G 127 -27.63 -5.39 -18.47
C LEU G 127 -26.87 -5.97 -19.65
N TRP G 128 -26.03 -5.15 -20.31
CA TRP G 128 -25.23 -5.65 -21.40
C TRP G 128 -24.31 -6.77 -20.95
N GLN G 129 -23.86 -6.74 -19.69
CA GLN G 129 -23.00 -7.79 -19.20
C GLN G 129 -23.76 -9.04 -18.80
N TYR G 130 -25.09 -8.96 -18.67
CA TYR G 130 -25.89 -10.10 -18.22
C TYR G 130 -26.97 -10.49 -19.22
N ALA G 131 -26.91 -9.96 -20.45
CA ALA G 131 -27.90 -10.30 -21.47
C ALA G 131 -27.31 -10.64 -22.83
N ALA G 132 -26.07 -10.26 -23.12
CA ALA G 132 -25.48 -10.55 -24.43
C ALA G 132 -24.05 -11.04 -24.38
N VAL G 133 -23.33 -10.90 -23.26
CA VAL G 133 -21.92 -11.30 -23.24
C VAL G 133 -21.71 -12.78 -23.50
N PRO G 134 -22.42 -13.71 -22.84
CA PRO G 134 -22.12 -15.14 -23.08
C PRO G 134 -22.41 -15.59 -24.50
N ALA G 135 -23.58 -15.28 -25.03
CA ALA G 135 -23.93 -15.71 -26.38
C ALA G 135 -22.99 -15.09 -27.40
N LEU G 136 -22.70 -13.80 -27.27
CA LEU G 136 -21.78 -13.14 -28.19
C LEU G 136 -20.38 -13.74 -28.11
N SER G 137 -19.91 -14.04 -26.90
CA SER G 137 -18.58 -14.62 -26.76
C SER G 137 -18.51 -16.01 -27.40
N SER G 138 -19.54 -16.84 -27.16
CA SER G 138 -19.56 -18.17 -27.75
C SER G 138 -19.60 -18.10 -29.26
N ASP G 139 -20.45 -17.22 -29.81
CA ASP G 139 -20.55 -17.09 -31.25
C ASP G 139 -19.25 -16.58 -31.85
N LEU G 140 -18.61 -15.61 -31.18
CA LEU G 140 -17.34 -15.09 -31.68
C LEU G 140 -16.26 -16.16 -31.67
N LEU G 141 -16.19 -16.96 -30.61
CA LEU G 141 -15.19 -18.02 -30.55
C LEU G 141 -15.44 -19.06 -31.65
N PHE G 142 -16.69 -19.46 -31.85
CA PHE G 142 -17.00 -20.42 -32.89
C PHE G 142 -16.66 -19.86 -34.27
N ILE G 143 -17.00 -18.58 -34.50
CA ILE G 143 -16.74 -17.95 -35.80
C ILE G 143 -15.24 -17.85 -36.05
N ILE G 144 -14.47 -17.48 -35.02
CA ILE G 144 -13.02 -17.35 -35.23
C ILE G 144 -12.39 -18.72 -35.48
N SER G 145 -12.88 -19.76 -34.80
CA SER G 145 -12.37 -21.10 -35.08
C SER G 145 -12.68 -21.52 -36.51
N GLU G 146 -13.91 -21.27 -36.97
CA GLU G 146 -14.28 -21.63 -38.34
C GLU G 146 -13.49 -20.80 -39.36
N LEU G 147 -13.21 -19.53 -39.04
CA LEU G 147 -12.40 -18.71 -39.93
C LEU G 147 -10.98 -19.24 -40.04
N ASP G 148 -10.39 -19.65 -38.91
CA ASP G 148 -9.07 -20.27 -38.96
C ASP G 148 -9.08 -21.55 -39.77
N LYS G 149 -10.10 -22.39 -39.57
CA LYS G 149 -10.19 -23.63 -40.34
C LYS G 149 -10.34 -23.35 -41.83
N SER G 150 -11.16 -22.36 -42.20
CA SER G 150 -11.34 -22.02 -43.60
C SER G 150 -10.07 -21.47 -44.21
N TYR G 151 -9.32 -20.65 -43.45
CA TYR G 151 -8.05 -20.14 -43.95
C TYR G 151 -7.07 -21.27 -44.19
N ASN G 152 -6.99 -22.22 -43.26
CA ASN G 152 -6.10 -23.36 -43.45
C ASN G 152 -6.52 -24.19 -44.66
N ARG G 153 -7.82 -24.40 -44.83
CA ARG G 153 -8.32 -25.17 -45.97
C ARG G 153 -7.99 -24.46 -47.28
N SER G 154 -8.15 -23.14 -47.33
CA SER G 154 -7.80 -22.39 -48.53
C SER G 154 -6.31 -22.47 -48.82
N ILE G 155 -5.48 -22.39 -47.77
CA ILE G 155 -4.03 -22.52 -47.95
C ILE G 155 -3.68 -23.88 -48.52
N ARG G 156 -4.32 -24.93 -48.03
CA ARG G 156 -4.07 -26.26 -48.58
C ARG G 156 -4.56 -26.37 -50.03
N LEU G 157 -5.71 -25.77 -50.33
CA LEU G 157 -6.32 -25.95 -51.64
C LEU G 157 -5.61 -25.16 -52.74
N VAL G 158 -5.07 -23.98 -52.42
CA VAL G 158 -4.43 -23.18 -53.46
C VAL G 158 -3.19 -23.89 -54.00
N GLN G 159 -2.47 -24.60 -53.15
CA GLN G 159 -1.29 -25.34 -53.58
C GLN G 159 -1.66 -26.48 -54.52
N TYR G 186 -16.24 -29.12 -50.74
CA TYR G 186 -14.89 -28.69 -50.38
C TYR G 186 -14.80 -27.17 -50.33
N PHE G 187 -15.34 -26.51 -51.34
CA PHE G 187 -15.28 -25.05 -51.40
C PHE G 187 -16.27 -24.42 -50.42
N GLU G 188 -17.48 -24.96 -50.34
CA GLU G 188 -18.53 -24.38 -49.52
C GLU G 188 -18.55 -25.02 -48.14
N PHE G 189 -19.02 -24.26 -47.16
CA PHE G 189 -19.17 -24.74 -45.79
C PHE G 189 -20.65 -24.80 -45.44
N PRO G 190 -21.22 -25.99 -45.23
CA PRO G 190 -22.65 -26.05 -44.88
C PRO G 190 -22.94 -25.62 -43.46
N LEU G 191 -22.03 -25.90 -42.51
CA LEU G 191 -22.25 -25.49 -41.13
C LEU G 191 -22.32 -23.98 -41.01
N LEU G 192 -21.35 -23.28 -41.60
CA LEU G 192 -21.35 -21.82 -41.55
C LEU G 192 -22.56 -21.24 -42.27
N GLU G 193 -22.92 -21.83 -43.41
CA GLU G 193 -24.09 -21.33 -44.14
C GLU G 193 -25.36 -21.47 -43.31
N ARG G 194 -25.55 -22.63 -42.68
CA ARG G 194 -26.73 -22.82 -41.84
C ARG G 194 -26.72 -21.89 -40.63
N TYR G 195 -25.55 -21.70 -40.01
CA TYR G 195 -25.48 -20.81 -38.86
C TYR G 195 -25.79 -19.37 -39.24
N LEU G 196 -25.27 -18.93 -40.38
CA LEU G 196 -25.57 -17.56 -40.84
C LEU G 196 -27.04 -17.41 -41.22
N ALA G 197 -27.63 -18.45 -41.82
CA ALA G 197 -29.05 -18.40 -42.13
C ALA G 197 -29.89 -18.30 -40.86
N CYS G 198 -29.52 -19.06 -39.82
CA CYS G 198 -30.23 -18.98 -38.55
C CYS G 198 -30.04 -17.60 -37.91
N LYS G 199 -28.83 -17.06 -37.95
CA LYS G 199 -28.57 -15.77 -37.31
C LYS G 199 -29.25 -14.63 -38.03
N GLN G 200 -29.47 -14.76 -39.34
CA GLN G 200 -30.18 -13.72 -40.08
C GLN G 200 -31.64 -13.63 -39.67
N ARG G 201 -32.16 -14.62 -38.93
CA ARG G 201 -33.55 -14.61 -38.48
C ARG G 201 -33.70 -14.21 -37.02
N SER G 202 -32.70 -14.47 -36.17
CA SER G 202 -32.79 -14.11 -34.77
C SER G 202 -32.64 -12.61 -34.57
N HIS G 203 -33.20 -12.11 -33.47
CA HIS G 203 -33.18 -10.69 -33.16
C HIS G 203 -32.88 -10.47 -31.68
N SER G 204 -31.87 -11.17 -31.16
CA SER G 204 -31.56 -11.07 -29.74
C SER G 204 -30.52 -10.00 -29.46
N LEU G 205 -29.33 -10.16 -30.06
CA LEU G 205 -28.24 -9.22 -29.80
C LEU G 205 -28.59 -7.81 -30.26
N VAL G 206 -29.25 -7.70 -31.41
CA VAL G 206 -29.70 -6.39 -31.88
C VAL G 206 -30.67 -5.78 -30.88
N ALA G 207 -31.58 -6.59 -30.33
CA ALA G 207 -32.52 -6.09 -29.33
C ALA G 207 -31.79 -5.58 -28.09
N THR G 208 -30.80 -6.34 -27.61
CA THR G 208 -30.05 -5.91 -26.44
C THR G 208 -29.29 -4.61 -26.71
N TYR G 209 -28.67 -4.51 -27.88
CA TYR G 209 -27.91 -3.30 -28.21
C TYR G 209 -28.83 -2.08 -28.28
N LEU G 210 -29.94 -2.20 -29.01
CA LEU G 210 -30.85 -1.08 -29.12
C LEU G 210 -31.45 -0.71 -27.78
N LEU G 211 -31.77 -1.72 -26.95
CA LEU G 211 -32.33 -1.44 -25.63
C LEU G 211 -31.32 -0.71 -24.75
N ARG G 212 -30.05 -1.12 -24.78
CA ARG G 212 -29.04 -0.44 -23.98
C ARG G 212 -28.88 1.00 -24.42
N ASN G 213 -28.79 1.23 -25.73
CA ASN G 213 -28.63 2.60 -26.21
C ASN G 213 -29.85 3.45 -25.88
N SER G 214 -31.05 2.88 -26.02
CA SER G 214 -32.27 3.61 -25.69
C SER G 214 -32.34 3.94 -24.21
N LEU G 215 -31.92 3.00 -23.35
CA LEU G 215 -31.90 3.27 -21.92
C LEU G 215 -30.94 4.40 -21.58
N LEU G 216 -29.75 4.39 -22.19
CA LEU G 216 -28.81 5.47 -21.93
C LEU G 216 -29.36 6.81 -22.40
N LEU G 217 -29.97 6.83 -23.58
CA LEU G 217 -30.55 8.07 -24.09
C LEU G 217 -31.68 8.57 -23.20
N ILE G 218 -32.52 7.64 -22.71
CA ILE G 218 -33.62 8.01 -21.84
C ILE G 218 -33.11 8.58 -20.52
N PHE G 219 -32.05 7.97 -19.98
CA PHE G 219 -31.45 8.49 -18.75
C PHE G 219 -30.88 9.89 -18.97
N THR G 220 -30.22 10.11 -20.11
CA THR G 220 -29.70 11.44 -20.40
C THR G 220 -30.83 12.46 -20.54
N SER G 221 -31.93 12.08 -21.19
CA SER G 221 -33.08 12.98 -21.30
C SER G 221 -33.69 13.27 -19.94
N ALA G 222 -33.73 12.27 -19.06
CA ALA G 222 -34.24 12.49 -17.71
C ALA G 222 -33.35 13.45 -16.94
N THR G 223 -32.02 13.32 -17.10
CA THR G 223 -31.12 14.28 -16.47
C THR G 223 -31.34 15.69 -17.02
N TYR G 224 -31.56 15.80 -18.33
CA TYR G 224 -31.87 17.09 -18.93
C TYR G 224 -33.12 17.69 -18.32
N LEU G 225 -34.18 16.88 -18.16
CA LEU G 225 -35.41 17.38 -17.59
C LEU G 225 -35.21 17.80 -16.14
N TYR G 226 -34.45 17.01 -15.37
CA TYR G 226 -34.18 17.34 -13.98
C TYR G 226 -33.47 18.68 -13.86
N LEU G 227 -32.40 18.86 -14.65
CA LEU G 227 -31.66 20.12 -14.59
C LEU G 227 -32.50 21.30 -15.06
N GLY G 228 -33.28 21.11 -16.12
CA GLY G 228 -34.10 22.19 -16.62
C GLY G 228 -35.38 22.45 -15.87
N HIS G 229 -35.72 21.61 -14.88
CA HIS G 229 -36.91 21.83 -14.08
C HIS G 229 -36.63 22.17 -12.63
N PHE G 230 -35.44 21.84 -12.11
CA PHE G 230 -35.16 22.07 -10.69
C PHE G 230 -34.02 23.05 -10.44
N HIS G 231 -33.12 23.25 -11.40
CA HIS G 231 -31.91 24.02 -11.14
C HIS G 231 -31.87 25.37 -11.85
N LEU G 232 -33.01 25.88 -12.32
CA LEU G 232 -33.04 27.23 -12.84
C LEU G 232 -33.90 28.19 -12.02
N ASP G 233 -34.79 27.67 -11.18
CA ASP G 233 -35.50 28.53 -10.24
C ASP G 233 -34.66 28.86 -9.02
N VAL G 234 -33.52 28.20 -8.87
CA VAL G 234 -32.61 28.42 -7.75
C VAL G 234 -31.27 29.00 -8.22
N PHE G 235 -31.05 29.06 -9.54
CA PHE G 235 -29.72 29.31 -10.08
C PHE G 235 -29.22 30.72 -9.78
N PHE G 236 -30.09 31.61 -9.28
CA PHE G 236 -29.72 32.98 -8.92
C PHE G 236 -30.20 33.31 -7.51
N GLN G 237 -29.95 32.41 -6.56
CA GLN G 237 -30.29 32.64 -5.15
C GLN G 237 -28.98 32.81 -4.38
N GLU G 238 -28.61 34.07 -4.14
CA GLU G 238 -27.42 34.34 -3.36
C GLU G 238 -27.70 34.27 -1.86
N GLU G 239 -28.71 35.00 -1.39
CA GLU G 239 -29.04 35.05 0.02
C GLU G 239 -30.53 34.85 0.21
N PHE G 240 -30.90 34.26 1.35
CA PHE G 240 -32.29 33.95 1.63
C PHE G 240 -32.55 34.13 3.11
N SER G 241 -33.79 34.52 3.44
CA SER G 241 -34.20 34.63 4.83
C SER G 241 -34.49 33.24 5.40
N CYS G 242 -34.44 33.15 6.72
CA CYS G 242 -34.66 31.90 7.43
C CYS G 242 -35.16 32.22 8.83
N SER G 243 -36.22 31.54 9.25
CA SER G 243 -36.86 31.81 10.53
C SER G 243 -36.80 30.54 11.38
N ILE G 244 -36.36 30.70 12.62
CA ILE G 244 -36.32 29.59 13.57
C ILE G 244 -37.40 29.81 14.63
N LYS G 245 -38.39 30.64 14.31
CA LYS G 245 -39.49 30.97 15.23
C LYS G 245 -40.69 30.05 15.02
N THR G 246 -40.42 28.80 14.67
CA THR G 246 -41.42 27.79 14.43
C THR G 246 -41.21 26.65 15.43
N GLY G 247 -42.22 26.38 16.24
CA GLY G 247 -42.14 25.30 17.20
C GLY G 247 -42.03 25.83 18.63
N LEU G 248 -41.10 25.25 19.39
CA LEU G 248 -40.99 25.58 20.81
C LEU G 248 -40.48 27.00 21.04
N LEU G 249 -39.60 27.48 20.16
CA LEU G 249 -39.06 28.82 20.29
C LEU G 249 -40.02 29.91 19.84
N SER G 250 -41.30 29.58 19.62
CA SER G 250 -42.25 30.55 19.11
C SER G 250 -42.43 31.73 20.05
N ASP G 251 -42.49 31.46 21.35
CA ASP G 251 -42.71 32.50 22.35
C ASP G 251 -41.42 33.16 22.83
N GLU G 252 -40.26 32.72 22.34
CA GLU G 252 -39.00 33.33 22.73
C GLU G 252 -38.87 34.72 22.11
N THR G 253 -38.32 35.64 22.88
CA THR G 253 -38.09 37.01 22.42
C THR G 253 -36.61 37.36 22.33
N HIS G 254 -35.73 36.38 22.48
CA HIS G 254 -34.28 36.60 22.43
C HIS G 254 -33.73 36.50 21.01
N VAL G 255 -34.52 36.05 20.05
CA VAL G 255 -34.04 35.86 18.68
C VAL G 255 -34.90 36.68 17.72
N PRO G 256 -34.35 37.15 16.61
CA PRO G 256 -35.17 37.90 15.65
C PRO G 256 -36.11 36.98 14.88
N ASN G 257 -37.09 37.59 14.22
CA ASN G 257 -38.06 36.82 13.45
C ASN G 257 -37.46 36.29 12.15
N LEU G 258 -36.62 37.07 11.49
CA LEU G 258 -36.02 36.68 10.23
C LEU G 258 -34.51 36.88 10.28
N ILE G 259 -33.75 35.85 9.90
CA ILE G 259 -32.30 35.91 9.86
C ILE G 259 -31.84 35.62 8.44
N THR G 260 -31.04 36.51 7.89
CA THR G 260 -30.55 36.33 6.52
C THR G 260 -29.35 35.39 6.51
N CYS G 261 -29.25 34.58 5.46
CA CYS G 261 -28.11 33.68 5.31
C CYS G 261 -27.76 33.57 3.83
N ARG G 262 -26.47 33.62 3.53
CA ARG G 262 -25.98 33.50 2.16
C ARG G 262 -25.29 32.16 1.98
N LEU G 263 -25.59 31.49 0.88
CA LEU G 263 -25.04 30.17 0.61
C LEU G 263 -23.63 30.27 0.04
N THR G 264 -22.70 29.55 0.65
CA THR G 264 -21.30 29.63 0.22
C THR G 264 -21.07 28.88 -1.09
N SER G 265 -21.68 27.72 -1.24
CA SER G 265 -21.39 26.83 -2.37
C SER G 265 -22.23 27.13 -3.60
N LEU G 266 -22.74 28.36 -3.76
CA LEU G 266 -23.55 28.68 -4.92
C LEU G 266 -22.74 28.55 -6.21
N SER G 267 -21.53 29.11 -6.23
CA SER G 267 -20.70 29.06 -7.43
C SER G 267 -20.32 27.62 -7.77
N ILE G 268 -20.01 26.82 -6.76
CA ILE G 268 -19.64 25.43 -6.99
C ILE G 268 -20.81 24.67 -7.59
N PHE G 269 -22.02 24.90 -7.07
CA PHE G 269 -23.21 24.25 -7.61
C PHE G 269 -23.46 24.67 -9.05
N GLN G 270 -23.28 25.97 -9.35
CA GLN G 270 -23.46 26.45 -10.71
C GLN G 270 -22.48 25.78 -11.66
N ILE G 271 -21.22 25.70 -11.25
CA ILE G 271 -20.18 25.08 -12.09
C ILE G 271 -20.50 23.60 -12.31
N VAL G 272 -20.95 22.92 -11.26
CA VAL G 272 -21.27 21.50 -11.37
C VAL G 272 -22.41 21.30 -12.37
N SER G 273 -23.46 22.10 -12.26
CA SER G 273 -24.60 21.97 -13.17
C SER G 273 -24.18 22.23 -14.62
N LEU G 274 -23.40 23.29 -14.83
CA LEU G 274 -22.96 23.62 -16.19
C LEU G 274 -22.07 22.53 -16.76
N SER G 275 -21.17 21.99 -15.94
CA SER G 275 -20.30 20.91 -16.40
C SER G 275 -21.12 19.68 -16.78
N SER G 276 -22.11 19.34 -15.96
CA SER G 276 -22.95 18.18 -16.26
C SER G 276 -23.68 18.35 -17.59
N VAL G 277 -24.33 19.50 -17.77
CA VAL G 277 -25.11 19.69 -18.99
C VAL G 277 -24.20 19.71 -20.21
N ALA G 278 -23.04 20.37 -20.11
CA ALA G 278 -22.11 20.41 -21.24
C ALA G 278 -21.58 19.03 -21.58
N ILE G 279 -21.22 18.25 -20.56
CA ILE G 279 -20.66 16.92 -20.80
C ILE G 279 -21.69 16.04 -21.48
N TYR G 280 -22.94 16.06 -21.00
CA TYR G 280 -23.94 15.20 -21.63
C TYR G 280 -24.35 15.70 -23.01
N THR G 281 -24.31 17.00 -23.25
CA THR G 281 -24.52 17.51 -24.61
C THR G 281 -23.42 17.02 -25.55
N ILE G 282 -22.17 17.00 -25.09
CA ILE G 282 -21.09 16.47 -25.91
C ILE G 282 -21.25 14.97 -26.12
N LEU G 283 -21.76 14.26 -25.12
CA LEU G 283 -21.85 12.80 -25.19
C LEU G 283 -23.00 12.30 -26.06
N VAL G 284 -24.14 13.00 -26.10
CA VAL G 284 -25.32 12.47 -26.80
C VAL G 284 -25.09 12.22 -28.29
N PRO G 285 -24.43 13.10 -29.07
CA PRO G 285 -24.31 12.80 -30.51
C PRO G 285 -23.52 11.54 -30.80
N VAL G 286 -22.53 11.21 -29.96
CA VAL G 286 -21.77 9.99 -30.17
C VAL G 286 -22.67 8.77 -29.95
N ILE G 287 -23.57 8.86 -28.96
CA ILE G 287 -24.54 7.78 -28.77
C ILE G 287 -25.46 7.67 -29.99
N ILE G 288 -25.87 8.82 -30.54
CA ILE G 288 -26.70 8.79 -31.74
C ILE G 288 -25.96 8.11 -32.90
N TYR G 289 -24.67 8.43 -33.06
CA TYR G 289 -23.87 7.83 -34.12
C TYR G 289 -23.73 6.32 -33.91
N ASN G 290 -23.48 5.91 -32.66
CA ASN G 290 -23.38 4.48 -32.37
C ASN G 290 -24.69 3.75 -32.62
N LEU G 291 -25.83 4.43 -32.40
CA LEU G 291 -27.12 3.83 -32.71
C LEU G 291 -27.35 3.71 -34.21
N THR G 292 -27.01 4.76 -34.96
CA THR G 292 -27.25 4.75 -36.40
C THR G 292 -26.22 3.93 -37.17
N ARG G 293 -25.12 3.56 -36.53
CA ARG G 293 -24.15 2.67 -37.18
C ARG G 293 -24.80 1.34 -37.56
N LEU G 294 -25.69 0.84 -36.72
CA LEU G 294 -26.38 -0.41 -37.02
C LEU G 294 -27.35 -0.25 -38.19
N CYS G 295 -27.84 0.97 -38.43
CA CYS G 295 -28.83 1.19 -39.48
C CYS G 295 -28.26 1.06 -40.89
N ARG G 296 -26.94 1.09 -41.04
CA ARG G 296 -26.29 0.98 -42.34
C ARG G 296 -25.46 -0.28 -42.38
N TRP G 297 -25.61 -1.06 -43.46
CA TRP G 297 -24.91 -2.32 -43.57
C TRP G 297 -23.42 -2.08 -43.78
N ASP G 298 -22.62 -3.08 -43.41
CA ASP G 298 -21.16 -2.99 -43.49
C ASP G 298 -20.69 -3.21 -44.94
N LYS G 299 -21.12 -2.31 -45.81
CA LYS G 299 -20.74 -2.41 -47.21
C LYS G 299 -19.29 -2.02 -47.44
N ARG G 300 -18.72 -1.22 -46.53
CA ARG G 300 -17.36 -0.72 -46.72
C ARG G 300 -16.33 -1.83 -46.82
N LEU G 301 -16.65 -3.02 -46.31
CA LEU G 301 -15.75 -4.16 -46.36
C LEU G 301 -16.26 -5.28 -47.26
N LEU G 302 -17.26 -5.01 -48.11
CA LEU G 302 -17.83 -6.08 -48.93
C LEU G 302 -16.79 -6.69 -49.86
N SER G 303 -15.98 -5.83 -50.50
CA SER G 303 -14.91 -6.35 -51.35
C SER G 303 -13.90 -7.16 -50.55
N VAL G 304 -13.77 -6.87 -49.26
CA VAL G 304 -12.94 -7.69 -48.39
C VAL G 304 -13.44 -9.12 -48.38
N TYR G 305 -14.76 -9.30 -48.25
CA TYR G 305 -15.34 -10.64 -48.30
C TYR G 305 -15.10 -11.30 -49.64
N GLU G 306 -14.73 -10.53 -50.66
CA GLU G 306 -14.41 -11.10 -51.97
C GLU G 306 -13.07 -11.82 -52.00
N MET G 307 -12.25 -11.72 -50.93
CA MET G 307 -10.96 -12.41 -50.95
C MET G 307 -11.14 -13.92 -51.06
N LEU G 308 -12.26 -14.44 -50.57
CA LEU G 308 -12.61 -15.84 -50.73
C LEU G 308 -14.02 -15.92 -51.30
N PRO G 309 -14.24 -16.61 -52.42
CA PRO G 309 -15.61 -16.74 -52.95
C PRO G 309 -16.57 -17.39 -51.99
N ALA G 310 -16.09 -18.27 -51.09
CA ALA G 310 -16.95 -18.82 -50.05
C ALA G 310 -17.44 -17.73 -49.12
N PHE G 311 -16.57 -16.80 -48.75
CA PHE G 311 -16.99 -15.66 -47.93
C PHE G 311 -17.97 -14.78 -48.68
N ASP G 312 -17.79 -14.65 -50.00
CA ASP G 312 -18.75 -13.90 -50.80
C ASP G 312 -20.12 -14.58 -50.80
N LEU G 313 -20.14 -15.91 -50.93
CA LEU G 313 -21.40 -16.63 -50.90
C LEU G 313 -22.07 -16.52 -49.53
N LEU G 314 -21.27 -16.54 -48.46
CA LEU G 314 -21.82 -16.23 -47.14
C LEU G 314 -22.39 -14.82 -47.11
N SER G 315 -21.73 -13.89 -47.80
CA SER G 315 -22.17 -12.51 -47.93
C SER G 315 -23.08 -12.30 -49.14
N ARG G 316 -23.56 -13.36 -49.76
CA ARG G 316 -24.58 -13.20 -50.79
C ARG G 316 -25.88 -12.69 -50.17
N LYS G 317 -26.56 -11.80 -50.88
CA LYS G 317 -27.84 -11.25 -50.45
C LYS G 317 -27.75 -10.54 -49.11
N MET G 318 -26.67 -9.79 -48.90
CA MET G 318 -26.52 -9.02 -47.66
C MET G 318 -27.57 -7.92 -47.57
N LEU G 319 -28.13 -7.51 -48.71
CA LEU G 319 -29.13 -6.46 -48.71
C LEU G 319 -30.37 -6.91 -47.95
N GLY G 320 -30.96 -5.99 -47.19
CA GLY G 320 -32.14 -6.30 -46.42
C GLY G 320 -32.29 -5.29 -45.28
N CYS G 321 -33.24 -5.59 -44.42
CA CYS G 321 -33.47 -4.74 -43.25
C CYS G 321 -32.32 -4.92 -42.27
N PRO G 322 -31.68 -3.84 -41.82
CA PRO G 322 -30.43 -3.95 -41.07
C PRO G 322 -30.59 -4.33 -39.61
N ILE G 323 -31.75 -4.78 -39.15
CA ILE G 323 -31.93 -5.18 -37.76
C ILE G 323 -31.76 -6.69 -37.70
N ASN G 324 -30.53 -7.12 -37.41
CA ASN G 324 -30.23 -8.54 -37.26
C ASN G 324 -28.92 -8.70 -36.49
N ASP G 325 -28.70 -9.91 -36.00
CA ASP G 325 -27.45 -10.22 -35.30
C ASP G 325 -26.25 -10.09 -36.24
N LEU G 326 -26.47 -10.24 -37.54
CA LEU G 326 -25.37 -10.23 -38.49
C LEU G 326 -24.59 -8.92 -38.46
N ASN G 327 -25.30 -7.79 -38.32
CA ASN G 327 -24.62 -6.50 -38.26
C ASN G 327 -23.69 -6.41 -37.06
N VAL G 328 -24.18 -6.84 -35.89
CA VAL G 328 -23.34 -6.79 -34.69
C VAL G 328 -22.15 -7.73 -34.83
N ILE G 329 -22.37 -8.91 -35.41
CA ILE G 329 -21.27 -9.85 -35.61
C ILE G 329 -20.22 -9.26 -36.55
N LEU G 330 -20.68 -8.61 -37.63
CA LEU G 330 -19.76 -7.98 -38.56
C LEU G 330 -18.96 -6.86 -37.89
N LEU G 331 -19.63 -6.05 -37.07
CA LEU G 331 -18.92 -4.98 -36.37
C LEU G 331 -17.87 -5.55 -35.42
N PHE G 332 -18.21 -6.62 -34.70
CA PHE G 332 -17.25 -7.18 -33.75
C PHE G 332 -16.08 -7.85 -34.46
N LEU G 333 -16.34 -8.55 -35.56
CA LEU G 333 -15.22 -9.14 -36.31
C LEU G 333 -14.37 -8.08 -36.95
N ARG G 334 -14.97 -6.95 -37.37
CA ARG G 334 -14.17 -5.82 -37.84
C ARG G 334 -13.30 -5.28 -36.72
N ALA G 335 -13.84 -5.22 -35.50
CA ALA G 335 -13.04 -4.86 -34.34
C ALA G 335 -12.01 -5.93 -33.99
N ASN G 336 -12.14 -7.13 -34.57
CA ASN G 336 -11.20 -8.21 -34.30
C ASN G 336 -10.46 -8.64 -35.56
N ILE G 337 -9.94 -7.68 -36.33
CA ILE G 337 -9.24 -7.97 -37.58
C ILE G 337 -7.74 -8.03 -37.32
N SER G 338 -7.34 -8.25 -36.07
CA SER G 338 -5.94 -8.37 -35.70
C SER G 338 -5.76 -9.56 -34.77
N GLU G 339 -6.29 -10.72 -35.15
CA GLU G 339 -6.38 -11.84 -34.23
C GLU G 339 -5.02 -12.32 -33.73
N LEU G 340 -4.18 -12.94 -34.57
CA LEU G 340 -2.77 -13.07 -34.25
C LEU G 340 -1.88 -12.51 -35.36
N ILE G 341 -1.84 -13.14 -36.54
CA ILE G 341 -1.12 -12.60 -37.69
C ILE G 341 -1.98 -12.75 -38.94
N SER G 342 -2.94 -13.68 -38.89
CA SER G 342 -3.64 -14.08 -40.12
C SER G 342 -4.58 -12.97 -40.59
N PHE G 343 -5.35 -12.39 -39.68
CA PHE G 343 -6.21 -11.27 -40.05
C PHE G 343 -5.38 -10.06 -40.47
N SER G 344 -4.17 -9.92 -39.93
CA SER G 344 -3.26 -8.88 -40.43
C SER G 344 -2.89 -9.12 -41.89
N TRP G 345 -2.62 -10.38 -42.24
CA TRP G 345 -2.34 -10.70 -43.64
C TRP G 345 -3.57 -10.44 -44.51
N LEU G 346 -4.76 -10.74 -43.99
CA LEU G 346 -5.98 -10.43 -44.72
C LEU G 346 -6.12 -8.93 -44.96
N SER G 347 -5.82 -8.13 -43.95
CA SER G 347 -5.86 -6.68 -44.11
C SER G 347 -4.85 -6.21 -45.15
N VAL G 348 -3.64 -6.77 -45.11
CA VAL G 348 -2.62 -6.39 -46.09
C VAL G 348 -3.08 -6.72 -47.50
N LEU G 349 -3.63 -7.92 -47.70
CA LEU G 349 -4.02 -8.32 -49.04
C LEU G 349 -5.21 -7.52 -49.54
N CYS G 350 -6.17 -7.21 -48.66
CA CYS G 350 -7.30 -6.40 -49.11
C CYS G 350 -6.89 -4.96 -49.37
N VAL G 351 -5.91 -4.44 -48.63
CA VAL G 351 -5.41 -3.10 -48.89
C VAL G 351 -4.69 -3.05 -50.24
N LEU G 352 -3.84 -4.03 -50.52
CA LEU G 352 -3.11 -4.04 -51.78
C LEU G 352 -4.00 -4.40 -52.97
N LYS G 353 -5.14 -5.07 -52.72
CA LYS G 353 -6.04 -5.41 -53.81
C LYS G 353 -6.65 -4.16 -54.44
N ASP G 354 -6.98 -3.16 -53.62
CA ASP G 354 -7.56 -1.92 -54.11
C ASP G 354 -6.59 -1.17 -55.02
N VAL G 366 -5.52 -12.55 -62.28
CA VAL G 366 -4.39 -12.97 -61.47
C VAL G 366 -3.99 -11.87 -60.49
N ASP G 367 -4.27 -12.09 -59.21
CA ASP G 367 -3.95 -11.15 -58.16
C ASP G 367 -2.87 -11.73 -57.26
N PHE G 368 -1.77 -11.00 -57.11
CA PHE G 368 -0.63 -11.42 -56.30
C PHE G 368 -0.19 -12.82 -56.71
N MET G 369 -0.05 -13.00 -58.03
CA MET G 369 0.34 -14.25 -58.68
C MET G 369 -0.33 -15.46 -58.03
N THR G 370 -1.66 -15.39 -57.94
CA THR G 370 -2.50 -16.43 -57.33
C THR G 370 -2.09 -16.71 -55.89
N LEU G 371 -1.96 -15.63 -55.11
CA LEU G 371 -1.62 -15.70 -53.68
C LEU G 371 -0.30 -16.45 -53.47
N LEU G 372 0.75 -15.93 -54.10
CA LEU G 372 2.11 -16.48 -54.01
C LEU G 372 2.15 -17.99 -54.26
N ALA G 373 1.17 -18.50 -55.00
CA ALA G 373 1.04 -19.93 -55.28
C ALA G 373 1.05 -20.76 -54.01
C1 NAG H . -19.89 49.62 15.62
C2 NAG H . -21.21 50.25 16.09
C3 NAG H . -22.09 50.58 14.89
C4 NAG H . -21.33 51.42 13.88
C5 NAG H . -20.03 50.73 13.49
C6 NAG H . -19.17 51.56 12.57
C7 NAG H . -21.66 49.35 18.33
C8 NAG H . -22.47 48.39 19.14
N2 NAG H . -21.91 49.37 17.01
O3 NAG H . -23.25 51.28 15.33
O4 NAG H . -22.13 51.63 12.71
O5 NAG H . -19.25 50.49 14.67
O6 NAG H . -18.49 50.74 11.62
O7 NAG H . -20.81 50.08 18.84
C1 PTY I . -18.27 38.17 -18.23
C2 PTY I . -21.01 42.72 -14.93
C3 PTY I . -19.85 41.78 -15.18
O4 PTY I . -18.06 36.95 -17.57
C5 PTY I . -16.56 39.99 -18.33
C6 PTY I . -16.96 38.61 -18.87
O7 PTY I . -17.12 38.69 -20.26
C8 PTY I . -17.41 37.47 -20.88
O10 PTY I . -18.43 37.34 -21.47
C11 PTY I . -16.43 36.30 -20.79
C12 PTY I . -17.11 34.96 -21.07
C13 PTY I . -16.90 33.96 -19.93
C14 PTY I . -15.51 33.37 -19.93
C15 PTY I . -15.36 32.21 -20.91
C16 PTY I . -14.93 30.92 -20.24
C17 PTY I . -14.50 29.85 -21.25
C18 PTY I . -14.30 28.49 -20.61
C19 PTY I . -13.37 27.60 -21.43
C20 PTY I . -13.43 26.13 -20.99
C21 PTY I . -13.55 25.18 -22.17
C30 PTY I . -18.88 36.75 -16.46
C31 PTY I . -18.50 35.71 -15.41
O30 PTY I . -19.87 37.38 -16.32
C32 PTY I . -18.58 34.27 -15.95
C33 PTY I . -18.49 33.23 -14.84
C34 PTY I . -18.37 31.81 -15.38
C35 PTY I . -17.12 31.61 -16.22
C36 PTY I . -16.02 30.85 -15.48
C37 PTY I . -16.35 29.36 -15.33
C38 PTY I . -15.72 28.52 -16.44
C39 PTY I . -15.56 27.06 -16.04
C40 PTY I . -15.90 26.10 -17.17
C41 PTY I . -15.70 24.64 -16.77
C42 PTY I . -16.67 23.71 -17.50
C43 PTY I . -15.97 22.46 -18.03
C44 PTY I . -15.37 21.61 -16.91
P1 PTY I . -17.62 41.60 -16.56
O11 PTY I . -19.09 42.27 -16.25
O12 PTY I . -17.18 40.76 -15.39
O13 PTY I . -16.60 42.69 -16.79
O14 PTY I . -17.71 40.65 -17.90
N1 PTY I . -22.08 42.03 -14.22
C1 NAG J . -6.81 51.69 19.64
C2 NAG J . -7.78 52.86 19.49
C3 NAG J . -7.44 53.68 18.23
C4 NAG J . -5.97 54.08 18.25
C5 NAG J . -5.09 52.85 18.42
C6 NAG J . -3.61 53.17 18.54
C7 NAG J . -9.89 52.18 20.53
C8 NAG J . -11.29 51.71 20.29
N2 NAG J . -9.16 52.41 19.43
O3 NAG J . -8.25 54.83 18.18
O4 NAG J . -5.63 54.73 17.04
O5 NAG J . -5.46 52.16 19.63
O6 NAG J . -2.82 52.19 17.91
O7 NAG J . -9.44 52.33 21.66
C1 PTY K . 13.17 43.35 -8.78
C2 PTY K . 10.69 48.41 -6.09
C3 PTY K . 11.31 47.02 -5.99
O4 PTY K . 12.46 42.15 -8.65
C5 PTY K . 14.98 44.03 -7.20
C6 PTY K . 14.62 43.11 -8.36
O7 PTY K . 15.48 43.34 -9.44
C8 PTY K . 15.28 42.50 -10.53
O10 PTY K . 14.96 42.94 -11.58
C11 PTY K . 15.47 40.99 -10.39
C12 PTY K . 14.75 40.21 -11.48
C13 PTY K . 13.78 39.16 -10.92
C14 PTY K . 14.51 37.94 -10.37
C15 PTY K . 14.88 36.94 -11.48
C16 PTY K . 14.27 35.56 -11.25
C17 PTY K . 14.88 34.51 -12.16
C18 PTY K . 14.12 33.19 -12.11
C19 PTY K . 14.98 32.00 -12.56
C20 PTY K . 14.16 30.75 -12.84
C21 PTY K . 14.53 30.09 -14.16
C30 PTY K . 11.10 42.32 -8.37
C31 PTY K . 10.29 41.15 -7.79
O30 PTY K . 10.57 43.36 -8.57
C32 PTY K . 10.12 40.01 -8.79
C33 PTY K . 9.08 38.99 -8.33
C34 PTY K . 9.04 37.75 -9.22
C35 PTY K . 10.36 37.00 -9.21
C36 PTY K . 10.33 35.74 -8.36
C37 PTY K . 9.51 34.62 -9.02
C38 PTY K . 10.38 33.65 -9.82
C39 PTY K . 9.73 32.29 -9.99
C40 PTY K . 9.94 31.72 -11.39
C41 PTY K . 9.31 30.34 -11.56
C42 PTY K . 8.85 30.09 -12.99
C43 PTY K . 9.24 28.70 -13.49
C44 PTY K . 8.60 27.59 -12.68
P1 PTY K . 13.64 45.83 -5.86
O11 PTY K . 12.69 47.14 -6.17
O12 PTY K . 12.85 44.80 -5.08
O13 PTY K . 14.83 46.27 -5.04
O14 PTY K . 14.16 45.17 -7.27
N1 PTY K . 9.28 48.32 -6.44
C1 NAG L . -0.26 46.55 30.63
C2 NAG L . -0.40 48.07 30.43
C3 NAG L . 0.95 48.66 30.03
C4 NAG L . 2.04 48.26 31.01
C5 NAG L . 2.08 46.74 31.15
C6 NAG L . 3.07 46.26 32.17
C7 NAG L . -2.71 48.48 29.75
C8 NAG L . -3.63 48.82 28.62
N2 NAG L . -1.41 48.38 29.46
O3 NAG L . 0.84 50.08 29.98
O4 NAG L . 3.30 48.73 30.56
O5 NAG L . 0.79 46.26 31.56
O6 NAG L . 3.70 45.05 31.78
O7 NAG L . -3.13 48.31 30.90
C1 PTY M . 29.23 30.89 17.73
C2 PTY M . 27.52 36.35 20.26
C3 PTY M . 27.39 34.82 20.14
O4 PTY M . 28.27 30.22 16.96
C5 PTY M . 29.58 30.46 20.17
C6 PTY M . 29.80 29.91 18.76
O7 PTY M . 31.18 29.74 18.54
C8 PTY M . 31.49 29.18 17.30
O10 PTY M . 32.16 29.79 16.53
C11 PTY M . 31.00 27.77 16.94
C12 PTY M . 31.01 27.53 15.43
C13 PTY M . 29.64 27.10 14.90
C14 PTY M . 29.33 25.65 15.23
C15 PTY M . 29.97 24.68 14.25
C16 PTY M . 28.95 23.80 13.55
C17 PTY M . 29.60 22.63 12.81
C18 PTY M . 28.61 21.88 11.91
C19 PTY M . 29.08 20.46 11.62
C20 PTY M . 28.30 19.82 10.47
C21 PTY M . 29.22 19.13 9.46
C30 PTY M . 27.25 31.03 16.47
C31 PTY M . 25.94 30.42 15.99
O30 PTY M . 27.40 32.21 16.43
C32 PTY M . 26.11 29.58 14.73
C33 PTY M . 24.76 29.22 14.09
C34 PTY M . 24.92 28.23 12.94
C35 PTY M . 25.53 26.90 13.40
C36 PTY M . 24.49 25.79 13.51
C37 PTY M . 24.02 25.29 12.15
C38 PTY M . 24.80 24.07 11.69
C39 PTY M . 24.02 23.24 10.65
C40 PTY M . 24.92 22.73 9.53
C41 PTY M . 24.15 21.88 8.52
C42 PTY M . 24.72 21.97 7.12
C43 PTY M . 24.85 20.61 6.44
C44 PTY M . 23.50 19.93 6.26
P1 PTY M . 28.41 32.61 21.10
O11 PTY M . 28.45 34.23 20.83
O12 PTY M . 27.01 32.09 20.83
O13 PTY M . 28.78 32.32 22.53
O14 PTY M . 29.47 31.85 20.10
N1 PTY M . 26.81 37.01 19.18
C1 PTY N . 17.59 10.49 41.27
C2 PTY N . 16.60 15.87 44.29
C3 PTY N . 16.08 14.65 43.54
O4 PTY N . 17.25 10.45 39.92
C5 PTY N . 16.03 9.78 43.09
C6 PTY N . 16.94 9.29 41.96
O7 PTY N . 17.93 8.46 42.50
C8 PTY N . 18.79 7.89 41.56
O10 PTY N . 19.94 8.13 41.60
C11 PTY N . 18.23 6.97 40.48
C12 PTY N . 19.18 6.85 39.28
C13 PTY N . 18.50 7.21 37.96
C14 PTY N . 17.57 6.10 37.46
C15 PTY N . 18.34 5.00 36.73
C16 PTY N . 17.84 4.81 35.30
C17 PTY N . 18.37 3.52 34.67
C18 PTY N . 18.09 3.45 33.18
C19 PTY N . 18.10 2.01 32.66
C20 PTY N . 18.16 1.93 31.14
C21 PTY N . 19.21 0.93 30.64
C30 PTY N . 17.20 11.70 39.30
C31 PTY N . 16.44 11.87 37.97
O30 PTY N . 17.72 12.64 39.80
C32 PTY N . 17.13 11.15 36.82
C33 PTY N . 16.57 11.56 35.46
C34 PTY N . 17.11 10.71 34.32
C35 PTY N . 16.75 9.24 34.48
C36 PTY N . 15.62 8.80 33.55
C37 PTY N . 16.07 8.70 32.10
C38 PTY N . 16.48 7.27 31.72
C39 PTY N . 16.39 7.03 30.21
C40 PTY N . 17.55 6.21 29.68
C41 PTY N . 17.45 5.94 28.18
C42 PTY N . 18.81 5.82 27.52
C43 PTY N . 18.89 4.63 26.57
C44 PTY N . 17.90 4.76 25.41
P1 PTY N . 15.35 12.16 43.95
O11 PTY N . 16.11 13.55 44.40
O12 PTY N . 14.44 12.44 42.76
O13 PTY N . 14.53 11.64 45.10
O14 PTY N . 16.47 11.04 43.51
N1 PTY N . 17.08 16.87 43.35
C1 NAG O . -5.09 38.05 40.27
C2 NAG O . -4.54 39.43 40.64
C3 NAG O . -3.18 39.28 41.32
C4 NAG O . -3.27 38.32 42.50
C5 NAG O . -3.85 36.99 42.02
C6 NAG O . -4.06 36.01 43.16
C7 NAG O . -5.46 41.01 39.01
C8 NAG O . -5.18 41.84 37.79
N2 NAG O . -4.44 40.29 39.47
O3 NAG O . -2.74 40.57 41.77
O4 NAG O . -1.98 38.11 43.04
O5 NAG O . -5.14 37.21 41.42
O6 NAG O . -3.79 34.68 42.75
O7 NAG O . -6.56 41.01 39.55
C1 PTY P . -12.87 -2.67 44.17
C2 PTY P . -13.73 2.24 47.91
C3 PTY P . -13.98 1.51 46.60
O4 PTY P . -12.18 -2.45 42.97
C5 PTY P . -15.36 -2.61 44.35
C6 PTY P . -14.17 -3.42 43.85
O7 PTY P . -14.17 -4.67 44.47
C8 PTY P . -13.16 -5.53 44.04
O10 PTY P . -12.35 -5.93 44.81
C11 PTY P . -13.10 -5.97 42.58
C12 PTY P . -11.72 -6.48 42.19
C13 PTY P . -11.15 -5.73 40.98
C14 PTY P . -11.79 -6.18 39.67
C15 PTY P . -11.17 -7.47 39.13
C16 PTY P . -10.59 -7.28 37.73
C17 PTY P . -10.25 -8.61 37.06
C18 PTY P . -9.45 -8.44 35.77
C19 PTY P . -9.58 -9.65 34.85
C20 PTY P . -8.55 -9.64 33.73
C21 PTY P . -7.86 -11.00 33.56
C30 PTY P . -11.39 -1.30 42.97
C31 PTY P . -10.92 -0.69 41.65
O30 PTY P . -11.07 -0.80 44.00
C32 PTY P . -9.93 -1.59 40.90
C33 PTY P . -9.25 -0.85 39.75
C34 PTY P . -8.40 -1.80 38.88
C35 PTY P . -9.25 -2.89 38.23
C36 PTY P . -9.52 -2.62 36.75
C37 PTY P . -8.28 -2.84 35.89
C38 PTY P . -8.23 -4.24 35.29
C39 PTY P . -7.36 -4.31 34.04
C40 PTY P . -6.51 -5.58 33.99
C41 PTY P . -5.66 -5.65 32.72
C42 PTY P . -4.35 -6.41 32.94
C43 PTY P . -4.06 -7.41 31.83
C44 PTY P . -3.88 -6.73 30.48
P1 PTY P . -15.58 -0.28 45.53
O11 PTY P . -14.92 0.50 46.83
O12 PTY P . -15.27 0.51 44.27
O13 PTY P . -17.07 -0.38 45.71
O14 PTY P . -14.93 -1.79 45.40
N1 PTY P . -12.44 2.91 47.89
C1 NAG Q . -17.76 32.68 41.46
C2 NAG Q . -17.18 33.55 42.58
C3 NAG Q . -16.79 32.70 43.78
C4 NAG Q . -17.97 31.84 44.22
C5 NAG Q . -18.49 31.02 43.05
C6 NAG Q . -19.72 30.21 43.38
C7 NAG Q . -16.15 35.49 41.48
C8 NAG Q . -14.86 36.14 41.06
N2 NAG Q . -16.03 34.31 42.11
O3 NAG Q . -16.38 33.54 44.85
O4 NAG Q . -17.57 30.96 45.28
O5 NAG Q . -18.85 31.90 41.97
O6 NAG Q . -19.71 28.96 42.71
O7 NAG Q . -17.24 36.00 41.26
C1 PTY R . -39.20 1.42 24.20
C2 PTY R . -40.64 5.84 28.38
C3 PTY R . -40.15 5.43 27.00
O4 PTY R . -37.86 1.34 23.80
C5 PTY R . -40.93 2.74 22.98
C6 PTY R . -40.09 1.47 22.96
O7 PTY R . -40.92 0.35 22.94
C8 PTY R . -40.27 -0.88 22.85
O10 PTY R . -40.38 -1.67 23.71
C11 PTY R . -39.39 -1.18 21.64
C12 PTY R . -38.38 -2.31 21.93
C13 PTY R . -36.95 -1.88 21.64
C14 PTY R . -36.63 -1.85 20.15
C15 PTY R . -36.29 -3.24 19.60
C16 PTY R . -34.90 -3.28 18.97
C17 PTY R . -34.68 -4.55 18.15
C18 PTY R . -33.23 -4.72 17.72
C19 PTY R . -33.10 -5.64 16.50
C20 PTY R . -31.67 -6.09 16.27
C21 PTY R . -31.56 -7.59 15.99
C30 PTY R . -36.95 1.91 24.68
C31 PTY R . -35.54 2.29 24.22
O30 PTY R . -37.26 2.12 25.81
C32 PTY R . -34.70 1.07 23.87
C33 PTY R . -33.22 1.42 23.68
C34 PTY R . -32.40 0.25 23.16
C35 PTY R . -32.89 -0.22 21.79
C36 PTY R . -31.97 0.24 20.66
C37 PTY R . -30.64 -0.53 20.64
C38 PTY R . -30.68 -1.71 19.68
C39 PTY R . -29.29 -2.14 19.22
C40 PTY R . -29.12 -3.65 19.16
C41 PTY R . -27.74 -4.06 18.67
C42 PTY R . -27.30 -5.39 19.28
C43 PTY R . -26.69 -6.33 18.23
C44 PTY R . -25.42 -5.75 17.60
P1 PTY R . -41.07 4.78 24.63
O11 PTY R . -41.26 5.02 26.24
O12 PTY R . -39.77 5.37 24.17
O13 PTY R . -42.21 5.43 23.88
O14 PTY R . -41.08 3.16 24.30
N1 PTY R . -39.55 5.76 29.34
C1 NAG S . -28.49 34.19 33.34
C2 NAG S . -28.56 34.58 34.83
C3 NAG S . -29.40 33.55 35.60
C4 NAG S . -30.76 33.39 34.94
C5 NAG S . -30.59 33.04 33.46
C6 NAG S . -31.90 32.95 32.72
C7 NAG S . -26.48 35.78 35.35
C8 NAG S . -25.13 35.70 36.00
N2 NAG S . -27.23 34.67 35.41
O3 NAG S . -29.56 34.00 36.94
O4 NAG S . -31.49 32.36 35.59
O5 NAG S . -29.81 34.04 32.82
O6 NAG S . -31.87 31.92 31.74
O7 NAG S . -26.87 36.80 34.78
C1 PTY T . -41.49 19.57 -3.63
C2 PTY T . -43.77 23.82 0.34
C3 PTY T . -42.66 23.31 -0.57
O4 PTY T . -40.36 18.85 -3.22
C5 PTY T . -41.35 21.67 -4.99
C6 PTY T . -41.22 20.15 -5.03
O7 PTY T . -42.13 19.62 -5.95
C8 PTY T . -42.05 18.23 -6.12
O10 PTY T . -42.99 17.55 -5.85
C11 PTY T . -40.76 17.60 -6.64
C12 PTY T . -40.68 16.12 -6.30
C13 PTY T . -39.41 15.76 -5.53
C14 PTY T . -38.18 15.73 -6.44
C15 PTY T . -38.05 14.40 -7.19
C16 PTY T . -36.73 13.69 -6.90
C17 PTY T . -36.46 12.54 -7.87
C18 PTY T . -35.28 11.68 -7.44
C19 PTY T . -34.68 10.91 -8.62
C20 PTY T . -33.72 9.81 -8.17
C21 PTY T . -33.98 8.48 -8.88
C30 PTY T . -40.18 18.82 -1.83
C31 PTY T . -38.82 18.45 -1.26
O30 PTY T . -41.08 19.08 -1.11
C32 PTY T . -38.44 17.00 -1.50
C33 PTY T . -37.23 16.56 -0.68
C34 PTY T . -36.73 15.17 -1.07
C35 PTY T . -36.27 15.11 -2.52
C36 PTY T . -34.76 15.11 -2.65
C37 PTY T . -34.14 13.78 -2.24
C38 PTY T . -33.92 12.84 -3.42
C39 PTY T . -32.84 11.80 -3.14
C40 PTY T . -33.20 10.42 -3.68
C41 PTY T . -32.10 9.38 -3.42
C42 PTY T . -32.67 7.98 -3.25
C43 PTY T . -31.88 6.93 -4.04
C44 PTY T . -30.43 6.84 -3.56
P1 PTY T . -41.88 23.38 -3.08
O11 PTY T . -43.01 23.57 -1.90
O12 PTY T . -40.51 23.26 -2.45
O13 PTY T . -41.90 24.57 -4.00
O14 PTY T . -42.20 22.01 -3.94
N1 PTY T . -43.73 23.14 1.62
C1 NAG U . -29.56 41.93 21.72
C2 NAG U . -30.48 42.20 22.90
C3 NAG U . -31.90 41.72 22.60
C4 NAG U . -32.40 42.31 21.29
C5 NAG U . -31.40 42.00 20.17
C6 NAG U . -31.78 42.64 18.85
C7 NAG U . -29.07 42.14 24.91
C8 NAG U . -28.66 41.35 26.12
N2 NAG U . -29.98 41.57 24.11
O3 NAG U . -32.77 42.10 23.66
O4 NAG U . -33.67 41.77 20.96
O5 NAG U . -30.11 42.51 20.53
O6 NAG U . -31.45 41.80 17.77
O7 NAG U . -28.59 43.25 24.66
#